data_4YIZ
#
_entry.id   4YIZ
#
_cell.length_a   265.928
_cell.length_b   265.928
_cell.length_c   94.160
_cell.angle_alpha   90.00
_cell.angle_beta   90.00
_cell.angle_gamma   120.00
#
_symmetry.space_group_name_H-M   'P 32 2 1'
#
loop_
_entity.id
_entity.type
_entity.pdbx_description
1 polymer 'Apical membrane antigen AMA1'
2 polymer 'Rhoptry neck protein 2, putative'
3 non-polymer 2-acetamido-2-deoxy-beta-D-glucopyranose
4 non-polymer 2-acetamido-2-deoxy-alpha-D-galactopyranose
5 non-polymer 'SULFATE ION'
6 water water
#
loop_
_entity_poly.entity_id
_entity_poly.type
_entity_poly.pdbx_seq_one_letter_code
_entity_poly.pdbx_strand_id
1 'polypeptide(L)'
;GSAMGSASTSGNPFQANVEMKTFMERFNLTHHHQSGIYVDLGQDKEVDGTLYREPAGLCPIWGKHIELQQPDRPPYRNNF
LEDVPTEKEYKQSGNPLPGGFNLNFVTPSGQRISPFPMELLEKNSNIKASTDLGRCAEFAFKTVAMDKNNKATKYRYPFV
YDSKKRLCHILYVSMQLMEGKKYCSVKGEPPDLTWYCFKPRKSVTENHHLIYGSAYVGENPDAFISKCPNQALRGYRFGV
WKKGRCLDYTELTDTVIERVESKAQCWVKTFENDGVASDQPGSGSGSGDQPHSGGVGRNYGFYYVDTTGEGKCALSDQVP
DCLVSDSAAVSYTAAGSLSEETPNFIIPSNPSVTPPTPETALQCTADKFPDSFGACDVQACKRQKTSCVGGQIQSTSVDC
TADEQNECGSNTAAALVPR
;
A,C,E
2 'polypeptide(L)' GSASDITQHLNDSGLGPAVECLENLVVGPVCPAAVVAPAV B,D,F
#
loop_
_chem_comp.id
_chem_comp.type
_chem_comp.name
_chem_comp.formula
A2G D-saccharide, alpha linking 2-acetamido-2-deoxy-alpha-D-galactopyranose 'C8 H15 N O6'
NAG D-saccharide, beta linking 2-acetamido-2-deoxy-beta-D-glucopyranose 'C8 H15 N O6'
SO4 non-polymer 'SULFATE ION' 'O4 S -2'
#
# COMPACT_ATOMS: atom_id res chain seq x y z
N SER A 10 -25.70 -1.33 -8.22
CA SER A 10 -24.75 -1.73 -9.25
C SER A 10 -24.51 -0.59 -10.24
N GLY A 11 -23.75 -0.89 -11.29
CA GLY A 11 -23.32 0.12 -12.24
C GLY A 11 -21.96 0.66 -11.85
N ASN A 12 -21.18 -0.16 -11.15
CA ASN A 12 -19.84 0.21 -10.74
C ASN A 12 -18.94 0.43 -11.95
N PRO A 13 -18.53 1.69 -12.19
CA PRO A 13 -17.71 1.94 -13.39
C PRO A 13 -16.34 1.26 -13.34
N PHE A 14 -15.93 0.82 -12.15
CA PHE A 14 -14.63 0.16 -11.99
C PHE A 14 -14.75 -1.36 -12.14
N GLN A 15 -15.92 -1.81 -12.61
CA GLN A 15 -16.14 -3.20 -12.98
C GLN A 15 -16.88 -3.26 -14.32
N ALA A 16 -16.90 -2.14 -15.03
CA ALA A 16 -17.72 -1.98 -16.22
C ALA A 16 -17.26 -2.86 -17.39
N ASN A 17 -15.96 -3.18 -17.44
CA ASN A 17 -15.43 -3.99 -18.53
C ASN A 17 -14.23 -4.84 -18.10
N VAL A 18 -13.74 -5.66 -19.02
CA VAL A 18 -12.67 -6.62 -18.72
C VAL A 18 -11.37 -5.91 -18.32
N GLU A 19 -10.96 -4.92 -19.09
CA GLU A 19 -9.75 -4.16 -18.83
C GLU A 19 -9.79 -3.54 -17.43
N MET A 20 -10.92 -2.91 -17.12
CA MET A 20 -11.11 -2.24 -15.85
C MET A 20 -11.05 -3.22 -14.68
N LYS A 21 -11.75 -4.34 -14.83
CA LYS A 21 -11.72 -5.40 -13.83
C LYS A 21 -10.30 -5.90 -13.63
N THR A 22 -9.61 -6.16 -14.74
CA THR A 22 -8.23 -6.58 -14.72
C THR A 22 -7.38 -5.59 -13.96
N PHE A 23 -7.59 -4.30 -14.23
CA PHE A 23 -6.86 -3.27 -13.50
C PHE A 23 -7.20 -3.28 -12.01
N MET A 24 -8.48 -3.39 -11.66
CA MET A 24 -8.86 -3.35 -10.25
C MET A 24 -8.48 -4.63 -9.50
N GLU A 25 -8.34 -5.74 -10.22
CA GLU A 25 -8.01 -7.00 -9.57
C GLU A 25 -6.59 -7.08 -9.01
N ARG A 26 -5.71 -6.21 -9.49
CA ARG A 26 -4.35 -6.18 -9.04
C ARG A 26 -4.25 -5.79 -7.56
N PHE A 27 -5.32 -5.23 -7.02
CA PHE A 27 -5.34 -4.76 -5.64
C PHE A 27 -5.85 -5.83 -4.68
N ASN A 28 -6.31 -6.96 -5.21
CA ASN A 28 -6.77 -8.05 -4.35
C ASN A 28 -5.59 -8.96 -3.98
N LEU A 29 -5.00 -8.71 -2.81
CA LEU A 29 -3.84 -9.45 -2.37
C LEU A 29 -4.22 -10.86 -1.90
N THR A 30 -5.48 -11.06 -1.55
CA THR A 30 -5.96 -12.37 -1.17
C THR A 30 -5.92 -13.30 -2.38
N HIS A 31 -6.25 -12.75 -3.55
CA HIS A 31 -6.34 -13.54 -4.77
C HIS A 31 -4.96 -13.82 -5.38
N HIS A 32 -4.13 -12.79 -5.46
CA HIS A 32 -2.88 -12.89 -6.21
C HIS A 32 -1.67 -13.22 -5.34
N HIS A 33 -1.56 -12.59 -4.17
CA HIS A 33 -0.43 -12.84 -3.27
C HIS A 33 -0.64 -14.13 -2.48
N GLN A 34 -1.81 -14.26 -1.85
CA GLN A 34 -2.26 -15.51 -1.24
C GLN A 34 -1.46 -15.98 -0.03
N SER A 35 -0.76 -15.08 0.63
CA SER A 35 0.00 -15.45 1.81
C SER A 35 0.20 -14.25 2.73
N GLY A 36 0.87 -14.48 3.85
CA GLY A 36 1.19 -13.39 4.75
C GLY A 36 2.06 -12.35 4.04
N ILE A 37 2.01 -11.12 4.54
CA ILE A 37 2.76 -10.02 3.94
C ILE A 37 3.80 -9.50 4.94
N TYR A 38 3.34 -9.16 6.13
CA TYR A 38 4.24 -8.74 7.20
C TYR A 38 5.20 -9.89 7.50
N VAL A 39 4.63 -11.04 7.84
CA VAL A 39 5.39 -12.28 7.92
C VAL A 39 4.76 -13.29 6.95
N ASP A 40 5.58 -13.80 6.03
CA ASP A 40 5.13 -14.75 5.03
C ASP A 40 5.68 -16.14 5.32
N LEU A 41 4.81 -17.04 5.76
CA LEU A 41 5.15 -18.43 6.02
C LEU A 41 3.98 -19.31 5.60
N GLY A 42 3.54 -19.13 4.34
CA GLY A 42 2.30 -19.70 3.88
C GLY A 42 2.31 -21.18 3.55
N GLN A 43 3.50 -21.75 3.33
CA GLN A 43 3.60 -23.14 2.93
C GLN A 43 4.36 -24.00 3.93
N ASP A 44 4.20 -25.31 3.80
CA ASP A 44 4.91 -26.29 4.61
C ASP A 44 5.59 -27.30 3.70
N LYS A 45 6.86 -27.57 3.95
CA LYS A 45 7.62 -28.51 3.13
C LYS A 45 8.40 -29.50 3.97
N GLU A 46 8.50 -30.73 3.46
CA GLU A 46 9.19 -31.80 4.17
C GLU A 46 10.64 -31.92 3.71
N VAL A 47 11.55 -31.87 4.67
CA VAL A 47 12.96 -32.11 4.42
C VAL A 47 13.45 -33.12 5.45
N ASP A 48 14.05 -34.21 4.96
CA ASP A 48 14.60 -35.25 5.82
C ASP A 48 13.59 -35.71 6.88
N GLY A 49 12.36 -35.91 6.45
CA GLY A 49 11.32 -36.42 7.32
C GLY A 49 10.65 -35.36 8.20
N THR A 50 11.20 -34.16 8.23
CA THR A 50 10.68 -33.09 9.05
C THR A 50 9.98 -31.97 8.27
N LEU A 51 8.92 -31.42 8.84
CA LEU A 51 8.17 -30.34 8.20
C LEU A 51 8.70 -28.97 8.57
N TYR A 52 8.84 -28.11 7.59
CA TYR A 52 9.32 -26.77 7.84
C TYR A 52 8.43 -25.74 7.16
N ARG A 53 8.34 -24.57 7.76
CA ARG A 53 7.52 -23.51 7.19
C ARG A 53 8.28 -22.79 6.08
N GLU A 54 7.56 -22.36 5.06
CA GLU A 54 8.16 -21.78 3.87
C GLU A 54 7.36 -20.57 3.37
N PRO A 55 8.05 -19.43 3.14
CA PRO A 55 7.38 -18.30 2.49
C PRO A 55 6.84 -18.70 1.12
N ALA A 56 5.66 -18.17 0.75
CA ALA A 56 4.94 -18.67 -0.42
C ALA A 56 4.25 -17.58 -1.22
N GLY A 57 4.32 -16.34 -0.74
CA GLY A 57 3.67 -15.22 -1.40
C GLY A 57 4.10 -15.03 -2.85
N LEU A 58 3.15 -14.69 -3.70
CA LEU A 58 3.38 -14.56 -5.14
C LEU A 58 3.72 -13.13 -5.58
N CYS A 59 3.55 -12.17 -4.68
CA CYS A 59 3.84 -10.77 -5.00
C CYS A 59 5.11 -10.31 -4.29
N PRO A 60 5.93 -9.50 -4.98
CA PRO A 60 7.07 -8.89 -4.29
C PRO A 60 6.62 -7.83 -3.31
N ILE A 61 7.33 -7.70 -2.18
CA ILE A 61 7.00 -6.70 -1.17
C ILE A 61 8.02 -5.56 -1.21
N TRP A 62 7.58 -4.41 -1.69
CA TRP A 62 8.46 -3.29 -1.95
C TRP A 62 8.83 -2.55 -0.68
N GLY A 63 10.13 -2.45 -0.42
CA GLY A 63 10.65 -1.70 0.72
C GLY A 63 10.78 -2.51 1.99
N LYS A 64 10.30 -3.74 1.98
CA LYS A 64 10.36 -4.59 3.17
C LYS A 64 11.78 -5.02 3.46
N HIS A 65 12.22 -4.81 4.69
CA HIS A 65 13.50 -5.36 5.14
C HIS A 65 13.37 -5.86 6.57
N ILE A 66 14.31 -6.70 7.00
CA ILE A 66 14.31 -7.20 8.36
C ILE A 66 15.27 -6.39 9.22
N GLU A 67 14.72 -5.61 10.15
CA GLU A 67 15.53 -4.84 11.07
C GLU A 67 16.01 -5.78 12.18
N LEU A 68 17.32 -5.75 12.44
CA LEU A 68 17.94 -6.56 13.48
C LEU A 68 18.26 -5.72 14.70
N GLN A 69 18.43 -6.38 15.84
CA GLN A 69 18.77 -5.69 17.09
C GLN A 69 20.00 -6.31 17.75
N GLN A 70 21.09 -6.36 16.99
CA GLN A 70 22.38 -6.80 17.51
C GLN A 70 23.03 -5.66 18.29
N PRO A 71 24.06 -5.97 19.10
CA PRO A 71 24.82 -4.90 19.77
C PRO A 71 25.44 -3.93 18.76
N ASP A 72 25.67 -2.69 19.19
CA ASP A 72 26.28 -1.68 18.32
C ASP A 72 27.79 -1.64 18.51
N ARG A 73 28.42 -2.80 18.36
CA ARG A 73 29.87 -2.92 18.45
C ARG A 73 30.35 -3.90 17.39
N PRO A 74 31.61 -3.74 16.94
CA PRO A 74 32.17 -4.79 16.08
C PRO A 74 32.10 -6.16 16.76
N PRO A 75 31.87 -7.23 16.00
CA PRO A 75 31.74 -7.32 14.54
C PRO A 75 30.30 -7.19 14.04
N TYR A 76 29.38 -6.76 14.89
CA TYR A 76 27.97 -6.67 14.52
C TYR A 76 27.71 -5.48 13.59
N ARG A 77 26.94 -5.72 12.53
CA ARG A 77 26.66 -4.70 11.52
C ARG A 77 25.19 -4.31 11.49
N ASN A 78 24.34 -5.10 12.14
CA ASN A 78 22.89 -4.88 12.11
C ASN A 78 22.37 -4.70 10.68
N ASN A 79 22.63 -5.71 9.85
CA ASN A 79 22.25 -5.68 8.44
C ASN A 79 21.93 -7.10 7.99
N PHE A 80 20.66 -7.37 7.70
CA PHE A 80 20.24 -8.74 7.43
C PHE A 80 20.78 -9.26 6.10
N LEU A 81 21.36 -8.40 5.29
CA LEU A 81 21.94 -8.83 4.02
C LEU A 81 23.39 -9.29 4.19
N GLU A 82 23.95 -9.13 5.39
CA GLU A 82 25.26 -9.72 5.70
C GLU A 82 25.16 -11.23 5.67
N ASP A 83 26.26 -11.89 5.34
CA ASP A 83 26.31 -13.36 5.34
C ASP A 83 25.90 -13.93 6.68
N VAL A 84 25.29 -15.11 6.66
CA VAL A 84 25.07 -15.87 7.88
C VAL A 84 26.43 -16.23 8.47
N PRO A 85 26.53 -16.27 9.81
CA PRO A 85 27.83 -16.50 10.45
C PRO A 85 28.29 -17.95 10.37
N THR A 86 29.62 -18.14 10.28
CA THR A 86 30.21 -19.46 10.46
C THR A 86 30.27 -19.76 11.95
N GLU A 87 30.45 -21.03 12.30
CA GLU A 87 30.56 -21.41 13.70
C GLU A 87 31.77 -20.72 14.34
N LYS A 88 32.83 -20.57 13.56
CA LYS A 88 34.05 -19.91 14.01
C LYS A 88 33.80 -18.44 14.36
N GLU A 89 33.09 -17.75 13.48
CA GLU A 89 32.75 -16.34 13.70
C GLU A 89 31.86 -16.18 14.92
N TYR A 90 30.91 -17.11 15.07
CA TYR A 90 30.01 -17.13 16.21
C TYR A 90 30.81 -17.31 17.50
N LYS A 91 31.71 -18.29 17.50
CA LYS A 91 32.59 -18.50 18.63
C LYS A 91 33.42 -17.25 18.91
N GLN A 92 33.92 -16.62 17.85
CA GLN A 92 34.72 -15.41 18.00
C GLN A 92 33.94 -14.23 18.58
N SER A 93 32.70 -14.03 18.13
CA SER A 93 31.91 -12.91 18.61
C SER A 93 31.34 -13.16 20.00
N GLY A 94 30.92 -14.40 20.26
CA GLY A 94 30.11 -14.68 21.43
C GLY A 94 28.67 -14.30 21.15
N ASN A 95 27.79 -14.51 22.12
CA ASN A 95 26.37 -14.21 21.93
C ASN A 95 26.11 -12.72 21.75
N PRO A 96 25.12 -12.35 20.90
CA PRO A 96 24.32 -13.23 20.05
C PRO A 96 24.99 -13.51 18.71
N LEU A 97 24.34 -14.32 17.88
CA LEU A 97 24.81 -14.59 16.52
C LEU A 97 25.19 -13.30 15.78
N PRO A 98 26.38 -13.26 15.17
CA PRO A 98 26.73 -12.13 14.32
C PRO A 98 26.25 -12.36 12.89
N GLY A 99 26.61 -11.48 11.96
CA GLY A 99 26.25 -11.64 10.57
C GLY A 99 24.79 -11.32 10.32
N GLY A 100 24.24 -11.87 9.23
CA GLY A 100 22.88 -11.60 8.82
C GLY A 100 22.18 -12.85 8.30
N PHE A 101 21.31 -12.64 7.30
CA PHE A 101 20.46 -13.72 6.77
C PHE A 101 20.95 -14.25 5.44
N ASN A 102 21.96 -13.61 4.85
CA ASN A 102 22.35 -13.91 3.48
C ASN A 102 23.03 -15.27 3.32
N LEU A 103 22.60 -16.00 2.30
CA LEU A 103 23.16 -17.30 1.97
C LEU A 103 24.62 -17.17 1.54
N ASN A 104 25.51 -17.88 2.23
CA ASN A 104 26.95 -17.74 1.99
C ASN A 104 27.57 -18.93 1.25
N PHE A 105 26.73 -19.82 0.72
CA PHE A 105 27.21 -21.01 0.03
C PHE A 105 27.93 -20.64 -1.26
N VAL A 106 28.85 -21.51 -1.70
CA VAL A 106 29.63 -21.25 -2.91
C VAL A 106 29.76 -22.51 -3.77
N THR A 107 30.11 -22.31 -5.04
CA THR A 107 30.43 -23.41 -5.93
C THR A 107 31.77 -24.02 -5.52
N PRO A 108 32.09 -25.22 -6.04
CA PRO A 108 33.39 -25.85 -5.79
C PRO A 108 34.58 -24.93 -6.12
N SER A 109 34.40 -24.05 -7.09
CA SER A 109 35.46 -23.11 -7.48
C SER A 109 35.46 -21.86 -6.59
N GLY A 110 34.45 -21.72 -5.74
CA GLY A 110 34.40 -20.64 -4.77
C GLY A 110 33.53 -19.45 -5.16
N GLN A 111 32.68 -19.63 -6.16
CA GLN A 111 31.80 -18.56 -6.60
C GLN A 111 30.56 -18.48 -5.71
N ARG A 112 30.27 -17.27 -5.23
CA ARG A 112 29.06 -17.00 -4.45
C ARG A 112 27.79 -17.21 -5.25
N ILE A 113 26.77 -17.78 -4.61
CA ILE A 113 25.44 -17.80 -5.18
C ILE A 113 24.69 -16.53 -4.77
N SER A 114 25.08 -15.95 -3.64
CA SER A 114 24.43 -14.75 -3.13
C SER A 114 25.40 -13.84 -2.37
N PRO A 115 25.41 -12.54 -2.67
CA PRO A 115 24.62 -11.84 -3.70
C PRO A 115 25.04 -12.23 -5.10
N PHE A 116 24.13 -12.08 -6.06
CA PHE A 116 24.38 -12.44 -7.45
C PHE A 116 24.08 -11.25 -8.36
N PRO A 117 25.05 -10.88 -9.21
CA PRO A 117 24.88 -9.68 -10.06
C PRO A 117 23.87 -9.86 -11.18
N MET A 118 23.07 -8.83 -11.42
CA MET A 118 22.00 -8.90 -12.41
C MET A 118 22.54 -9.03 -13.84
N GLU A 119 23.76 -8.53 -14.07
CA GLU A 119 24.35 -8.58 -15.41
C GLU A 119 24.55 -10.02 -15.87
N LEU A 120 24.81 -10.92 -14.93
CA LEU A 120 25.04 -12.33 -15.23
C LEU A 120 23.73 -13.10 -15.45
N LEU A 121 22.61 -12.46 -15.11
CA LEU A 121 21.30 -13.09 -15.25
C LEU A 121 20.58 -12.65 -16.51
N GLU A 122 20.83 -11.40 -16.92
CA GLU A 122 20.03 -10.79 -17.99
C GLU A 122 20.42 -11.23 -19.40
N LYS A 123 21.43 -12.09 -19.50
CA LYS A 123 21.81 -12.68 -20.80
C LYS A 123 22.12 -14.17 -20.65
N ASN A 124 21.46 -14.81 -19.68
CA ASN A 124 21.69 -16.23 -19.39
C ASN A 124 20.59 -17.10 -19.99
N SER A 125 20.88 -18.39 -20.18
CA SER A 125 19.95 -19.32 -20.83
C SER A 125 18.84 -19.76 -19.88
N ASN A 126 19.22 -20.09 -18.66
CA ASN A 126 18.29 -20.61 -17.67
C ASN A 126 17.34 -19.56 -17.11
N ILE A 127 17.44 -18.32 -17.61
CA ILE A 127 16.66 -17.21 -17.08
C ILE A 127 15.84 -16.55 -18.19
N LYS A 128 14.52 -16.68 -18.09
CA LYS A 128 13.62 -16.23 -19.16
C LYS A 128 12.73 -15.04 -18.76
N ALA A 129 12.84 -14.59 -17.52
CA ALA A 129 12.04 -13.46 -17.06
C ALA A 129 12.34 -12.19 -17.86
N SER A 130 11.32 -11.35 -18.03
CA SER A 130 11.44 -10.15 -18.87
C SER A 130 11.93 -8.92 -18.13
N THR A 131 12.03 -9.00 -16.80
CA THR A 131 12.50 -7.88 -16.00
C THR A 131 13.53 -8.32 -14.97
N ASP A 132 14.33 -7.37 -14.48
CA ASP A 132 15.39 -7.65 -13.51
C ASP A 132 14.85 -8.27 -12.23
N LEU A 133 13.78 -7.69 -11.69
CA LEU A 133 13.14 -8.22 -10.49
C LEU A 133 12.66 -9.65 -10.74
N GLY A 134 12.03 -9.84 -11.89
CA GLY A 134 11.59 -11.16 -12.31
C GLY A 134 12.75 -12.13 -12.44
N ARG A 135 13.88 -11.62 -12.91
CA ARG A 135 15.08 -12.46 -13.07
C ARG A 135 15.62 -12.87 -11.72
N CYS A 136 15.67 -11.93 -10.77
CA CYS A 136 16.06 -12.27 -9.40
C CYS A 136 15.11 -13.31 -8.80
N ALA A 137 13.80 -13.06 -8.93
CA ALA A 137 12.80 -14.00 -8.43
C ALA A 137 12.97 -15.38 -9.04
N GLU A 138 13.18 -15.42 -10.35
CA GLU A 138 13.36 -16.67 -11.07
C GLU A 138 14.62 -17.37 -10.57
N PHE A 139 15.69 -16.60 -10.39
CA PHE A 139 16.92 -17.13 -9.82
C PHE A 139 16.63 -17.79 -8.48
N ALA A 140 15.86 -17.12 -7.64
CA ALA A 140 15.46 -17.70 -6.36
C ALA A 140 14.61 -18.96 -6.51
N PHE A 141 13.64 -18.94 -7.44
CA PHE A 141 12.76 -20.08 -7.62
C PHE A 141 13.54 -21.31 -8.10
N LYS A 142 14.60 -21.09 -8.84
CA LYS A 142 15.40 -22.18 -9.39
C LYS A 142 16.52 -22.59 -8.44
N THR A 143 16.31 -22.33 -7.15
CA THR A 143 17.23 -22.73 -6.09
C THR A 143 16.46 -23.55 -5.07
N VAL A 144 16.90 -24.79 -4.83
CA VAL A 144 16.23 -25.68 -3.88
C VAL A 144 17.23 -26.35 -2.93
N ALA A 145 16.73 -26.69 -1.75
CA ALA A 145 17.53 -27.40 -0.77
C ALA A 145 17.71 -28.86 -1.16
N MET A 146 18.91 -29.38 -0.95
CA MET A 146 19.18 -30.81 -1.10
C MET A 146 19.06 -31.49 0.26
N ASP A 147 18.55 -32.71 0.29
CA ASP A 147 18.39 -33.44 1.54
C ASP A 147 19.64 -34.28 1.86
N LYS A 148 19.53 -35.15 2.86
CA LYS A 148 20.66 -35.96 3.30
C LYS A 148 21.15 -36.92 2.22
N ASN A 149 20.22 -37.50 1.47
CA ASN A 149 20.58 -38.40 0.37
C ASN A 149 20.96 -37.63 -0.89
N ASN A 150 21.13 -36.32 -0.74
CA ASN A 150 21.54 -35.46 -1.85
C ASN A 150 20.49 -35.42 -2.96
N LYS A 151 19.23 -35.61 -2.57
CA LYS A 151 18.11 -35.49 -3.50
C LYS A 151 17.50 -34.10 -3.39
N ALA A 152 17.01 -33.57 -4.50
CA ALA A 152 16.39 -32.25 -4.51
C ALA A 152 15.04 -32.27 -3.80
N THR A 153 14.87 -31.30 -2.90
CA THR A 153 13.58 -31.12 -2.23
C THR A 153 12.78 -30.06 -2.99
N LYS A 154 11.66 -29.64 -2.40
CA LYS A 154 10.87 -28.56 -2.95
C LYS A 154 10.84 -27.39 -1.96
N TYR A 155 11.83 -27.38 -1.07
CA TYR A 155 11.98 -26.28 -0.12
C TYR A 155 12.83 -25.18 -0.75
N ARG A 156 12.26 -23.98 -0.81
CA ARG A 156 12.92 -22.85 -1.45
C ARG A 156 13.07 -21.68 -0.48
N TYR A 157 14.04 -20.84 -0.77
CA TYR A 157 14.40 -19.74 0.13
C TYR A 157 13.90 -18.41 -0.43
N PRO A 158 13.53 -17.48 0.46
CA PRO A 158 13.10 -16.15 -0.01
C PRO A 158 14.27 -15.33 -0.55
N PHE A 159 13.96 -14.27 -1.26
CA PHE A 159 14.98 -13.43 -1.86
C PHE A 159 14.76 -11.96 -1.52
N VAL A 160 15.83 -11.19 -1.67
CA VAL A 160 15.76 -9.73 -1.61
C VAL A 160 16.47 -9.17 -2.83
N TYR A 161 15.76 -8.40 -3.64
CA TYR A 161 16.41 -7.71 -4.75
C TYR A 161 16.79 -6.29 -4.33
N ASP A 162 18.08 -6.00 -4.46
CA ASP A 162 18.61 -4.65 -4.28
C ASP A 162 18.72 -4.02 -5.67
N SER A 163 17.78 -3.12 -5.97
CA SER A 163 17.65 -2.54 -7.30
C SER A 163 18.60 -1.37 -7.54
N LYS A 164 19.15 -0.82 -6.46
CA LYS A 164 20.13 0.25 -6.60
C LYS A 164 21.48 -0.34 -6.98
N LYS A 165 21.86 -1.40 -6.27
CA LYS A 165 23.12 -2.09 -6.53
C LYS A 165 22.96 -3.14 -7.61
N ARG A 166 21.71 -3.42 -7.98
CA ARG A 166 21.39 -4.44 -8.97
C ARG A 166 21.96 -5.79 -8.51
N LEU A 167 21.65 -6.15 -7.28
CA LEU A 167 22.13 -7.40 -6.69
C LEU A 167 20.98 -8.22 -6.14
N CYS A 168 20.97 -9.50 -6.51
CA CYS A 168 19.97 -10.44 -6.05
C CYS A 168 20.48 -11.25 -4.86
N HIS A 169 19.77 -11.16 -3.74
CA HIS A 169 20.12 -11.90 -2.53
C HIS A 169 19.16 -13.07 -2.29
N ILE A 170 19.73 -14.23 -2.01
CA ILE A 170 18.97 -15.37 -1.49
C ILE A 170 19.21 -15.43 0.02
N LEU A 171 18.13 -15.47 0.80
CA LEU A 171 18.26 -15.51 2.26
C LEU A 171 18.23 -16.94 2.79
N TYR A 172 19.27 -17.34 3.51
CA TYR A 172 19.32 -18.65 4.13
C TYR A 172 18.31 -18.71 5.27
N VAL A 173 18.09 -17.59 5.93
CA VAL A 173 17.12 -17.49 7.01
C VAL A 173 15.75 -17.05 6.50
N SER A 174 14.75 -17.88 6.73
CA SER A 174 13.39 -17.61 6.28
C SER A 174 12.55 -16.98 7.38
N MET A 175 13.08 -16.94 8.60
CA MET A 175 12.39 -16.27 9.69
C MET A 175 12.33 -14.77 9.40
N GLN A 176 11.28 -14.12 9.89
CA GLN A 176 11.06 -12.70 9.60
C GLN A 176 10.78 -11.90 10.87
N LEU A 177 10.31 -12.58 11.92
CA LEU A 177 10.04 -11.91 13.18
C LEU A 177 10.43 -12.79 14.37
N MET A 178 11.16 -12.19 15.31
CA MET A 178 11.43 -12.83 16.58
C MET A 178 11.50 -11.77 17.68
N GLU A 179 10.72 -11.97 18.73
CA GLU A 179 10.58 -10.99 19.80
C GLU A 179 10.37 -11.67 21.16
N GLY A 180 10.62 -10.93 22.23
CA GLY A 180 10.43 -11.44 23.58
C GLY A 180 11.74 -11.88 24.21
N LYS A 181 12.00 -11.38 25.42
CA LYS A 181 13.23 -11.69 26.15
C LYS A 181 13.39 -13.19 26.38
N LYS A 182 12.29 -13.93 26.22
CA LYS A 182 12.31 -15.37 26.38
C LYS A 182 13.02 -16.06 25.21
N TYR A 183 13.10 -15.36 24.07
CA TYR A 183 13.55 -15.96 22.83
C TYR A 183 14.79 -15.29 22.24
N CYS A 184 14.96 -13.99 22.49
CA CYS A 184 16.03 -13.24 21.85
C CYS A 184 16.41 -11.99 22.63
N SER A 185 17.58 -11.45 22.30
CA SER A 185 18.13 -10.29 23.00
C SER A 185 18.03 -9.02 22.16
N VAL A 186 18.00 -7.89 22.87
CA VAL A 186 18.00 -6.56 22.25
C VAL A 186 19.31 -5.87 22.63
N LYS A 187 20.14 -5.60 21.63
CA LYS A 187 21.46 -5.01 21.86
C LYS A 187 22.28 -5.83 22.86
N GLY A 188 22.14 -7.15 22.79
CA GLY A 188 22.96 -8.04 23.61
C GLY A 188 22.39 -8.34 24.99
N GLU A 189 21.21 -7.81 25.29
CA GLU A 189 20.54 -8.04 26.57
C GLU A 189 19.25 -8.85 26.39
N PRO A 190 19.14 -10.01 27.07
CA PRO A 190 20.11 -10.67 27.95
C PRO A 190 21.20 -11.42 27.18
N PRO A 191 22.41 -11.52 27.75
CA PRO A 191 23.56 -12.08 27.03
C PRO A 191 23.56 -13.62 26.88
N ASP A 192 22.64 -14.30 27.56
CA ASP A 192 22.61 -15.76 27.52
C ASP A 192 22.01 -16.33 26.24
N LEU A 193 21.36 -15.47 25.46
CA LEU A 193 20.57 -15.93 24.32
C LEU A 193 21.36 -15.93 23.01
N THR A 194 21.09 -16.95 22.20
CA THR A 194 21.73 -17.12 20.90
C THR A 194 21.26 -16.06 19.91
N TRP A 195 19.95 -15.85 19.85
CA TRP A 195 19.36 -15.01 18.82
C TRP A 195 19.19 -13.55 19.26
N TYR A 196 19.55 -12.66 18.35
CA TYR A 196 19.16 -11.26 18.43
C TYR A 196 17.71 -11.15 18.00
N CYS A 197 16.99 -10.15 18.49
CA CYS A 197 15.63 -9.92 18.03
C CYS A 197 15.63 -9.22 16.69
N PHE A 198 14.59 -9.43 15.90
CA PHE A 198 14.47 -8.78 14.61
C PHE A 198 13.03 -8.74 14.15
N LYS A 199 12.72 -7.79 13.26
CA LYS A 199 11.35 -7.70 12.75
C LYS A 199 11.28 -7.05 11.37
N PRO A 200 10.19 -7.31 10.63
CA PRO A 200 10.02 -6.66 9.33
C PRO A 200 9.73 -5.17 9.49
N ARG A 201 10.31 -4.36 8.63
CA ARG A 201 10.08 -2.94 8.67
C ARG A 201 10.01 -2.34 7.27
N LYS A 202 9.38 -1.18 7.20
CA LYS A 202 9.32 -0.37 6.01
C LYS A 202 9.70 0.97 6.62
N SER A 203 10.46 1.76 5.90
CA SER A 203 10.94 3.03 6.43
C SER A 203 10.54 4.20 5.54
N VAL A 204 10.29 5.34 6.16
CA VAL A 204 9.89 6.54 5.45
C VAL A 204 10.96 6.99 4.45
N THR A 205 12.22 6.73 4.78
CA THR A 205 13.36 7.19 3.98
C THR A 205 14.28 6.06 3.49
N GLU A 206 14.45 5.02 4.30
CA GLU A 206 15.48 4.01 4.06
C GLU A 206 14.99 2.75 3.37
N ASN A 207 15.87 2.17 2.55
CA ASN A 207 15.68 0.84 1.98
C ASN A 207 14.44 0.69 1.09
N HIS A 208 14.07 1.75 0.40
CA HIS A 208 12.97 1.68 -0.57
C HIS A 208 13.38 0.83 -1.77
N HIS A 209 14.68 0.71 -1.99
CA HIS A 209 15.24 0.00 -3.13
CA HIS A 209 15.20 0.00 -3.15
C HIS A 209 15.32 -1.51 -2.90
N LEU A 210 15.04 -1.95 -1.68
CA LEU A 210 15.05 -3.37 -1.36
C LEU A 210 13.67 -3.97 -1.56
N ILE A 211 13.61 -5.06 -2.33
CA ILE A 211 12.35 -5.75 -2.58
C ILE A 211 12.42 -7.19 -2.08
N TYR A 212 11.58 -7.48 -1.09
CA TYR A 212 11.54 -8.78 -0.44
C TYR A 212 10.50 -9.68 -1.10
N GLY A 213 10.84 -10.94 -1.33
CA GLY A 213 9.86 -11.87 -1.88
C GLY A 213 10.14 -13.33 -1.56
N SER A 214 9.09 -14.15 -1.58
CA SER A 214 9.28 -15.58 -1.50
C SER A 214 9.83 -16.04 -2.84
N ALA A 215 10.32 -17.28 -2.91
CA ALA A 215 10.86 -17.78 -4.17
C ALA A 215 9.76 -17.89 -5.23
N TYR A 216 8.52 -18.02 -4.79
CA TYR A 216 7.43 -18.38 -5.69
C TYR A 216 6.87 -17.23 -6.51
N VAL A 217 7.39 -16.02 -6.31
CA VAL A 217 7.06 -14.94 -7.25
C VAL A 217 7.89 -15.23 -8.49
N GLY A 218 8.88 -16.11 -8.37
CA GLY A 218 9.70 -16.51 -9.50
C GLY A 218 9.15 -17.69 -10.28
N GLU A 219 8.10 -18.33 -9.77
CA GLU A 219 7.51 -19.48 -10.44
C GLU A 219 6.95 -19.09 -11.80
N ASN A 220 6.22 -17.97 -11.82
CA ASN A 220 5.81 -17.31 -13.06
C ASN A 220 6.33 -15.87 -13.02
N PRO A 221 7.61 -15.69 -13.38
CA PRO A 221 8.34 -14.46 -13.05
C PRO A 221 7.86 -13.19 -13.76
N ASP A 222 6.91 -13.30 -14.70
CA ASP A 222 6.38 -12.14 -15.40
C ASP A 222 5.03 -11.69 -14.85
N ALA A 223 4.40 -12.56 -14.07
CA ALA A 223 3.03 -12.32 -13.60
C ALA A 223 2.88 -11.05 -12.76
N PHE A 224 3.81 -10.87 -11.81
CA PHE A 224 3.71 -9.78 -10.84
C PHE A 224 3.55 -8.42 -11.52
N ILE A 225 4.05 -8.32 -12.73
CA ILE A 225 3.97 -7.07 -13.50
C ILE A 225 2.53 -6.61 -13.68
N SER A 226 1.60 -7.56 -13.80
CA SER A 226 0.21 -7.22 -14.12
C SER A 226 -0.77 -7.63 -13.02
N LYS A 227 -0.33 -8.52 -12.13
CA LYS A 227 -1.20 -9.10 -11.13
C LYS A 227 -0.97 -8.58 -9.71
N CYS A 228 0.09 -7.80 -9.52
CA CYS A 228 0.43 -7.28 -8.20
C CYS A 228 0.39 -5.75 -8.16
N PRO A 229 0.00 -5.17 -7.01
CA PRO A 229 -0.10 -3.71 -6.89
C PRO A 229 1.25 -3.08 -6.54
N ASN A 230 2.17 -3.10 -7.49
CA ASN A 230 3.56 -2.73 -7.23
C ASN A 230 3.74 -1.28 -6.80
N GLN A 231 2.96 -0.38 -7.41
CA GLN A 231 3.10 1.05 -7.15
C GLN A 231 1.91 1.64 -6.40
N ALA A 232 2.16 2.74 -5.70
CA ALA A 232 1.09 3.50 -5.07
C ALA A 232 0.18 4.12 -6.13
N LEU A 233 -1.07 4.37 -5.75
CA LEU A 233 -2.05 4.94 -6.67
C LEU A 233 -2.35 6.39 -6.31
N ARG A 234 -1.93 7.30 -7.19
CA ARG A 234 -2.09 8.73 -6.94
C ARG A 234 -3.46 9.26 -7.36
N GLY A 235 -4.04 10.11 -6.52
CA GLY A 235 -5.24 10.84 -6.88
C GLY A 235 -6.55 10.12 -6.60
N TYR A 236 -6.48 8.98 -5.92
CA TYR A 236 -7.67 8.19 -5.61
C TYR A 236 -7.62 7.58 -4.21
N ARG A 237 -8.80 7.41 -3.63
CA ARG A 237 -8.98 6.67 -2.40
C ARG A 237 -9.59 5.31 -2.72
N PHE A 238 -9.02 4.25 -2.16
CA PHE A 238 -9.62 2.93 -2.25
C PHE A 238 -11.04 2.98 -1.70
N GLY A 239 -11.95 2.26 -2.34
CA GLY A 239 -13.31 2.18 -1.86
C GLY A 239 -14.01 0.87 -2.16
N VAL A 240 -15.13 0.64 -1.47
CA VAL A 240 -15.98 -0.51 -1.70
C VAL A 240 -17.32 -0.06 -2.27
N TRP A 241 -17.83 -0.79 -3.25
CA TRP A 241 -19.06 -0.42 -3.93
C TRP A 241 -20.26 -0.96 -3.17
N LYS A 242 -21.08 -0.07 -2.66
CA LYS A 242 -22.27 -0.45 -1.92
C LYS A 242 -23.43 0.50 -2.21
N LYS A 243 -24.63 -0.06 -2.25
CA LYS A 243 -25.86 0.67 -2.51
C LYS A 243 -25.70 1.70 -3.63
N GLY A 244 -25.16 1.24 -4.75
CA GLY A 244 -25.06 2.06 -5.94
C GLY A 244 -24.02 3.17 -5.89
N ARG A 245 -23.11 3.13 -4.91
CA ARG A 245 -22.04 4.10 -4.92
C ARG A 245 -20.76 3.59 -4.28
N CYS A 246 -19.68 4.32 -4.53
CA CYS A 246 -18.37 3.95 -4.02
C CYS A 246 -18.12 4.60 -2.66
N LEU A 247 -18.02 3.76 -1.63
CA LEU A 247 -17.67 4.22 -0.29
C LEU A 247 -16.17 4.10 -0.06
N ASP A 248 -15.49 5.22 0.06
CA ASP A 248 -14.08 5.19 0.42
C ASP A 248 -14.01 4.75 1.88
N TYR A 249 -12.85 4.23 2.28
CA TYR A 249 -12.70 3.57 3.59
C TYR A 249 -13.17 4.41 4.78
N THR A 250 -13.09 5.73 4.67
CA THR A 250 -13.44 6.58 5.80
C THR A 250 -14.94 6.52 6.11
N GLU A 251 -15.73 5.96 5.19
CA GLU A 251 -17.17 5.83 5.39
C GLU A 251 -17.55 4.50 6.05
N LEU A 252 -16.59 3.59 6.16
CA LEU A 252 -16.83 2.26 6.74
C LEU A 252 -16.46 2.24 8.21
N THR A 253 -17.24 1.52 9.01
CA THR A 253 -17.12 1.55 10.46
C THR A 253 -15.87 0.82 10.98
N ASP A 254 -15.49 -0.27 10.32
CA ASP A 254 -14.34 -1.06 10.75
C ASP A 254 -13.01 -0.42 10.35
N THR A 255 -13.06 0.63 9.55
CA THR A 255 -11.85 1.30 9.09
C THR A 255 -11.11 1.95 10.26
N VAL A 256 -9.78 1.86 10.22
CA VAL A 256 -8.95 2.51 11.23
C VAL A 256 -8.39 3.81 10.66
N ILE A 257 -8.63 4.92 11.36
CA ILE A 257 -8.15 6.22 10.93
C ILE A 257 -7.10 6.74 11.90
N GLU A 258 -5.93 7.09 11.37
CA GLU A 258 -4.85 7.59 12.20
C GLU A 258 -4.26 8.88 11.65
N ARG A 259 -3.79 9.74 12.56
CA ARG A 259 -3.10 10.96 12.18
C ARG A 259 -1.70 10.62 11.67
N VAL A 260 -1.23 11.38 10.69
CA VAL A 260 0.12 11.22 10.17
C VAL A 260 0.68 12.59 9.78
N GLU A 261 2.00 12.70 9.82
CA GLU A 261 2.68 13.92 9.41
C GLU A 261 2.95 13.94 7.91
N SER A 262 2.88 12.76 7.28
CA SER A 262 3.23 12.61 5.87
C SER A 262 2.61 11.37 5.27
N LYS A 263 2.57 11.32 3.94
CA LYS A 263 1.97 10.18 3.24
C LYS A 263 2.86 8.93 3.37
N ALA A 264 4.16 9.13 3.49
CA ALA A 264 5.10 8.03 3.69
C ALA A 264 4.80 7.26 4.97
N GLN A 265 4.44 7.98 6.03
CA GLN A 265 4.05 7.36 7.29
C GLN A 265 2.83 6.46 7.09
N CYS A 266 1.89 6.91 6.26
CA CYS A 266 0.71 6.12 5.95
C CYS A 266 1.10 4.87 5.17
N TRP A 267 1.95 5.06 4.17
CA TRP A 267 2.49 3.94 3.41
C TRP A 267 3.15 2.91 4.34
N VAL A 268 3.95 3.37 5.29
CA VAL A 268 4.55 2.47 6.28
C VAL A 268 3.47 1.79 7.11
N LYS A 269 2.48 2.57 7.55
CA LYS A 269 1.38 2.04 8.36
C LYS A 269 0.60 0.94 7.66
N THR A 270 0.39 1.06 6.36
CA THR A 270 -0.31 -0.02 5.65
C THR A 270 0.42 -1.37 5.77
N PHE A 271 1.72 -1.33 6.02
CA PHE A 271 2.51 -2.55 6.17
C PHE A 271 2.71 -2.92 7.63
N GLU A 272 2.89 -1.93 8.50
CA GLU A 272 3.24 -2.20 9.89
C GLU A 272 2.09 -2.25 10.91
N ASN A 273 0.87 -1.89 10.52
CA ASN A 273 -0.24 -1.91 11.47
C ASN A 273 -0.54 -3.35 11.92
N ASP A 274 -1.16 -3.49 13.09
CA ASP A 274 -1.29 -4.79 13.74
C ASP A 274 -2.22 -5.77 13.03
N GLY A 275 -2.99 -5.29 12.06
CA GLY A 275 -3.97 -6.12 11.37
C GLY A 275 -3.51 -6.67 10.03
N VAL A 276 -2.29 -6.32 9.63
CA VAL A 276 -1.78 -6.73 8.33
C VAL A 276 -1.64 -8.25 8.26
N ALA A 277 -1.86 -8.80 7.07
CA ALA A 277 -1.76 -10.25 6.87
C ALA A 277 -0.40 -10.76 7.35
N SER A 278 -0.44 -11.68 8.32
CA SER A 278 0.78 -12.22 8.92
C SER A 278 0.62 -13.70 9.26
N ASP A 279 1.66 -14.49 9.00
CA ASP A 279 1.63 -15.92 9.27
C ASP A 279 2.42 -16.25 10.54
N GLN A 280 2.80 -15.21 11.29
CA GLN A 280 3.56 -15.40 12.52
C GLN A 280 2.71 -16.10 13.58
N PRO A 281 3.31 -17.02 14.35
CA PRO A 281 2.56 -17.69 15.43
C PRO A 281 2.00 -16.71 16.44
N ASP A 289 1.44 -23.23 17.03
CA ASP A 289 0.54 -22.41 16.23
C ASP A 289 1.22 -21.99 14.92
N GLN A 290 0.56 -22.27 13.80
CA GLN A 290 1.10 -21.94 12.47
C GLN A 290 0.00 -21.35 11.58
N PRO A 291 -0.36 -20.08 11.83
CA PRO A 291 -1.47 -19.45 11.11
C PRO A 291 -1.17 -19.22 9.63
N HIS A 292 -2.18 -19.44 8.79
CA HIS A 292 -2.10 -19.12 7.36
C HIS A 292 -3.12 -18.04 7.03
N SER A 293 -2.66 -16.80 6.97
CA SER A 293 -3.53 -15.67 6.68
C SER A 293 -4.14 -15.76 5.28
N GLY A 294 -3.40 -16.37 4.36
CA GLY A 294 -3.85 -16.45 2.98
C GLY A 294 -3.94 -15.10 2.32
N GLY A 295 -3.29 -14.09 2.91
CA GLY A 295 -3.30 -12.74 2.38
C GLY A 295 -4.43 -11.88 2.90
N VAL A 296 -5.26 -12.44 3.78
CA VAL A 296 -6.33 -11.68 4.40
C VAL A 296 -5.78 -10.80 5.52
N GLY A 297 -6.20 -9.54 5.57
CA GLY A 297 -5.77 -8.63 6.62
C GLY A 297 -5.93 -7.16 6.28
N ARG A 298 -5.62 -6.31 7.24
CA ARG A 298 -5.73 -4.87 7.05
CA ARG A 298 -5.73 -4.87 7.05
C ARG A 298 -4.56 -4.39 6.20
N ASN A 299 -4.61 -4.74 4.91
CA ASN A 299 -3.51 -4.50 3.99
C ASN A 299 -3.65 -3.22 3.18
N TYR A 300 -4.82 -2.60 3.22
CA TYR A 300 -5.11 -1.51 2.29
C TYR A 300 -5.26 -0.20 3.01
N GLY A 301 -4.77 0.87 2.40
CA GLY A 301 -5.01 2.16 3.01
C GLY A 301 -4.80 3.32 2.09
N PHE A 302 -5.09 4.51 2.59
CA PHE A 302 -4.70 5.71 1.84
C PHE A 302 -4.46 6.91 2.72
N TYR A 303 -3.54 7.75 2.23
CA TYR A 303 -3.31 9.06 2.80
C TYR A 303 -4.32 10.02 2.19
N TYR A 304 -4.88 10.87 3.04
CA TYR A 304 -5.75 11.94 2.58
C TYR A 304 -5.66 13.16 3.50
N VAL A 305 -6.04 14.32 2.96
CA VAL A 305 -6.08 15.57 3.72
C VAL A 305 -7.52 15.84 4.14
N ASP A 306 -7.76 15.96 5.44
CA ASP A 306 -9.11 16.22 5.95
C ASP A 306 -9.53 17.66 5.69
N THR A 307 -10.77 17.98 6.07
CA THR A 307 -11.34 19.30 5.80
C THR A 307 -10.57 20.44 6.43
N THR A 308 -9.80 20.15 7.48
CA THR A 308 -9.07 21.19 8.21
C THR A 308 -7.65 21.34 7.69
N GLY A 309 -7.20 20.41 6.85
CA GLY A 309 -5.90 20.49 6.22
C GLY A 309 -4.84 19.60 6.85
N GLU A 310 -5.26 18.73 7.76
CA GLU A 310 -4.32 17.81 8.42
C GLU A 310 -4.29 16.46 7.71
N GLY A 311 -3.11 15.86 7.68
CA GLY A 311 -2.93 14.58 7.03
C GLY A 311 -3.49 13.42 7.83
N LYS A 312 -4.16 12.51 7.13
CA LYS A 312 -4.77 11.34 7.75
C LYS A 312 -4.46 10.09 6.95
N CYS A 313 -4.46 8.96 7.65
CA CYS A 313 -4.27 7.66 7.05
C CYS A 313 -5.45 6.77 7.39
N ALA A 314 -6.14 6.30 6.34
CA ALA A 314 -7.25 5.36 6.50
C ALA A 314 -6.78 3.96 6.14
N LEU A 315 -7.04 3.02 7.04
CA LEU A 315 -6.59 1.63 6.90
C LEU A 315 -7.76 0.65 6.97
N SER A 316 -7.76 -0.32 6.05
CA SER A 316 -8.85 -1.28 5.94
C SER A 316 -8.36 -2.63 5.43
N ASP A 317 -9.15 -3.65 5.76
CA ASP A 317 -8.92 -5.02 5.29
C ASP A 317 -9.91 -5.39 4.19
N GLN A 318 -10.75 -4.42 3.81
CA GLN A 318 -11.69 -4.62 2.71
C GLN A 318 -10.99 -4.48 1.37
N VAL A 319 -11.01 -5.53 0.57
CA VAL A 319 -10.41 -5.49 -0.76
C VAL A 319 -11.13 -4.41 -1.58
N PRO A 320 -10.36 -3.45 -2.12
CA PRO A 320 -11.02 -2.38 -2.87
C PRO A 320 -11.61 -2.88 -4.19
N ASP A 321 -12.81 -2.45 -4.52
CA ASP A 321 -13.42 -2.75 -5.82
C ASP A 321 -13.93 -1.49 -6.49
N CYS A 322 -13.69 -0.34 -5.87
CA CYS A 322 -13.88 0.93 -6.55
C CYS A 322 -12.96 2.00 -6.00
N LEU A 323 -12.99 3.17 -6.64
CA LEU A 323 -12.14 4.28 -6.29
C LEU A 323 -12.94 5.57 -6.12
N VAL A 324 -12.51 6.41 -5.20
CA VAL A 324 -13.05 7.77 -5.07
C VAL A 324 -11.95 8.76 -5.44
N SER A 325 -12.22 9.60 -6.43
CA SER A 325 -11.21 10.55 -6.89
C SER A 325 -10.97 11.64 -5.84
N ASP A 326 -9.70 11.88 -5.57
CA ASP A 326 -9.28 12.91 -4.63
C ASP A 326 -7.81 13.21 -4.90
N SER A 327 -7.56 14.35 -5.53
CA SER A 327 -6.25 14.64 -6.12
C SER A 327 -5.10 14.64 -5.09
N ALA A 328 -5.40 14.99 -3.85
CA ALA A 328 -4.38 15.06 -2.81
C ALA A 328 -4.17 13.72 -2.12
N ALA A 329 -5.05 12.76 -2.40
CA ALA A 329 -4.97 11.45 -1.75
C ALA A 329 -4.00 10.52 -2.44
N VAL A 330 -3.48 9.55 -1.68
CA VAL A 330 -2.67 8.47 -2.26
C VAL A 330 -3.03 7.16 -1.60
N SER A 331 -3.31 6.15 -2.42
CA SER A 331 -3.69 4.82 -1.93
C SER A 331 -2.53 3.84 -1.96
N TYR A 332 -2.29 3.19 -0.83
CA TYR A 332 -1.20 2.24 -0.66
C TYR A 332 -1.70 0.85 -0.27
N THR A 333 -0.85 -0.14 -0.51
CA THR A 333 -1.04 -1.49 0.02
C THR A 333 0.22 -1.92 0.75
N ALA A 334 0.08 -2.95 1.58
CA ALA A 334 1.20 -3.49 2.34
C ALA A 334 2.31 -4.01 1.41
N ALA A 335 1.91 -4.41 0.20
CA ALA A 335 2.85 -5.03 -0.74
C ALA A 335 3.60 -4.03 -1.60
N GLY A 336 2.98 -2.88 -1.86
CA GLY A 336 3.48 -1.95 -2.85
C GLY A 336 4.49 -0.92 -2.37
N SER A 337 4.99 -0.13 -3.31
CA SER A 337 6.00 0.89 -3.04
C SER A 337 5.37 2.21 -2.61
N LEU A 338 6.22 3.11 -2.12
CA LEU A 338 5.79 4.45 -1.77
C LEU A 338 5.56 5.27 -3.02
N SER A 339 6.41 5.07 -4.01
CA SER A 339 6.35 5.87 -5.22
C SER A 339 5.19 5.44 -6.12
N GLU A 340 4.66 6.42 -6.82
CA GLU A 340 3.58 6.17 -7.76
CA GLU A 340 3.59 6.25 -7.79
C GLU A 340 4.13 5.84 -9.15
N GLU A 341 5.40 6.12 -9.38
CA GLU A 341 6.01 5.90 -10.69
C GLU A 341 6.60 4.50 -10.85
N THR A 342 6.46 3.96 -12.06
CA THR A 342 6.97 2.63 -12.39
C THR A 342 8.46 2.70 -12.73
N PRO A 343 9.31 1.98 -11.95
CA PRO A 343 10.75 2.01 -12.26
C PRO A 343 11.11 1.07 -13.41
N ASN A 344 12.25 1.34 -14.04
CA ASN A 344 12.65 0.59 -15.23
C ASN A 344 12.95 -0.89 -14.97
N PHE A 345 13.32 -1.24 -13.74
CA PHE A 345 13.70 -2.63 -13.47
C PHE A 345 12.47 -3.55 -13.35
N ILE A 346 11.28 -3.05 -13.66
CA ILE A 346 10.12 -3.92 -13.83
C ILE A 346 9.36 -3.63 -15.14
N ILE A 347 10.00 -2.88 -16.04
CA ILE A 347 9.43 -2.61 -17.36
C ILE A 347 10.08 -3.50 -18.42
N PRO A 348 9.29 -4.38 -19.06
CA PRO A 348 9.85 -5.21 -20.14
C PRO A 348 10.32 -4.37 -21.32
N SER A 349 11.35 -4.83 -22.03
CA SER A 349 11.89 -4.11 -23.17
C SER A 349 10.90 -4.05 -24.33
N ASN A 350 10.08 -5.09 -24.45
CA ASN A 350 9.05 -5.15 -25.49
C ASN A 350 7.80 -4.38 -25.07
N PRO A 351 7.51 -3.24 -25.73
CA PRO A 351 6.36 -2.42 -25.33
C PRO A 351 5.02 -3.17 -25.40
N SER A 352 4.94 -4.19 -26.26
CA SER A 352 3.67 -4.85 -26.53
C SER A 352 3.16 -5.74 -25.40
N VAL A 353 3.98 -5.96 -24.37
CA VAL A 353 3.59 -6.84 -23.26
C VAL A 353 3.57 -6.10 -21.92
N THR A 354 3.78 -4.79 -21.94
CA THR A 354 3.63 -4.00 -20.72
C THR A 354 2.15 -3.90 -20.36
N PRO A 355 1.83 -3.80 -19.06
CA PRO A 355 0.44 -3.67 -18.68
C PRO A 355 -0.04 -2.23 -18.78
N PRO A 356 -1.36 -2.01 -18.86
CA PRO A 356 -1.88 -0.64 -18.85
C PRO A 356 -1.48 0.13 -17.59
N THR A 357 -1.04 1.36 -17.76
CA THR A 357 -0.80 2.25 -16.64
C THR A 357 -2.14 2.64 -16.00
N PRO A 358 -2.11 3.16 -14.77
CA PRO A 358 -3.34 3.67 -14.17
C PRO A 358 -3.98 4.78 -14.99
N GLU A 359 -3.16 5.61 -15.62
CA GLU A 359 -3.66 6.70 -16.46
C GLU A 359 -4.41 6.13 -17.67
N THR A 360 -3.88 5.05 -18.24
CA THR A 360 -4.50 4.39 -19.38
C THR A 360 -5.78 3.68 -18.94
N ALA A 361 -5.68 2.89 -17.88
CA ALA A 361 -6.80 2.09 -17.41
C ALA A 361 -7.99 2.96 -16.98
N LEU A 362 -7.71 4.15 -16.48
CA LEU A 362 -8.76 5.04 -15.96
C LEU A 362 -9.05 6.19 -16.92
N GLN A 363 -8.65 6.02 -18.17
CA GLN A 363 -8.80 7.08 -19.16
C GLN A 363 -10.24 7.20 -19.63
N CYS A 364 -10.60 8.40 -20.06
CA CYS A 364 -11.89 8.66 -20.68
C CYS A 364 -11.79 9.92 -21.51
N THR A 365 -12.73 10.11 -22.42
CA THR A 365 -12.87 11.36 -23.17
C THR A 365 -14.27 11.88 -22.94
N ALA A 366 -14.36 13.19 -22.66
CA ALA A 366 -15.60 13.81 -22.22
C ALA A 366 -16.75 13.61 -23.22
N ASP A 367 -16.43 13.55 -24.50
CA ASP A 367 -17.46 13.47 -25.54
C ASP A 367 -17.99 12.05 -25.70
N LYS A 368 -17.32 11.07 -25.09
CA LYS A 368 -17.75 9.68 -25.14
C LYS A 368 -18.12 9.14 -23.76
N PHE A 369 -17.86 9.93 -22.72
CA PHE A 369 -18.08 9.51 -21.34
C PHE A 369 -19.04 10.47 -20.63
N PRO A 370 -20.28 10.05 -20.39
CA PRO A 370 -21.25 10.99 -19.82
C PRO A 370 -21.23 11.11 -18.31
N ASP A 371 -21.41 12.34 -17.84
CA ASP A 371 -21.68 12.61 -16.42
C ASP A 371 -22.92 11.83 -16.00
N SER A 372 -22.78 11.03 -14.97
CA SER A 372 -23.91 10.30 -14.48
C SER A 372 -24.08 10.41 -12.98
N PHE A 373 -25.31 10.26 -12.53
CA PHE A 373 -25.63 10.27 -11.11
C PHE A 373 -26.33 8.95 -10.78
N GLY A 374 -25.97 8.36 -9.64
CA GLY A 374 -26.61 7.15 -9.18
C GLY A 374 -27.84 7.47 -8.36
N ALA A 375 -28.61 6.43 -8.01
CA ALA A 375 -29.77 6.60 -7.17
C ALA A 375 -29.34 6.97 -5.76
N CYS A 376 -30.22 7.64 -5.02
CA CYS A 376 -29.88 8.11 -3.68
C CYS A 376 -29.67 6.97 -2.69
N ASP A 377 -28.59 7.05 -1.94
CA ASP A 377 -28.38 6.19 -0.78
C ASP A 377 -28.98 6.90 0.42
N VAL A 378 -30.22 6.53 0.76
CA VAL A 378 -31.00 7.26 1.75
C VAL A 378 -30.38 7.21 3.15
N GLN A 379 -29.60 6.17 3.41
CA GLN A 379 -28.99 6.00 4.72
C GLN A 379 -27.93 7.07 4.98
N ALA A 380 -27.23 7.46 3.93
CA ALA A 380 -26.20 8.50 4.02
C ALA A 380 -26.66 9.79 3.36
N CYS A 381 -27.75 9.71 2.61
CA CYS A 381 -28.27 10.85 1.86
C CYS A 381 -27.20 11.36 0.90
N LYS A 382 -26.52 10.43 0.24
CA LYS A 382 -25.54 10.76 -0.79
C LYS A 382 -25.77 9.89 -2.01
N ARG A 383 -25.26 10.33 -3.15
CA ARG A 383 -25.35 9.55 -4.37
C ARG A 383 -24.05 9.62 -5.17
N GLN A 384 -23.82 8.58 -5.97
CA GLN A 384 -22.66 8.52 -6.83
C GLN A 384 -22.72 9.59 -7.90
N LYS A 385 -21.58 10.23 -8.14
CA LYS A 385 -21.36 11.03 -9.33
C LYS A 385 -20.11 10.50 -10.02
N THR A 386 -20.29 10.12 -11.28
CA THR A 386 -19.20 9.62 -12.11
C THR A 386 -19.09 10.52 -13.33
N SER A 387 -17.88 11.00 -13.61
CA SER A 387 -17.68 11.90 -14.74
C SER A 387 -16.26 11.80 -15.31
N CYS A 388 -16.00 12.60 -16.33
CA CYS A 388 -14.69 12.63 -16.98
C CYS A 388 -14.07 14.01 -16.80
N VAL A 389 -12.90 14.06 -16.15
CA VAL A 389 -12.19 15.32 -15.95
C VAL A 389 -10.72 15.11 -16.26
N GLY A 390 -10.15 16.03 -17.04
CA GLY A 390 -8.76 15.95 -17.43
C GLY A 390 -8.45 14.64 -18.15
N GLY A 391 -9.47 14.05 -18.75
CA GLY A 391 -9.31 12.79 -19.47
C GLY A 391 -9.24 11.60 -18.54
N GLN A 392 -9.62 11.79 -17.28
CA GLN A 392 -9.62 10.72 -16.29
C GLN A 392 -10.97 10.59 -15.60
N ILE A 393 -11.30 9.36 -15.22
CA ILE A 393 -12.56 9.09 -14.54
C ILE A 393 -12.56 9.70 -13.14
N GLN A 394 -13.55 10.56 -12.89
CA GLN A 394 -13.81 11.07 -11.56
C GLN A 394 -14.98 10.32 -10.97
N SER A 395 -14.79 9.85 -9.73
CA SER A 395 -15.80 9.12 -8.98
C SER A 395 -15.93 9.76 -7.61
N THR A 396 -17.10 10.31 -7.31
CA THR A 396 -17.33 10.97 -6.04
C THR A 396 -18.74 10.70 -5.52
N SER A 397 -19.00 11.14 -4.29
CA SER A 397 -20.34 11.11 -3.72
C SER A 397 -20.81 12.54 -3.49
N VAL A 398 -22.03 12.83 -3.92
CA VAL A 398 -22.59 14.18 -3.79
C VAL A 398 -24.00 14.11 -3.20
N ASP A 399 -24.56 15.27 -2.92
CA ASP A 399 -25.90 15.35 -2.33
C ASP A 399 -26.96 14.79 -3.25
N CYS A 400 -27.98 14.17 -2.66
CA CYS A 400 -29.12 13.72 -3.42
C CYS A 400 -29.94 14.92 -3.88
N THR A 401 -30.88 14.69 -4.80
CA THR A 401 -31.77 15.76 -5.22
C THR A 401 -32.60 16.25 -4.04
N ALA A 402 -33.06 17.49 -4.11
CA ALA A 402 -33.93 18.04 -3.07
C ALA A 402 -35.14 17.15 -2.87
N ASP A 403 -35.67 16.64 -3.97
CA ASP A 403 -36.78 15.69 -3.95
C ASP A 403 -36.42 14.44 -3.15
N GLU A 404 -35.24 13.89 -3.41
CA GLU A 404 -34.78 12.66 -2.77
C GLU A 404 -34.49 12.85 -1.28
N GLN A 405 -34.15 14.08 -0.89
CA GLN A 405 -33.74 14.35 0.49
C GLN A 405 -34.87 14.17 1.49
N ASN A 406 -36.11 14.11 1.01
CA ASN A 406 -37.25 13.87 1.88
C ASN A 406 -37.25 12.44 2.41
N GLU A 407 -36.72 11.53 1.60
CA GLU A 407 -36.72 10.11 1.92
C GLU A 407 -35.60 9.78 2.91
N CYS A 408 -34.68 10.72 3.09
CA CYS A 408 -33.50 10.50 3.93
C CYS A 408 -33.89 10.51 5.40
N SER B 10 31.58 26.89 -48.86
CA SER B 10 31.83 25.69 -49.65
C SER B 10 33.13 25.02 -49.20
N GLY B 11 33.40 23.84 -49.77
CA GLY B 11 34.52 23.02 -49.35
C GLY B 11 34.01 21.91 -48.44
N ASN B 12 32.87 21.34 -48.82
CA ASN B 12 32.24 20.27 -48.06
C ASN B 12 33.06 18.99 -48.14
N PRO B 13 33.66 18.56 -47.02
CA PRO B 13 34.55 17.39 -47.07
C PRO B 13 33.81 16.10 -47.44
N PHE B 14 32.49 16.08 -47.26
CA PHE B 14 31.71 14.90 -47.56
C PHE B 14 31.21 14.92 -49.01
N GLN B 15 31.70 15.88 -49.79
CA GLN B 15 31.48 15.93 -51.23
C GLN B 15 32.82 16.10 -51.94
N ALA B 16 33.90 15.77 -51.23
CA ALA B 16 35.25 16.07 -51.67
C ALA B 16 35.69 15.24 -52.88
N ASN B 17 35.20 14.01 -52.97
CA ASN B 17 35.59 13.12 -54.07
C ASN B 17 34.51 12.08 -54.40
N VAL B 18 34.82 11.24 -55.38
CA VAL B 18 33.86 10.27 -55.91
C VAL B 18 33.44 9.23 -54.88
N GLU B 19 34.43 8.66 -54.18
CA GLU B 19 34.17 7.66 -53.15
C GLU B 19 33.24 8.21 -52.07
N MET B 20 33.57 9.41 -51.60
CA MET B 20 32.82 10.07 -50.53
C MET B 20 31.39 10.41 -50.99
N LYS B 21 31.30 11.00 -52.19
CA LYS B 21 30.00 11.28 -52.80
C LYS B 21 29.17 10.02 -52.88
N THR B 22 29.78 8.96 -53.39
CA THR B 22 29.14 7.66 -53.49
C THR B 22 28.65 7.20 -52.12
N PHE B 23 29.49 7.34 -51.11
CA PHE B 23 29.08 7.01 -49.75
C PHE B 23 27.86 7.82 -49.30
N MET B 24 27.93 9.14 -49.45
CA MET B 24 26.86 10.00 -48.94
C MET B 24 25.55 9.88 -49.72
N GLU B 25 25.64 9.60 -51.02
CA GLU B 25 24.44 9.49 -51.84
C GLU B 25 23.55 8.31 -51.41
N ARG B 26 24.11 7.40 -50.65
CA ARG B 26 23.38 6.25 -50.18
C ARG B 26 22.24 6.65 -49.25
N PHE B 27 22.31 7.85 -48.71
CA PHE B 27 21.33 8.34 -47.75
C PHE B 27 20.22 9.15 -48.42
N ASN B 28 20.32 9.36 -49.73
CA ASN B 28 19.27 10.07 -50.45
C ASN B 28 18.19 9.10 -50.92
N LEU B 29 17.14 8.94 -50.13
CA LEU B 29 16.07 8.01 -50.45
C LEU B 29 15.17 8.53 -51.57
N THR B 30 15.24 9.83 -51.83
CA THR B 30 14.50 10.41 -52.94
C THR B 30 15.10 9.93 -54.26
N HIS B 31 16.42 9.79 -54.27
CA HIS B 31 17.14 9.41 -55.48
C HIS B 31 17.11 7.91 -55.73
N HIS B 32 17.34 7.14 -54.68
CA HIS B 32 17.57 5.70 -54.83
C HIS B 32 16.34 4.84 -54.57
N HIS B 33 15.54 5.20 -53.57
CA HIS B 33 14.34 4.43 -53.25
C HIS B 33 13.16 4.86 -54.14
N GLN B 34 12.97 6.16 -54.26
CA GLN B 34 12.06 6.76 -55.25
C GLN B 34 10.57 6.44 -55.06
N SER B 35 10.18 6.04 -53.86
CA SER B 35 8.78 5.72 -53.61
C SER B 35 8.44 5.86 -52.13
N GLY B 36 7.19 5.61 -51.78
CA GLY B 36 6.78 5.62 -50.39
C GLY B 36 7.56 4.61 -49.59
N ILE B 37 7.70 4.87 -48.29
CA ILE B 37 8.46 4.01 -47.40
C ILE B 37 7.52 3.40 -46.36
N TYR B 38 6.78 4.27 -45.68
CA TYR B 38 5.79 3.81 -44.71
C TYR B 38 4.73 2.99 -45.44
N VAL B 39 4.18 3.57 -46.49
CA VAL B 39 3.32 2.86 -47.42
C VAL B 39 3.89 3.05 -48.82
N ASP B 40 4.25 1.94 -49.47
CA ASP B 40 4.82 1.98 -50.82
C ASP B 40 3.79 1.53 -51.84
N LEU B 41 3.35 2.47 -52.66
CA LEU B 41 2.40 2.19 -53.74
C LEU B 41 2.72 3.14 -54.90
N GLY B 42 3.97 3.16 -55.31
CA GLY B 42 4.47 4.17 -56.21
C GLY B 42 4.23 3.95 -57.69
N GLN B 43 3.77 2.75 -58.08
CA GLN B 43 3.52 2.47 -59.49
C GLN B 43 2.08 2.06 -59.75
N ASP B 44 1.67 2.15 -61.02
CA ASP B 44 0.36 1.70 -61.46
C ASP B 44 0.53 0.71 -62.60
N LYS B 45 -0.19 -0.41 -62.51
CA LYS B 45 -0.09 -1.46 -63.51
C LYS B 45 -1.46 -1.92 -63.98
N GLU B 46 -1.57 -2.15 -65.28
CA GLU B 46 -2.82 -2.60 -65.87
C GLU B 46 -2.88 -4.12 -65.90
N VAL B 47 -3.97 -4.66 -65.35
CA VAL B 47 -4.23 -6.09 -65.38
C VAL B 47 -5.68 -6.30 -65.79
N ASP B 48 -5.89 -7.12 -66.81
CA ASP B 48 -7.21 -7.43 -67.33
C ASP B 48 -8.08 -6.18 -67.50
N GLY B 49 -7.48 -5.14 -68.05
CA GLY B 49 -8.20 -3.93 -68.37
C GLY B 49 -8.29 -2.90 -67.24
N THR B 50 -7.93 -3.31 -66.02
CA THR B 50 -8.08 -2.43 -64.86
C THR B 50 -6.72 -2.02 -64.29
N LEU B 51 -6.67 -0.79 -63.78
CA LEU B 51 -5.46 -0.25 -63.18
C LEU B 51 -5.35 -0.59 -61.70
N TYR B 52 -4.18 -1.03 -61.29
CA TYR B 52 -3.95 -1.34 -59.89
C TYR B 52 -2.66 -0.69 -59.39
N ARG B 53 -2.63 -0.33 -58.10
CA ARG B 53 -1.45 0.27 -57.51
C ARG B 53 -0.43 -0.81 -57.15
N GLU B 54 0.85 -0.47 -57.27
CA GLU B 54 1.91 -1.44 -57.11
C GLU B 54 3.10 -0.83 -56.34
N PRO B 55 3.58 -1.52 -55.30
CA PRO B 55 4.82 -1.10 -54.63
C PRO B 55 5.98 -1.04 -55.62
N ALA B 56 6.82 -0.01 -55.49
CA ALA B 56 7.82 0.28 -56.52
C ALA B 56 9.19 0.64 -55.96
N GLY B 57 9.29 0.71 -54.63
CA GLY B 57 10.52 1.14 -53.98
C GLY B 57 11.71 0.25 -54.30
N LEU B 58 12.87 0.88 -54.48
CA LEU B 58 14.08 0.18 -54.88
C LEU B 58 14.97 -0.24 -53.71
N CYS B 59 14.64 0.21 -52.51
CA CYS B 59 15.42 -0.14 -51.32
C CYS B 59 14.66 -1.10 -50.40
N PRO B 60 15.37 -2.05 -49.78
CA PRO B 60 14.71 -2.89 -48.78
C PRO B 60 14.44 -2.08 -47.51
N ILE B 61 13.35 -2.40 -46.82
CA ILE B 61 12.98 -1.68 -45.60
C ILE B 61 13.17 -2.61 -44.41
N TRP B 62 14.23 -2.37 -43.65
CA TRP B 62 14.63 -3.26 -42.58
C TRP B 62 13.73 -3.14 -41.35
N GLY B 63 13.18 -4.26 -40.93
CA GLY B 63 12.36 -4.32 -39.73
C GLY B 63 10.88 -4.05 -39.97
N LYS B 64 10.54 -3.56 -41.16
CA LYS B 64 9.14 -3.24 -41.45
C LYS B 64 8.29 -4.51 -41.50
N HIS B 65 7.20 -4.49 -40.73
CA HIS B 65 6.19 -5.55 -40.84
C HIS B 65 4.80 -4.94 -40.76
N ILE B 66 3.79 -5.71 -41.13
CA ILE B 66 2.41 -5.24 -41.09
C ILE B 66 1.72 -5.81 -39.87
N GLU B 67 1.34 -4.94 -38.95
CA GLU B 67 0.60 -5.33 -37.76
C GLU B 67 -0.90 -5.41 -38.05
N LEU B 68 -1.49 -6.52 -37.61
CA LEU B 68 -2.90 -6.82 -37.83
C LEU B 68 -3.72 -6.62 -36.56
N GLN B 69 -5.03 -6.44 -36.71
CA GLN B 69 -5.94 -6.32 -35.58
C GLN B 69 -7.15 -7.24 -35.74
N GLN B 70 -6.86 -8.53 -35.89
CA GLN B 70 -7.89 -9.55 -35.89
C GLN B 70 -8.32 -9.84 -34.46
N PRO B 71 -9.44 -10.53 -34.27
CA PRO B 71 -9.81 -11.04 -32.94
C PRO B 71 -8.70 -11.92 -32.35
N ASP B 72 -8.68 -12.08 -31.04
CA ASP B 72 -7.64 -12.87 -30.38
C ASP B 72 -7.95 -14.35 -30.39
N ARG B 73 -9.23 -14.70 -30.52
CA ARG B 73 -9.66 -16.09 -30.50
C ARG B 73 -9.12 -16.89 -31.68
N PRO B 74 -9.03 -18.22 -31.54
CA PRO B 74 -8.80 -19.04 -32.73
C PRO B 74 -9.94 -18.85 -33.75
N PRO B 75 -9.65 -19.00 -35.05
CA PRO B 75 -8.39 -19.41 -35.67
C PRO B 75 -7.44 -18.25 -35.99
N TYR B 76 -7.75 -17.05 -35.51
CA TYR B 76 -6.94 -15.87 -35.83
C TYR B 76 -5.59 -15.90 -35.11
N ARG B 77 -4.54 -15.52 -35.82
CA ARG B 77 -3.17 -15.58 -35.30
C ARG B 77 -2.51 -14.20 -35.26
N ASN B 78 -3.13 -13.22 -35.90
CA ASN B 78 -2.58 -11.87 -36.01
C ASN B 78 -1.12 -11.89 -36.46
N ASN B 79 -0.90 -12.41 -37.66
CA ASN B 79 0.43 -12.53 -38.23
C ASN B 79 0.34 -12.46 -39.75
N PHE B 80 0.83 -11.36 -40.31
CA PHE B 80 0.65 -11.09 -41.74
C PHE B 80 1.45 -12.05 -42.62
N LEU B 81 2.31 -12.87 -42.02
CA LEU B 81 3.06 -13.87 -42.79
C LEU B 81 2.31 -15.20 -42.86
N GLU B 82 1.16 -15.28 -42.21
CA GLU B 82 0.28 -16.44 -42.37
C GLU B 82 -0.32 -16.41 -43.78
N ASP B 83 -0.67 -17.59 -44.30
CA ASP B 83 -1.28 -17.68 -45.62
C ASP B 83 -2.56 -16.87 -45.72
N VAL B 84 -2.80 -16.30 -46.90
CA VAL B 84 -4.12 -15.74 -47.20
C VAL B 84 -5.14 -16.86 -47.04
N PRO B 85 -6.35 -16.53 -46.58
CA PRO B 85 -7.34 -17.56 -46.29
C PRO B 85 -8.05 -18.12 -47.52
N THR B 86 -8.36 -19.41 -47.50
CA THR B 86 -9.24 -19.99 -48.50
C THR B 86 -10.68 -19.58 -48.18
N GLU B 87 -11.57 -19.67 -49.15
CA GLU B 87 -12.96 -19.33 -48.93
C GLU B 87 -13.57 -20.23 -47.84
N LYS B 88 -13.12 -21.47 -47.79
CA LYS B 88 -13.59 -22.43 -46.81
C LYS B 88 -13.24 -22.01 -45.39
N GLU B 89 -11.99 -21.62 -45.19
CA GLU B 89 -11.52 -21.14 -43.90
C GLU B 89 -12.25 -19.87 -43.49
N TYR B 90 -12.51 -19.01 -44.47
CA TYR B 90 -13.25 -17.77 -44.25
C TYR B 90 -14.67 -18.10 -43.80
N LYS B 91 -15.32 -19.02 -44.51
CA LYS B 91 -16.64 -19.49 -44.13
C LYS B 91 -16.62 -20.11 -42.74
N GLN B 92 -15.54 -20.83 -42.43
CA GLN B 92 -15.41 -21.44 -41.11
C GLN B 92 -15.22 -20.42 -40.00
N SER B 93 -14.42 -19.38 -40.25
CA SER B 93 -14.14 -18.39 -39.21
C SER B 93 -15.30 -17.40 -39.01
N GLY B 94 -15.90 -16.96 -40.10
CA GLY B 94 -16.79 -15.81 -40.07
C GLY B 94 -15.95 -14.55 -40.12
N ASN B 95 -16.59 -13.39 -40.14
CA ASN B 95 -15.85 -12.13 -40.23
C ASN B 95 -15.01 -11.89 -38.98
N PRO B 96 -13.84 -11.25 -39.14
CA PRO B 96 -13.23 -10.81 -40.41
C PRO B 96 -12.37 -11.91 -41.04
N LEU B 97 -11.77 -11.61 -42.18
CA LEU B 97 -10.88 -12.55 -42.86
C LEU B 97 -9.83 -13.12 -41.91
N PRO B 98 -9.70 -14.46 -41.86
CA PRO B 98 -8.61 -15.04 -41.07
C PRO B 98 -7.30 -15.03 -41.86
N GLY B 99 -6.27 -15.69 -41.34
CA GLY B 99 -5.00 -15.80 -42.06
C GLY B 99 -4.23 -14.50 -42.14
N GLY B 100 -3.35 -14.40 -43.14
CA GLY B 100 -2.50 -13.24 -43.29
C GLY B 100 -2.37 -12.78 -44.74
N PHE B 101 -1.18 -12.29 -45.10
CA PHE B 101 -0.92 -11.73 -46.42
C PHE B 101 -0.13 -12.67 -47.33
N ASN B 102 0.32 -13.79 -46.80
CA ASN B 102 1.27 -14.64 -47.53
C ASN B 102 0.67 -15.41 -48.70
N LEU B 103 1.38 -15.37 -49.82
CA LEU B 103 0.98 -16.08 -51.03
C LEU B 103 0.99 -17.59 -50.78
N ASN B 104 -0.17 -18.23 -50.96
CA ASN B 104 -0.30 -19.67 -50.71
C ASN B 104 -0.45 -20.49 -51.99
N PHE B 105 -0.05 -19.92 -53.13
CA PHE B 105 -0.15 -20.62 -54.40
C PHE B 105 0.90 -21.74 -54.46
N VAL B 106 0.59 -22.80 -55.20
CA VAL B 106 1.53 -23.93 -55.32
C VAL B 106 1.64 -24.42 -56.77
N THR B 107 2.68 -25.20 -57.03
CA THR B 107 2.80 -25.90 -58.30
C THR B 107 1.86 -27.11 -58.27
N PRO B 108 1.60 -27.71 -59.43
CA PRO B 108 0.74 -28.92 -59.44
C PRO B 108 1.32 -30.08 -58.64
N SER B 109 2.62 -30.07 -58.37
CA SER B 109 3.25 -31.11 -57.56
C SER B 109 3.25 -30.72 -56.08
N GLY B 110 2.75 -29.54 -55.76
CA GLY B 110 2.56 -29.13 -54.38
C GLY B 110 3.68 -28.28 -53.80
N GLN B 111 4.59 -27.82 -54.65
CA GLN B 111 5.68 -26.95 -54.20
C GLN B 111 5.16 -25.54 -53.94
N ARG B 112 5.33 -25.07 -52.71
CA ARG B 112 4.99 -23.70 -52.34
C ARG B 112 5.90 -22.69 -53.02
N ILE B 113 5.34 -21.61 -53.51
CA ILE B 113 6.15 -20.48 -53.96
C ILE B 113 6.56 -19.63 -52.76
N SER B 114 5.78 -19.70 -51.68
CA SER B 114 6.05 -18.90 -50.48
C SER B 114 5.47 -19.55 -49.22
N PRO B 115 6.27 -19.65 -48.14
CA PRO B 115 7.68 -19.26 -48.02
C PRO B 115 8.62 -20.18 -48.81
N PHE B 116 9.70 -19.62 -49.32
CA PHE B 116 10.66 -20.36 -50.14
C PHE B 116 12.05 -20.37 -49.49
N PRO B 117 12.59 -21.56 -49.21
CA PRO B 117 13.89 -21.63 -48.53
C PRO B 117 15.04 -21.05 -49.36
N MET B 118 15.92 -20.31 -48.69
CA MET B 118 17.07 -19.70 -49.34
C MET B 118 18.00 -20.75 -49.90
N GLU B 119 18.01 -21.93 -49.29
CA GLU B 119 18.89 -23.01 -49.70
C GLU B 119 18.60 -23.47 -51.13
N LEU B 120 17.37 -23.27 -51.60
CA LEU B 120 16.98 -23.66 -52.95
C LEU B 120 17.21 -22.54 -53.96
N LEU B 121 17.59 -21.36 -53.48
CA LEU B 121 17.83 -20.21 -54.36
C LEU B 121 19.31 -19.98 -54.64
N GLU B 122 20.17 -20.39 -53.70
CA GLU B 122 21.58 -20.05 -53.75
C GLU B 122 22.42 -20.98 -54.63
N LYS B 123 21.78 -21.96 -55.25
CA LYS B 123 22.43 -22.81 -56.24
C LYS B 123 21.54 -23.00 -57.46
N ASN B 124 20.69 -22.01 -57.73
CA ASN B 124 19.80 -22.02 -58.88
C ASN B 124 20.36 -21.13 -59.98
N SER B 125 20.30 -21.61 -61.22
CA SER B 125 20.92 -20.92 -62.35
C SER B 125 20.14 -19.67 -62.77
N ASN B 126 18.86 -19.60 -62.39
CA ASN B 126 18.03 -18.43 -62.72
C ASN B 126 18.14 -17.33 -61.67
N ILE B 127 18.92 -17.57 -60.63
CA ILE B 127 19.15 -16.60 -59.56
C ILE B 127 20.61 -16.17 -59.52
N LYS B 128 20.87 -14.93 -59.95
CA LYS B 128 22.24 -14.44 -60.12
C LYS B 128 22.68 -13.44 -59.06
N ALA B 129 21.80 -13.15 -58.10
CA ALA B 129 22.14 -12.19 -57.04
C ALA B 129 23.30 -12.69 -56.19
N SER B 130 24.09 -11.75 -55.68
CA SER B 130 25.30 -12.09 -54.92
C SER B 130 25.07 -12.26 -53.42
N THR B 131 23.89 -11.87 -52.95
CA THR B 131 23.55 -11.98 -51.53
C THR B 131 22.17 -12.60 -51.35
N ASP B 132 21.95 -13.22 -50.19
CA ASP B 132 20.68 -13.89 -49.90
C ASP B 132 19.48 -12.95 -50.03
N LEU B 133 19.62 -11.74 -49.48
CA LEU B 133 18.55 -10.75 -49.59
C LEU B 133 18.30 -10.41 -51.05
N GLY B 134 19.37 -10.19 -51.78
CA GLY B 134 19.29 -9.93 -53.21
C GLY B 134 18.64 -11.09 -53.95
N ARG B 135 18.89 -12.30 -53.47
CA ARG B 135 18.32 -13.50 -54.08
C ARG B 135 16.83 -13.58 -53.82
N CYS B 136 16.42 -13.26 -52.59
CA CYS B 136 15.00 -13.17 -52.27
C CYS B 136 14.31 -12.10 -53.13
N ALA B 137 14.92 -10.92 -53.18
CA ALA B 137 14.37 -9.83 -53.99
C ALA B 137 14.27 -10.21 -55.46
N GLU B 138 15.32 -10.85 -55.97
CA GLU B 138 15.34 -11.31 -57.35
C GLU B 138 14.25 -12.35 -57.58
N PHE B 139 14.10 -13.25 -56.61
CA PHE B 139 13.03 -14.24 -56.64
C PHE B 139 11.68 -13.55 -56.74
N ALA B 140 11.49 -12.49 -55.96
CA ALA B 140 10.26 -11.70 -56.07
C ALA B 140 10.13 -11.01 -57.42
N PHE B 141 11.21 -10.43 -57.93
CA PHE B 141 11.13 -9.72 -59.20
C PHE B 141 10.78 -10.66 -60.36
N LYS B 142 11.19 -11.92 -60.24
CA LYS B 142 10.93 -12.90 -61.29
C LYS B 142 9.62 -13.64 -61.02
N THR B 143 8.70 -12.94 -60.37
CA THR B 143 7.35 -13.43 -60.15
C THR B 143 6.38 -12.37 -60.67
N VAL B 144 5.51 -12.77 -61.60
CA VAL B 144 4.53 -11.85 -62.16
C VAL B 144 3.14 -12.46 -62.20
N ALA B 145 2.14 -11.60 -62.14
CA ALA B 145 0.76 -12.04 -62.27
C ALA B 145 0.46 -12.39 -63.72
N MET B 146 -0.33 -13.43 -63.92
CA MET B 146 -0.86 -13.78 -65.24
C MET B 146 -2.27 -13.22 -65.38
N ASP B 147 -2.59 -12.67 -66.55
CA ASP B 147 -3.92 -12.16 -66.80
C ASP B 147 -4.88 -13.30 -67.13
N LYS B 148 -6.11 -12.97 -67.53
CA LYS B 148 -7.13 -13.98 -67.77
C LYS B 148 -6.83 -14.86 -68.98
N ASN B 149 -5.93 -14.41 -69.85
CA ASN B 149 -5.54 -15.18 -71.03
C ASN B 149 -4.21 -15.90 -70.84
N ASN B 150 -3.83 -16.11 -69.57
CA ASN B 150 -2.59 -16.81 -69.22
C ASN B 150 -1.33 -16.12 -69.74
N LYS B 151 -1.43 -14.84 -70.07
CA LYS B 151 -0.27 -14.06 -70.48
C LYS B 151 0.36 -13.34 -69.29
N ALA B 152 1.68 -13.30 -69.27
CA ALA B 152 2.40 -12.61 -68.21
C ALA B 152 2.14 -11.11 -68.24
N THR B 153 1.88 -10.53 -67.08
CA THR B 153 1.75 -9.09 -66.94
C THR B 153 3.05 -8.52 -66.39
N LYS B 154 3.03 -7.24 -66.04
CA LYS B 154 4.17 -6.59 -65.40
C LYS B 154 3.82 -6.18 -63.96
N TYR B 155 2.78 -6.79 -63.42
CA TYR B 155 2.38 -6.56 -62.04
C TYR B 155 3.09 -7.55 -61.12
N ARG B 156 3.85 -7.01 -60.16
CA ARG B 156 4.65 -7.82 -59.25
C ARG B 156 4.28 -7.56 -57.80
N TYR B 157 4.51 -8.57 -56.96
CA TYR B 157 4.10 -8.51 -55.56
C TYR B 157 5.28 -8.21 -54.64
N PRO B 158 5.02 -7.54 -53.50
CA PRO B 158 6.11 -7.26 -52.56
C PRO B 158 6.59 -8.53 -51.86
N PHE B 159 7.76 -8.45 -51.25
CA PHE B 159 8.34 -9.58 -50.55
C PHE B 159 8.75 -9.22 -49.14
N VAL B 160 8.84 -10.25 -48.31
CA VAL B 160 9.43 -10.14 -46.99
C VAL B 160 10.50 -11.20 -46.84
N TYR B 161 11.73 -10.79 -46.58
CA TYR B 161 12.78 -11.77 -46.28
C TYR B 161 12.92 -11.93 -44.78
N ASP B 162 12.78 -13.18 -44.33
CA ASP B 162 13.04 -13.57 -42.95
C ASP B 162 14.45 -14.13 -42.88
N SER B 163 15.38 -13.30 -42.40
CA SER B 163 16.80 -13.60 -42.42
C SER B 163 17.21 -14.59 -41.33
N LYS B 164 16.42 -14.66 -40.27
CA LYS B 164 16.67 -15.61 -39.21
C LYS B 164 16.35 -17.04 -39.62
N LYS B 165 15.17 -17.23 -40.20
CA LYS B 165 14.75 -18.53 -40.69
C LYS B 165 15.24 -18.78 -42.12
N ARG B 166 15.80 -17.74 -42.73
CA ARG B 166 16.27 -17.80 -44.11
C ARG B 166 15.13 -18.21 -45.02
N LEU B 167 14.02 -17.48 -44.93
CA LEU B 167 12.84 -17.76 -45.74
C LEU B 167 12.41 -16.53 -46.51
N CYS B 168 12.14 -16.71 -47.80
CA CYS B 168 11.67 -15.64 -48.65
C CYS B 168 10.16 -15.72 -48.81
N HIS B 169 9.48 -14.64 -48.48
CA HIS B 169 8.04 -14.60 -48.58
C HIS B 169 7.54 -13.64 -49.64
N ILE B 170 6.63 -14.11 -50.45
CA ILE B 170 5.92 -13.25 -51.39
C ILE B 170 4.53 -12.97 -50.83
N LEU B 171 4.14 -11.70 -50.81
CA LEU B 171 2.85 -11.32 -50.25
C LEU B 171 1.81 -11.14 -51.34
N TYR B 172 0.71 -11.88 -51.24
CA TYR B 172 -0.39 -11.75 -52.18
C TYR B 172 -1.09 -10.41 -51.97
N VAL B 173 -1.08 -9.92 -50.73
CA VAL B 173 -1.70 -8.64 -50.40
C VAL B 173 -0.64 -7.53 -50.43
N SER B 174 -0.88 -6.54 -51.29
CA SER B 174 0.03 -5.41 -51.44
C SER B 174 -0.41 -4.19 -50.63
N MET B 175 -1.60 -4.27 -50.05
CA MET B 175 -2.05 -3.23 -49.12
C MET B 175 -1.13 -3.24 -47.91
N GLN B 176 -0.93 -2.07 -47.31
CA GLN B 176 -0.03 -1.93 -46.17
C GLN B 176 -0.71 -1.20 -45.00
N LEU B 177 -1.80 -0.50 -45.29
CA LEU B 177 -2.52 0.25 -44.27
C LEU B 177 -4.01 0.32 -44.54
N MET B 178 -4.81 -0.08 -43.56
CA MET B 178 -6.24 0.14 -43.60
C MET B 178 -6.73 0.48 -42.19
N GLU B 179 -7.48 1.58 -42.10
CA GLU B 179 -7.97 2.07 -40.82
C GLU B 179 -9.34 2.73 -40.99
N GLY B 180 -10.13 2.74 -39.92
CA GLY B 180 -11.45 3.35 -39.94
C GLY B 180 -12.56 2.33 -39.89
N LYS B 181 -13.49 2.51 -38.96
CA LYS B 181 -14.59 1.56 -38.78
C LYS B 181 -15.49 1.51 -40.00
N LYS B 182 -15.33 2.49 -40.89
CA LYS B 182 -16.06 2.49 -42.15
C LYS B 182 -15.50 1.43 -43.10
N TYR B 183 -14.26 1.02 -42.88
CA TYR B 183 -13.55 0.15 -43.81
C TYR B 183 -13.14 -1.20 -43.22
N CYS B 184 -12.86 -1.23 -41.92
CA CYS B 184 -12.33 -2.43 -41.30
C CYS B 184 -12.61 -2.48 -39.80
N SER B 185 -12.48 -3.68 -39.23
CA SER B 185 -12.79 -3.92 -37.83
C SER B 185 -11.54 -4.06 -36.97
N VAL B 186 -11.70 -3.78 -35.68
CA VAL B 186 -10.66 -3.96 -34.68
C VAL B 186 -11.12 -5.02 -33.69
N LYS B 187 -10.37 -6.10 -33.60
CA LYS B 187 -10.74 -7.24 -32.76
C LYS B 187 -12.16 -7.72 -33.05
N GLY B 188 -12.57 -7.61 -34.30
CA GLY B 188 -13.86 -8.13 -34.73
C GLY B 188 -15.01 -7.14 -34.67
N GLU B 189 -14.71 -5.91 -34.28
CA GLU B 189 -15.74 -4.86 -34.14
C GLU B 189 -15.56 -3.73 -35.16
N PRO B 190 -16.59 -3.46 -35.98
CA PRO B 190 -17.90 -4.13 -36.09
C PRO B 190 -17.83 -5.44 -36.87
N PRO B 191 -18.70 -6.41 -36.54
CA PRO B 191 -18.61 -7.75 -37.15
C PRO B 191 -19.13 -7.85 -38.59
N ASP B 192 -19.73 -6.78 -39.11
CA ASP B 192 -20.26 -6.81 -40.47
C ASP B 192 -19.15 -6.69 -41.52
N LEU B 193 -17.96 -6.29 -41.07
CA LEU B 193 -16.88 -5.96 -42.00
C LEU B 193 -15.99 -7.15 -42.35
N THR B 194 -15.63 -7.23 -43.62
CA THR B 194 -14.77 -8.28 -44.14
C THR B 194 -13.36 -8.14 -43.62
N TRP B 195 -12.82 -6.93 -43.73
CA TRP B 195 -11.42 -6.68 -43.41
C TRP B 195 -11.17 -6.29 -41.96
N TYR B 196 -10.12 -6.87 -41.40
CA TYR B 196 -9.54 -6.41 -40.15
C TYR B 196 -8.66 -5.20 -40.46
N CYS B 197 -8.44 -4.34 -39.48
CA CYS B 197 -7.54 -3.21 -39.68
C CYS B 197 -6.09 -3.64 -39.54
N PHE B 198 -5.19 -2.90 -40.15
CA PHE B 198 -3.77 -3.22 -40.06
C PHE B 198 -2.92 -2.03 -40.45
N LYS B 199 -1.66 -2.04 -40.03
CA LYS B 199 -0.77 -0.95 -40.41
C LYS B 199 0.70 -1.34 -40.33
N PRO B 200 1.56 -0.58 -41.02
CA PRO B 200 3.00 -0.86 -40.96
C PRO B 200 3.60 -0.49 -39.61
N ARG B 201 4.54 -1.28 -39.12
CA ARG B 201 5.22 -1.02 -37.87
C ARG B 201 6.67 -1.45 -37.88
N LYS B 202 7.45 -0.83 -37.00
CA LYS B 202 8.80 -1.21 -36.72
C LYS B 202 8.72 -1.31 -35.20
N SER B 203 9.42 -2.27 -34.62
CA SER B 203 9.38 -2.49 -33.19
C SER B 203 10.76 -2.36 -32.57
N VAL B 204 10.82 -1.88 -31.33
CA VAL B 204 12.10 -1.68 -30.66
C VAL B 204 12.79 -3.01 -30.35
N THR B 205 12.02 -4.09 -30.27
CA THR B 205 12.58 -5.41 -30.00
C THR B 205 12.20 -6.47 -31.02
N GLU B 206 11.00 -6.37 -31.60
CA GLU B 206 10.45 -7.46 -32.42
C GLU B 206 10.67 -7.32 -33.92
N ASN B 207 10.84 -8.44 -34.58
CA ASN B 207 10.84 -8.53 -36.05
C ASN B 207 11.94 -7.72 -36.76
N HIS B 208 13.09 -7.57 -36.11
CA HIS B 208 14.22 -6.88 -36.75
C HIS B 208 14.78 -7.70 -37.91
N HIS B 209 14.48 -9.00 -37.91
CA HIS B 209 15.00 -9.95 -38.89
CA HIS B 209 15.02 -9.90 -38.91
C HIS B 209 14.12 -10.01 -40.14
N LEU B 210 13.00 -9.31 -40.12
CA LEU B 210 12.11 -9.24 -41.29
C LEU B 210 12.49 -8.05 -42.14
N ILE B 211 12.62 -8.27 -43.45
CA ILE B 211 12.93 -7.19 -44.37
C ILE B 211 11.88 -7.10 -45.47
N TYR B 212 11.15 -5.99 -45.48
CA TYR B 212 10.06 -5.75 -46.43
C TYR B 212 10.59 -5.03 -47.68
N GLY B 213 10.12 -5.44 -48.85
CA GLY B 213 10.48 -4.72 -50.06
C GLY B 213 9.49 -4.91 -51.19
N SER B 214 9.48 -3.97 -52.13
CA SER B 214 8.74 -4.18 -53.38
C SER B 214 9.54 -5.17 -54.20
N ALA B 215 8.94 -5.73 -55.25
CA ALA B 215 9.64 -6.68 -56.08
C ALA B 215 10.78 -6.04 -56.84
N TYR B 216 10.68 -4.73 -56.99
CA TYR B 216 11.63 -3.94 -57.73
C TYR B 216 12.99 -3.69 -57.09
N VAL B 217 13.20 -4.18 -55.88
CA VAL B 217 14.53 -4.14 -55.30
C VAL B 217 15.34 -5.25 -56.01
N GLY B 218 14.61 -6.22 -56.56
CA GLY B 218 15.15 -7.34 -57.29
C GLY B 218 15.43 -7.07 -58.76
N GLU B 219 15.07 -5.90 -59.27
CA GLU B 219 15.33 -5.60 -60.67
C GLU B 219 16.85 -5.62 -60.89
N ASN B 220 17.58 -4.99 -60.00
CA ASN B 220 19.02 -4.93 -60.00
C ASN B 220 19.36 -5.36 -58.60
N PRO B 221 19.41 -6.67 -58.41
CA PRO B 221 19.58 -7.28 -57.10
C PRO B 221 20.82 -6.93 -56.28
N ASP B 222 21.90 -6.49 -56.90
CA ASP B 222 23.07 -6.14 -56.12
C ASP B 222 23.19 -4.65 -55.82
N ALA B 223 22.34 -3.83 -56.44
CA ALA B 223 22.43 -2.38 -56.28
C ALA B 223 22.27 -1.93 -54.83
N PHE B 224 21.26 -2.47 -54.15
CA PHE B 224 20.90 -2.04 -52.80
C PHE B 224 22.09 -2.07 -51.85
N ILE B 225 23.05 -2.94 -52.14
CA ILE B 225 24.24 -3.08 -51.33
C ILE B 225 25.01 -1.76 -51.20
N SER B 226 24.98 -0.95 -52.26
CA SER B 226 25.79 0.27 -52.29
C SER B 226 24.95 1.55 -52.38
N LYS B 227 23.70 1.41 -52.81
CA LYS B 227 22.85 2.56 -53.10
C LYS B 227 21.79 2.81 -52.03
N CYS B 228 21.67 1.89 -51.07
CA CYS B 228 20.68 2.02 -50.00
C CYS B 228 21.34 2.10 -48.62
N PRO B 229 20.74 2.87 -47.70
CA PRO B 229 21.32 3.02 -46.36
C PRO B 229 20.86 1.91 -45.42
N ASN B 230 21.36 0.69 -45.65
CA ASN B 230 20.85 -0.49 -44.98
C ASN B 230 21.10 -0.50 -43.48
N GLN B 231 22.21 0.10 -43.05
CA GLN B 231 22.59 0.10 -41.64
C GLN B 231 22.55 1.49 -41.02
N ALA B 232 22.32 1.53 -39.72
CA ALA B 232 22.43 2.75 -38.95
C ALA B 232 23.87 3.24 -38.96
N LEU B 233 24.04 4.56 -38.83
CA LEU B 233 25.38 5.17 -38.84
C LEU B 233 25.77 5.63 -37.45
N ARG B 234 26.71 4.92 -36.82
CA ARG B 234 27.12 5.22 -35.46
C ARG B 234 28.14 6.36 -35.41
N GLY B 235 28.02 7.22 -34.40
CA GLY B 235 29.03 8.23 -34.14
C GLY B 235 28.93 9.50 -34.96
N TYR B 236 27.87 9.62 -35.75
CA TYR B 236 27.66 10.82 -36.56
C TYR B 236 26.20 11.27 -36.53
N ARG B 237 26.02 12.58 -36.65
CA ARG B 237 24.71 13.20 -36.82
C ARG B 237 24.56 13.63 -38.26
N PHE B 238 23.44 13.27 -38.89
CA PHE B 238 23.10 13.76 -40.20
C PHE B 238 23.09 15.28 -40.19
N GLY B 239 23.63 15.89 -41.25
CA GLY B 239 23.62 17.33 -41.35
C GLY B 239 23.54 17.83 -42.79
N VAL B 240 23.20 19.11 -42.91
CA VAL B 240 23.17 19.78 -44.20
C VAL B 240 24.28 20.82 -44.26
N TRP B 241 24.88 20.96 -45.42
CA TRP B 241 25.96 21.91 -45.59
C TRP B 241 25.42 23.29 -45.89
N LYS B 242 25.60 24.20 -44.95
CA LYS B 242 25.12 25.55 -45.12
C LYS B 242 26.11 26.60 -44.66
N LYS B 243 26.29 27.62 -45.49
CA LYS B 243 27.15 28.72 -45.14
C LYS B 243 28.56 28.37 -44.70
N GLY B 244 29.20 27.49 -45.43
CA GLY B 244 30.57 27.12 -45.11
C GLY B 244 30.74 26.09 -44.02
N ARG B 245 29.65 25.57 -43.45
CA ARG B 245 29.79 24.54 -42.43
C ARG B 245 28.63 23.54 -42.40
N CYS B 246 28.85 22.45 -41.68
CA CYS B 246 27.88 21.38 -41.59
C CYS B 246 26.95 21.60 -40.39
N LEU B 247 25.67 21.80 -40.68
CA LEU B 247 24.67 21.96 -39.63
C LEU B 247 23.90 20.66 -39.43
N ASP B 248 24.04 20.07 -38.23
CA ASP B 248 23.26 18.90 -37.89
C ASP B 248 21.80 19.34 -37.74
N TYR B 249 20.89 18.39 -37.76
CA TYR B 249 19.46 18.69 -37.83
C TYR B 249 18.97 19.60 -36.70
N THR B 250 19.57 19.50 -35.52
CA THR B 250 19.08 20.26 -34.37
C THR B 250 19.31 21.77 -34.53
N GLU B 251 20.12 22.16 -35.51
CA GLU B 251 20.38 23.57 -35.78
C GLU B 251 19.41 24.12 -36.83
N LEU B 252 18.51 23.27 -37.32
CA LEU B 252 17.53 23.68 -38.32
C LEU B 252 16.17 23.88 -37.67
N THR B 253 15.46 24.91 -38.11
CA THR B 253 14.19 25.28 -37.50
C THR B 253 13.12 24.20 -37.65
N ASP B 254 12.95 23.72 -38.88
CA ASP B 254 11.87 22.79 -39.20
C ASP B 254 12.12 21.37 -38.67
N THR B 255 13.25 21.17 -37.99
CA THR B 255 13.56 19.87 -37.41
C THR B 255 12.64 19.56 -36.25
N VAL B 256 12.22 18.30 -36.15
CA VAL B 256 11.36 17.87 -35.05
C VAL B 256 12.20 17.14 -33.99
N ILE B 257 12.12 17.63 -32.76
CA ILE B 257 12.88 17.06 -31.65
C ILE B 257 11.93 16.41 -30.66
N GLU B 258 12.19 15.15 -30.35
CA GLU B 258 11.32 14.39 -29.44
C GLU B 258 12.11 13.64 -28.38
N ARG B 259 11.50 13.51 -27.21
CA ARG B 259 12.07 12.71 -26.13
C ARG B 259 12.03 11.22 -26.46
N VAL B 260 13.07 10.50 -26.06
CA VAL B 260 13.08 9.05 -26.19
C VAL B 260 13.82 8.45 -25.00
N GLU B 261 13.46 7.21 -24.66
CA GLU B 261 14.12 6.48 -23.58
C GLU B 261 15.26 5.62 -24.10
N SER B 262 15.36 5.50 -25.42
CA SER B 262 16.40 4.68 -26.05
C SER B 262 16.55 5.02 -27.53
N LYS B 263 17.67 4.62 -28.11
CA LYS B 263 17.96 4.91 -29.51
C LYS B 263 17.06 4.11 -30.47
N ALA B 264 16.63 2.94 -30.02
CA ALA B 264 15.73 2.11 -30.80
C ALA B 264 14.39 2.83 -31.03
N GLN B 265 13.94 3.56 -30.02
CA GLN B 265 12.71 4.35 -30.16
C GLN B 265 12.86 5.41 -31.25
N CYS B 266 14.03 6.04 -31.31
CA CYS B 266 14.33 7.01 -32.35
C CYS B 266 14.34 6.34 -33.72
N TRP B 267 15.02 5.20 -33.80
CA TRP B 267 15.01 4.40 -35.02
C TRP B 267 13.58 4.11 -35.48
N VAL B 268 12.73 3.65 -34.56
CA VAL B 268 11.32 3.44 -34.87
C VAL B 268 10.62 4.74 -35.30
N LYS B 269 10.93 5.83 -34.60
CA LYS B 269 10.34 7.12 -34.93
C LYS B 269 10.69 7.59 -36.34
N THR B 270 11.91 7.34 -36.80
CA THR B 270 12.25 7.73 -38.17
C THR B 270 11.37 7.05 -39.22
N PHE B 271 10.76 5.93 -38.86
CA PHE B 271 9.84 5.22 -39.75
C PHE B 271 8.38 5.53 -39.47
N GLU B 272 8.03 5.70 -38.19
CA GLU B 272 6.62 5.84 -37.82
C GLU B 272 6.10 7.28 -37.66
N ASN B 273 6.95 8.29 -37.75
CA ASN B 273 6.48 9.67 -37.59
C ASN B 273 5.58 10.07 -38.77
N ASP B 274 4.72 11.07 -38.53
CA ASP B 274 3.64 11.38 -39.48
C ASP B 274 4.13 12.00 -40.80
N GLY B 275 5.41 12.34 -40.87
CA GLY B 275 5.97 12.99 -42.05
C GLY B 275 6.70 12.05 -43.00
N VAL B 276 6.84 10.79 -42.63
CA VAL B 276 7.58 9.82 -43.44
C VAL B 276 6.93 9.63 -44.81
N ALA B 277 7.76 9.46 -45.84
CA ALA B 277 7.27 9.25 -47.19
C ALA B 277 6.23 8.14 -47.24
N SER B 278 5.04 8.46 -47.73
CA SER B 278 3.93 7.53 -47.78
C SER B 278 3.06 7.76 -49.01
N ASP B 279 2.58 6.67 -49.60
CA ASP B 279 1.75 6.74 -50.79
C ASP B 279 0.29 6.43 -50.47
N GLN B 280 -0.02 6.34 -49.18
CA GLN B 280 -1.39 6.09 -48.73
C GLN B 280 -2.30 7.26 -49.13
N PRO B 281 -3.55 6.97 -49.53
CA PRO B 281 -4.50 8.06 -49.83
C PRO B 281 -4.78 8.94 -48.63
N ASP B 289 -7.83 9.33 -54.75
CA ASP B 289 -6.56 9.92 -54.35
C ASP B 289 -5.48 8.86 -54.30
N GLN B 290 -4.42 9.07 -55.08
CA GLN B 290 -3.31 8.11 -55.16
C GLN B 290 -1.98 8.85 -55.17
N PRO B 291 -1.59 9.40 -54.01
CA PRO B 291 -0.37 10.20 -53.91
C PRO B 291 0.90 9.38 -54.14
N HIS B 292 1.87 9.98 -54.83
CA HIS B 292 3.19 9.40 -55.01
C HIS B 292 4.23 10.28 -54.32
N SER B 293 4.70 9.84 -53.15
CA SER B 293 5.69 10.58 -52.40
C SER B 293 6.99 10.72 -53.18
N GLY B 294 7.36 9.67 -53.92
CA GLY B 294 8.61 9.65 -54.65
C GLY B 294 9.81 9.58 -53.72
N GLY B 295 9.57 9.18 -52.47
CA GLY B 295 10.62 9.06 -51.49
C GLY B 295 10.84 10.31 -50.66
N VAL B 296 10.10 11.36 -50.95
CA VAL B 296 10.21 12.63 -50.22
C VAL B 296 9.46 12.55 -48.89
N GLY B 297 10.10 12.99 -47.80
CA GLY B 297 9.47 13.02 -46.50
C GLY B 297 10.42 13.08 -45.34
N ARG B 298 9.88 13.17 -44.12
CA ARG B 298 10.69 13.23 -42.91
CA ARG B 298 10.69 13.24 -42.92
C ARG B 298 11.26 11.85 -42.62
N ASN B 299 12.20 11.43 -43.45
CA ASN B 299 12.75 10.08 -43.41
C ASN B 299 14.03 9.96 -42.61
N TYR B 300 14.60 11.08 -42.19
CA TYR B 300 15.94 11.05 -41.61
C TYR B 300 15.94 11.48 -40.16
N GLY B 301 16.72 10.78 -39.34
CA GLY B 301 16.82 11.20 -37.97
C GLY B 301 18.07 10.73 -37.27
N PHE B 302 18.28 11.23 -36.04
CA PHE B 302 19.31 10.64 -35.22
C PHE B 302 19.01 10.73 -33.74
N TYR B 303 19.48 9.71 -33.02
CA TYR B 303 19.48 9.70 -31.58
C TYR B 303 20.70 10.46 -31.11
N TYR B 304 20.51 11.31 -30.10
CA TYR B 304 21.63 11.96 -29.43
C TYR B 304 21.32 12.18 -27.95
N VAL B 305 22.37 12.41 -27.18
CA VAL B 305 22.25 12.70 -25.75
C VAL B 305 22.49 14.19 -25.53
N ASP B 306 21.50 14.88 -24.97
CA ASP B 306 21.60 16.33 -24.79
C ASP B 306 22.55 16.66 -23.64
N THR B 307 22.73 17.94 -23.38
CA THR B 307 23.62 18.40 -22.32
C THR B 307 23.19 17.86 -20.97
N THR B 308 21.90 17.68 -20.80
CA THR B 308 21.33 17.14 -19.59
C THR B 308 21.54 15.64 -19.41
N GLY B 309 21.95 14.92 -20.45
CA GLY B 309 22.11 13.48 -20.32
C GLY B 309 20.87 12.66 -20.63
N GLU B 310 19.87 13.28 -21.21
CA GLU B 310 18.63 12.62 -21.59
C GLU B 310 18.58 12.31 -23.08
N GLY B 311 17.97 11.20 -23.42
CA GLY B 311 17.88 10.77 -24.81
C GLY B 311 16.96 11.64 -25.64
N LYS B 312 17.46 12.07 -26.79
CA LYS B 312 16.67 12.88 -27.72
C LYS B 312 16.74 12.30 -29.13
N CYS B 313 15.65 12.49 -29.86
CA CYS B 313 15.55 12.08 -31.26
C CYS B 313 15.26 13.27 -32.13
N ALA B 314 16.14 13.51 -33.10
CA ALA B 314 15.97 14.61 -34.05
C ALA B 314 15.53 14.04 -35.40
N LEU B 315 14.46 14.60 -35.96
CA LEU B 315 13.86 14.12 -37.20
C LEU B 315 13.76 15.23 -38.24
N SER B 316 14.09 14.89 -39.49
CA SER B 316 14.12 15.83 -40.59
C SER B 316 13.78 15.18 -41.94
N ASP B 317 13.31 16.01 -42.87
CA ASP B 317 13.05 15.62 -44.25
C ASP B 317 14.15 16.16 -45.17
N GLN B 318 15.17 16.77 -44.57
CA GLN B 318 16.32 17.27 -45.31
C GLN B 318 17.29 16.13 -45.61
N VAL B 319 17.47 15.82 -46.89
CA VAL B 319 18.43 14.81 -47.28
C VAL B 319 19.83 15.21 -46.79
N PRO B 320 20.47 14.35 -45.98
CA PRO B 320 21.78 14.74 -45.45
C PRO B 320 22.84 14.77 -46.53
N ASP B 321 23.68 15.81 -46.55
CA ASP B 321 24.82 15.85 -47.45
C ASP B 321 26.10 16.14 -46.67
N CYS B 322 26.00 16.17 -45.34
CA CYS B 322 27.20 16.13 -44.52
C CYS B 322 26.94 15.52 -43.14
N LEU B 323 28.00 15.30 -42.39
CA LEU B 323 27.91 14.65 -41.08
C LEU B 323 28.58 15.49 -40.02
N VAL B 324 28.06 15.40 -38.79
CA VAL B 324 28.69 16.04 -37.63
C VAL B 324 29.09 14.96 -36.63
N SER B 325 30.35 14.98 -36.20
CA SER B 325 30.85 13.94 -35.31
C SER B 325 30.26 14.06 -33.90
N ASP B 326 29.78 12.93 -33.39
CA ASP B 326 29.24 12.85 -32.04
C ASP B 326 29.19 11.38 -31.63
N SER B 327 30.14 11.00 -30.77
CA SER B 327 30.39 9.60 -30.48
C SER B 327 29.18 8.86 -29.90
N ALA B 328 28.31 9.60 -29.22
CA ALA B 328 27.13 9.00 -28.60
C ALA B 328 25.92 9.04 -29.52
N ALA B 329 26.04 9.72 -30.65
CA ALA B 329 24.93 9.87 -31.57
C ALA B 329 24.79 8.66 -32.50
N VAL B 330 23.57 8.41 -32.96
CA VAL B 330 23.33 7.40 -33.99
C VAL B 330 22.29 7.89 -34.99
N SER B 331 22.67 7.88 -36.27
CA SER B 331 21.80 8.37 -37.34
C SER B 331 21.05 7.24 -38.04
N TYR B 332 19.72 7.39 -38.09
CA TYR B 332 18.84 6.42 -38.72
C TYR B 332 18.06 7.00 -39.89
N THR B 333 17.58 6.10 -40.75
CA THR B 333 16.63 6.45 -41.80
C THR B 333 15.43 5.52 -41.71
N ALA B 334 14.33 5.90 -42.37
CA ALA B 334 13.11 5.10 -42.35
C ALA B 334 13.31 3.74 -43.01
N ALA B 335 14.33 3.62 -43.86
CA ALA B 335 14.58 2.40 -44.60
C ALA B 335 15.52 1.43 -43.87
N GLY B 336 16.45 2.00 -43.12
CA GLY B 336 17.54 1.21 -42.55
C GLY B 336 17.21 0.44 -41.29
N SER B 337 18.21 -0.32 -40.82
CA SER B 337 18.06 -1.16 -39.65
C SER B 337 18.51 -0.47 -38.37
N LEU B 338 18.14 -1.05 -37.24
CA LEU B 338 18.58 -0.56 -35.94
C LEU B 338 20.08 -0.78 -35.78
N SER B 339 20.55 -1.93 -36.26
CA SER B 339 21.94 -2.32 -36.08
C SER B 339 22.88 -1.51 -36.97
N GLU B 340 24.09 -1.26 -36.48
CA GLU B 340 25.12 -0.58 -37.23
C GLU B 340 26.03 -1.59 -37.94
N GLU B 341 25.91 -2.86 -37.55
CA GLU B 341 26.73 -3.93 -38.10
C GLU B 341 26.17 -4.44 -39.42
N THR B 342 27.06 -4.73 -40.36
CA THR B 342 26.66 -5.33 -41.63
C THR B 342 26.51 -6.84 -41.46
N PRO B 343 25.28 -7.36 -41.61
CA PRO B 343 25.10 -8.82 -41.45
C PRO B 343 25.52 -9.60 -42.69
N ASN B 344 25.85 -10.88 -42.51
CA ASN B 344 26.42 -11.68 -43.58
C ASN B 344 25.49 -11.86 -44.78
N PHE B 345 24.19 -11.81 -44.56
CA PHE B 345 23.25 -12.12 -45.64
C PHE B 345 23.11 -10.97 -46.64
N ILE B 346 23.89 -9.91 -46.48
CA ILE B 346 24.02 -8.88 -47.52
C ILE B 346 25.49 -8.68 -47.90
N ILE B 347 26.34 -9.59 -47.46
CA ILE B 347 27.76 -9.56 -47.81
C ILE B 347 28.04 -10.56 -48.93
N PRO B 348 28.54 -10.09 -50.09
CA PRO B 348 28.84 -11.05 -51.16
C PRO B 348 30.06 -11.92 -50.82
N SER B 349 30.12 -13.11 -51.39
CA SER B 349 31.24 -14.02 -51.16
C SER B 349 32.53 -13.48 -51.75
N ASN B 350 32.41 -12.73 -52.85
CA ASN B 350 33.56 -12.17 -53.54
C ASN B 350 34.04 -10.88 -52.86
N PRO B 351 35.24 -10.90 -52.26
CA PRO B 351 35.71 -9.71 -51.53
C PRO B 351 35.97 -8.49 -52.42
N SER B 352 36.09 -8.73 -53.72
CA SER B 352 36.49 -7.67 -54.64
C SER B 352 35.37 -6.65 -54.87
N VAL B 353 34.13 -7.10 -54.75
CA VAL B 353 32.97 -6.26 -55.06
C VAL B 353 32.15 -5.91 -53.81
N THR B 354 32.83 -5.80 -52.67
CA THR B 354 32.21 -5.27 -51.46
C THR B 354 32.35 -3.75 -51.46
N PRO B 355 31.30 -3.03 -51.02
CA PRO B 355 31.40 -1.57 -50.99
C PRO B 355 32.23 -1.09 -49.80
N PRO B 356 32.62 0.18 -49.79
CA PRO B 356 33.31 0.71 -48.61
C PRO B 356 32.42 0.81 -47.39
N THR B 357 32.92 0.33 -46.25
CA THR B 357 32.25 0.54 -44.97
C THR B 357 32.37 2.02 -44.61
N PRO B 358 31.55 2.47 -43.65
CA PRO B 358 31.71 3.84 -43.14
C PRO B 358 33.14 4.11 -42.68
N GLU B 359 33.74 3.14 -41.99
CA GLU B 359 35.10 3.29 -41.49
C GLU B 359 36.10 3.45 -42.62
N THR B 360 35.77 2.91 -43.79
CA THR B 360 36.62 3.05 -44.98
C THR B 360 36.39 4.39 -45.65
N ALA B 361 35.14 4.68 -45.97
CA ALA B 361 34.77 5.91 -46.66
C ALA B 361 35.14 7.15 -45.84
N LEU B 362 35.15 6.99 -44.53
CA LEU B 362 35.43 8.11 -43.61
C LEU B 362 36.80 7.98 -42.96
N GLN B 363 37.67 7.18 -43.56
CA GLN B 363 39.02 6.97 -43.03
C GLN B 363 39.97 8.08 -43.46
N CYS B 364 41.01 8.26 -42.66
CA CYS B 364 42.07 9.21 -42.98
C CYS B 364 43.28 8.89 -42.11
N THR B 365 44.41 9.54 -42.43
CA THR B 365 45.61 9.42 -41.61
C THR B 365 46.08 10.83 -41.25
N ALA B 366 46.50 11.00 -40.00
CA ALA B 366 46.79 12.31 -39.42
C ALA B 366 47.70 13.18 -40.28
N ASP B 367 48.74 12.56 -40.84
CA ASP B 367 49.70 13.22 -41.71
C ASP B 367 49.19 13.68 -43.07
N LYS B 368 48.39 12.85 -43.71
CA LYS B 368 47.85 13.16 -45.04
C LYS B 368 46.61 14.04 -44.97
N PHE B 369 45.98 14.10 -43.79
CA PHE B 369 44.73 14.83 -43.60
C PHE B 369 44.92 15.95 -42.57
N PRO B 370 45.27 17.18 -43.04
CA PRO B 370 45.50 18.28 -42.11
C PRO B 370 44.22 18.99 -41.66
N ASP B 371 44.26 19.55 -40.46
CA ASP B 371 43.13 20.30 -39.92
C ASP B 371 42.77 21.47 -40.84
N SER B 372 41.50 21.53 -41.23
CA SER B 372 40.98 22.62 -42.05
C SER B 372 39.91 23.40 -41.29
N PHE B 373 40.12 24.70 -41.15
CA PHE B 373 39.11 25.60 -40.61
C PHE B 373 38.48 26.38 -41.76
N GLY B 374 37.18 26.63 -41.66
CA GLY B 374 36.44 27.35 -42.69
C GLY B 374 36.10 28.76 -42.26
N ALA B 375 35.58 29.55 -43.19
CA ALA B 375 35.18 30.92 -42.91
C ALA B 375 34.15 30.95 -41.80
N CYS B 376 34.23 31.96 -40.95
CA CYS B 376 33.31 32.11 -39.83
C CYS B 376 31.89 32.38 -40.31
N ASP B 377 30.95 31.53 -39.87
CA ASP B 377 29.53 31.80 -40.08
C ASP B 377 29.09 32.83 -39.05
N VAL B 378 28.96 34.08 -39.47
CA VAL B 378 28.74 35.19 -38.56
C VAL B 378 27.36 35.16 -37.90
N GLN B 379 26.39 34.56 -38.58
CA GLN B 379 25.03 34.48 -38.05
C GLN B 379 25.00 33.72 -36.73
N ALA B 380 25.78 32.63 -36.65
CA ALA B 380 25.84 31.80 -35.46
C ALA B 380 27.18 31.94 -34.75
N CYS B 381 28.15 32.53 -35.44
CA CYS B 381 29.47 32.81 -34.87
C CYS B 381 30.25 31.53 -34.55
N LYS B 382 30.14 30.55 -35.44
CA LYS B 382 30.92 29.33 -35.36
C LYS B 382 31.58 29.06 -36.71
N ARG B 383 32.50 28.10 -36.74
CA ARG B 383 33.17 27.74 -37.99
C ARG B 383 33.43 26.23 -38.08
N GLN B 384 33.49 25.74 -39.31
CA GLN B 384 33.73 24.33 -39.56
C GLN B 384 35.16 23.92 -39.20
N LYS B 385 35.27 22.87 -38.39
CA LYS B 385 36.55 22.21 -38.17
C LYS B 385 36.45 20.77 -38.67
N THR B 386 37.26 20.47 -39.67
CA THR B 386 37.39 19.13 -40.23
C THR B 386 38.80 18.62 -39.97
N SER B 387 38.90 17.46 -39.32
CA SER B 387 40.21 16.91 -38.98
C SER B 387 40.22 15.39 -38.95
N CYS B 388 41.39 14.82 -38.66
CA CYS B 388 41.53 13.38 -38.54
C CYS B 388 41.82 13.01 -37.09
N VAL B 389 40.98 12.13 -36.53
CA VAL B 389 41.15 11.66 -35.15
C VAL B 389 40.82 10.19 -35.08
N GLY B 390 41.67 9.43 -34.40
CA GLY B 390 41.51 8.00 -34.30
C GLY B 390 41.42 7.35 -35.66
N GLY B 391 42.07 7.98 -36.64
CA GLY B 391 42.05 7.48 -38.01
C GLY B 391 40.72 7.67 -38.71
N GLN B 392 39.87 8.53 -38.16
CA GLN B 392 38.57 8.83 -38.76
C GLN B 392 38.36 10.33 -38.94
N ILE B 393 37.61 10.68 -39.97
CA ILE B 393 37.27 12.09 -40.21
C ILE B 393 36.35 12.61 -39.12
N GLN B 394 36.82 13.64 -38.41
CA GLN B 394 36.00 14.34 -37.43
C GLN B 394 35.53 15.67 -38.04
N SER B 395 34.23 15.92 -37.95
CA SER B 395 33.62 17.13 -38.47
C SER B 395 32.79 17.80 -37.39
N THR B 396 33.20 19.00 -37.00
CA THR B 396 32.50 19.73 -35.94
C THR B 396 32.44 21.24 -36.22
N SER B 397 31.68 21.94 -35.39
CA SER B 397 31.64 23.40 -35.43
C SER B 397 32.29 23.96 -34.17
N VAL B 398 33.22 24.88 -34.34
CA VAL B 398 33.98 25.44 -33.23
C VAL B 398 33.93 26.96 -33.22
N ASP B 399 34.35 27.53 -32.10
CA ASP B 399 34.43 28.97 -31.94
C ASP B 399 35.30 29.60 -33.00
N CYS B 400 34.88 30.76 -33.49
CA CYS B 400 35.71 31.53 -34.39
C CYS B 400 36.85 32.17 -33.61
N THR B 401 37.90 32.60 -34.31
CA THR B 401 38.99 33.32 -33.65
C THR B 401 38.45 34.59 -33.03
N ALA B 402 39.07 35.04 -31.94
CA ALA B 402 38.62 36.24 -31.23
C ALA B 402 38.57 37.44 -32.17
N ASP B 403 39.37 37.39 -33.23
CA ASP B 403 39.32 38.39 -34.29
C ASP B 403 37.96 38.39 -34.98
N GLU B 404 37.57 37.23 -35.51
CA GLU B 404 36.34 37.07 -36.27
C GLU B 404 35.09 37.28 -35.42
N GLN B 405 35.25 37.20 -34.10
CA GLN B 405 34.11 37.30 -33.17
C GLN B 405 33.51 38.70 -33.09
N ASN B 406 34.06 39.64 -33.86
CA ASN B 406 33.60 41.02 -33.81
C ASN B 406 32.32 41.24 -34.62
N GLU B 407 32.20 40.58 -35.76
CA GLU B 407 31.06 40.79 -36.66
C GLU B 407 29.80 40.11 -36.14
N CYS B 408 29.96 39.18 -35.20
CA CYS B 408 28.84 38.41 -34.68
C CYS B 408 27.82 39.31 -33.98
N SER C 10 -17.58 -5.61 76.38
CA SER C 10 -18.77 -4.90 75.92
C SER C 10 -18.97 -3.60 76.69
N GLY C 11 -20.03 -2.87 76.35
CA GLY C 11 -20.26 -1.55 76.91
C GLY C 11 -19.69 -0.49 75.98
N ASN C 12 -19.72 -0.79 74.69
CA ASN C 12 -19.21 0.12 73.67
C ASN C 12 -19.96 1.46 73.71
N PRO C 13 -19.27 2.54 74.11
CA PRO C 13 -19.98 3.82 74.22
C PRO C 13 -20.42 4.37 72.86
N PHE C 14 -19.91 3.80 71.78
CA PHE C 14 -20.29 4.22 70.44
C PHE C 14 -21.45 3.39 69.89
N GLN C 15 -21.96 2.49 70.72
CA GLN C 15 -23.21 1.79 70.46
C GLN C 15 -24.19 2.06 71.60
N ALA C 16 -23.96 3.17 72.30
CA ALA C 16 -24.77 3.53 73.46
C ALA C 16 -26.20 3.85 73.07
N ASN C 17 -26.41 5.03 72.49
CA ASN C 17 -27.73 5.46 72.07
C ASN C 17 -27.97 5.23 70.58
N VAL C 18 -29.22 5.36 70.18
CA VAL C 18 -29.60 5.17 68.81
C VAL C 18 -28.88 6.16 67.92
N GLU C 19 -28.71 7.38 68.40
CA GLU C 19 -28.05 8.39 67.64
C GLU C 19 -26.60 8.03 67.35
N MET C 20 -25.89 7.51 68.35
CA MET C 20 -24.51 7.11 68.14
C MET C 20 -24.44 5.92 67.20
N LYS C 21 -25.34 4.96 67.39
CA LYS C 21 -25.41 3.80 66.51
C LYS C 21 -25.63 4.23 65.07
N THR C 22 -26.57 5.15 64.89
CA THR C 22 -26.89 5.71 63.59
C THR C 22 -25.66 6.37 62.99
N PHE C 23 -25.01 7.20 63.79
CA PHE C 23 -23.78 7.86 63.35
C PHE C 23 -22.73 6.85 62.91
N MET C 24 -22.50 5.82 63.72
CA MET C 24 -21.47 4.84 63.41
C MET C 24 -21.82 3.94 62.23
N GLU C 25 -23.08 3.66 62.03
CA GLU C 25 -23.52 2.82 60.92
C GLU C 25 -23.24 3.43 59.55
N ARG C 26 -23.11 4.75 59.52
CA ARG C 26 -22.85 5.44 58.28
C ARG C 26 -21.51 5.00 57.71
N PHE C 27 -20.62 4.51 58.56
CA PHE C 27 -19.29 4.11 58.09
C PHE C 27 -19.23 2.66 57.60
N ASN C 28 -20.36 1.97 57.62
CA ASN C 28 -20.42 0.60 57.11
C ASN C 28 -20.83 0.62 55.64
N LEU C 29 -19.85 0.56 54.75
CA LEU C 29 -20.09 0.65 53.31
C LEU C 29 -20.57 -0.68 52.75
N THR C 30 -20.40 -1.75 53.51
CA THR C 30 -20.95 -3.04 53.12
C THR C 30 -22.47 -3.05 53.28
N HIS C 31 -22.95 -2.23 54.22
CA HIS C 31 -24.36 -2.21 54.57
C HIS C 31 -25.17 -1.25 53.69
N HIS C 32 -24.73 0.00 53.63
CA HIS C 32 -25.48 1.05 52.94
C HIS C 32 -25.12 1.12 51.46
N HIS C 33 -23.84 1.26 51.15
CA HIS C 33 -23.39 1.38 49.76
C HIS C 33 -23.64 0.09 48.97
N GLN C 34 -23.15 -1.02 49.50
CA GLN C 34 -23.46 -2.37 49.00
C GLN C 34 -22.91 -2.68 47.60
N SER C 35 -21.89 -1.94 47.17
CA SER C 35 -21.32 -2.17 45.85
C SER C 35 -19.87 -1.73 45.79
N GLY C 36 -19.23 -1.93 44.64
CA GLY C 36 -17.89 -1.44 44.43
C GLY C 36 -17.83 0.06 44.60
N ILE C 37 -16.66 0.56 44.97
CA ILE C 37 -16.46 1.98 45.20
C ILE C 37 -15.48 2.55 44.19
N TYR C 38 -14.32 1.91 44.09
CA TYR C 38 -13.33 2.25 43.07
C TYR C 38 -13.96 2.08 41.69
N VAL C 39 -14.40 0.85 41.41
CA VAL C 39 -15.23 0.56 40.24
C VAL C 39 -16.56 -0.01 40.70
N ASP C 40 -17.65 0.64 40.33
CA ASP C 40 -18.99 0.23 40.73
C ASP C 40 -19.74 -0.39 39.55
N LEU C 41 -19.94 -1.70 39.62
CA LEU C 41 -20.71 -2.42 38.60
C LEU C 41 -21.52 -3.52 39.28
N GLY C 42 -22.26 -3.12 40.31
CA GLY C 42 -22.87 -4.07 41.23
C GLY C 42 -24.11 -4.78 40.73
N GLN C 43 -24.76 -4.23 39.70
CA GLN C 43 -25.99 -4.82 39.20
C GLN C 43 -25.88 -5.29 37.75
N ASP C 44 -26.76 -6.20 37.38
CA ASP C 44 -26.89 -6.64 35.99
C ASP C 44 -28.31 -6.34 35.52
N LYS C 45 -28.43 -5.85 34.29
CA LYS C 45 -29.73 -5.49 33.73
C LYS C 45 -29.83 -5.94 32.29
N GLU C 46 -31.01 -6.42 31.93
CA GLU C 46 -31.28 -6.89 30.57
C GLU C 46 -31.80 -5.77 29.69
N VAL C 47 -31.19 -5.64 28.52
CA VAL C 47 -31.67 -4.74 27.48
C VAL C 47 -31.63 -5.51 26.16
N ASP C 48 -32.78 -5.55 25.48
CA ASP C 48 -32.91 -6.29 24.23
C ASP C 48 -32.43 -7.73 24.39
N GLY C 49 -32.78 -8.34 25.51
CA GLY C 49 -32.42 -9.72 25.78
C GLY C 49 -30.94 -9.95 26.05
N THR C 50 -30.17 -8.88 26.20
CA THR C 50 -28.74 -9.00 26.51
C THR C 50 -28.45 -8.40 27.88
N LEU C 51 -27.57 -9.07 28.63
CA LEU C 51 -27.22 -8.64 29.98
C LEU C 51 -26.08 -7.62 29.98
N TYR C 52 -26.27 -6.53 30.74
CA TYR C 52 -25.25 -5.51 30.89
C TYR C 52 -25.01 -5.20 32.35
N ARG C 53 -23.77 -4.84 32.68
CA ARG C 53 -23.42 -4.47 34.04
C ARG C 53 -23.83 -3.02 34.31
N GLU C 54 -24.16 -2.74 35.56
CA GLU C 54 -24.73 -1.45 35.93
C GLU C 54 -24.23 -1.01 37.31
N PRO C 55 -23.75 0.24 37.43
CA PRO C 55 -23.41 0.76 38.75
C PRO C 55 -24.63 0.75 39.67
N ALA C 56 -24.45 0.34 40.92
CA ALA C 56 -25.58 0.06 41.81
C ALA C 56 -25.41 0.69 43.20
N GLY C 57 -24.24 1.28 43.46
CA GLY C 57 -23.93 1.85 44.76
C GLY C 57 -24.93 2.89 45.23
N LEU C 58 -25.19 2.90 46.53
CA LEU C 58 -26.21 3.76 47.12
C LEU C 58 -25.65 5.02 47.75
N CYS C 59 -24.33 5.11 47.88
CA CYS C 59 -23.69 6.29 48.43
C CYS C 59 -22.98 7.08 47.32
N PRO C 60 -22.98 8.42 47.44
CA PRO C 60 -22.18 9.23 46.52
C PRO C 60 -20.69 9.14 46.85
N ILE C 61 -19.84 9.15 45.84
CA ILE C 61 -18.40 9.07 46.02
C ILE C 61 -17.79 10.45 45.80
N TRP C 62 -17.42 11.10 46.90
CA TRP C 62 -16.93 12.48 46.87
C TRP C 62 -15.53 12.58 46.28
N GLY C 63 -15.38 13.40 45.25
CA GLY C 63 -14.08 13.68 44.67
C GLY C 63 -13.67 12.69 43.58
N LYS C 64 -14.46 11.65 43.38
CA LYS C 64 -14.14 10.63 42.40
C LYS C 64 -14.35 11.17 40.99
N HIS C 65 -13.32 11.03 40.15
CA HIS C 65 -13.48 11.34 38.73
C HIS C 65 -12.77 10.28 37.90
N ILE C 66 -13.10 10.21 36.61
CA ILE C 66 -12.45 9.26 35.72
C ILE C 66 -11.36 9.97 34.94
N GLU C 67 -10.12 9.59 35.22
CA GLU C 67 -8.96 10.14 34.52
C GLU C 67 -8.77 9.41 33.19
N LEU C 68 -8.71 10.21 32.12
CA LEU C 68 -8.55 9.72 30.76
C LEU C 68 -7.09 9.78 30.30
N GLN C 69 -6.74 8.97 29.31
CA GLN C 69 -5.39 8.94 28.76
C GLN C 69 -5.40 9.17 27.25
N GLN C 70 -6.07 10.23 26.82
CA GLN C 70 -6.04 10.64 25.42
C GLN C 70 -4.75 11.40 25.14
N PRO C 71 -4.39 11.56 23.86
CA PRO C 71 -3.23 12.41 23.54
C PRO C 71 -3.41 13.82 24.10
N ASP C 72 -2.32 14.45 24.53
CA ASP C 72 -2.39 15.77 25.16
C ASP C 72 -2.31 16.89 24.14
N ARG C 73 -3.27 16.91 23.22
CA ARG C 73 -3.38 18.00 22.26
C ARG C 73 -4.76 17.97 21.59
N PRO C 74 -5.21 19.12 21.06
CA PRO C 74 -6.48 19.20 20.34
C PRO C 74 -6.63 18.08 19.30
N PRO C 75 -7.86 17.55 19.13
CA PRO C 75 -9.12 17.95 19.74
C PRO C 75 -9.39 17.32 21.11
N TYR C 76 -8.41 16.61 21.67
CA TYR C 76 -8.62 15.91 22.95
C TYR C 76 -8.49 16.86 24.14
N ARG C 77 -9.41 16.72 25.10
CA ARG C 77 -9.42 17.56 26.31
C ARG C 77 -9.05 16.78 27.57
N ASN C 78 -9.06 15.46 27.49
CA ASN C 78 -8.83 14.60 28.66
C ASN C 78 -9.74 15.00 29.83
N ASN C 79 -11.03 15.04 29.54
CA ASN C 79 -12.05 15.43 30.51
C ASN C 79 -13.28 14.57 30.30
N PHE C 80 -13.56 13.69 31.27
CA PHE C 80 -14.62 12.71 31.09
C PHE C 80 -16.01 13.35 31.12
N LEU C 81 -16.08 14.62 31.51
CA LEU C 81 -17.36 15.34 31.51
C LEU C 81 -17.67 15.95 30.14
N GLU C 82 -16.73 15.85 29.20
CA GLU C 82 -16.99 16.26 27.82
C GLU C 82 -18.00 15.31 27.20
N ASP C 83 -18.79 15.82 26.25
CA ASP C 83 -19.76 15.00 25.53
C ASP C 83 -19.11 13.77 24.90
N VAL C 84 -19.86 12.68 24.86
CA VAL C 84 -19.45 11.52 24.06
C VAL C 84 -19.32 11.98 22.62
N PRO C 85 -18.38 11.39 21.87
CA PRO C 85 -18.11 11.85 20.52
C PRO C 85 -19.13 11.35 19.50
N THR C 86 -19.44 12.16 18.50
CA THR C 86 -20.21 11.71 17.36
C THR C 86 -19.28 10.94 16.43
N GLU C 87 -19.86 10.18 15.51
CA GLU C 87 -19.05 9.42 14.55
C GLU C 87 -18.21 10.37 13.70
N LYS C 88 -18.80 11.51 13.33
CA LYS C 88 -18.11 12.50 12.52
C LYS C 88 -16.87 13.06 13.22
N GLU C 89 -17.04 13.43 14.49
CA GLU C 89 -15.92 13.92 15.30
C GLU C 89 -14.83 12.86 15.42
N TYR C 90 -15.26 11.61 15.57
CA TYR C 90 -14.33 10.48 15.68
C TYR C 90 -13.55 10.33 14.38
N LYS C 91 -14.25 10.41 13.25
CA LYS C 91 -13.61 10.38 11.94
C LYS C 91 -12.65 11.56 11.79
N GLN C 92 -13.06 12.72 12.27
CA GLN C 92 -12.22 13.92 12.16
C GLN C 92 -10.98 13.85 13.06
N SER C 93 -11.11 13.25 14.24
CA SER C 93 -9.97 13.16 15.15
C SER C 93 -9.00 12.04 14.76
N GLY C 94 -9.56 10.90 14.36
CA GLY C 94 -8.79 9.68 14.24
C GLY C 94 -8.63 9.06 15.61
N ASN C 95 -8.01 7.89 15.68
CA ASN C 95 -7.84 7.17 16.94
C ASN C 95 -7.00 7.94 17.96
N PRO C 96 -7.37 7.84 19.25
CA PRO C 96 -8.54 7.16 19.83
C PRO C 96 -9.77 8.05 19.85
N LEU C 97 -10.88 7.52 20.37
CA LEU C 97 -12.10 8.29 20.56
C LEU C 97 -11.81 9.62 21.26
N PRO C 98 -12.32 10.73 20.70
CA PRO C 98 -12.21 12.00 21.41
C PRO C 98 -13.39 12.20 22.36
N GLY C 99 -13.52 13.39 22.93
CA GLY C 99 -14.63 13.69 23.82
C GLY C 99 -14.51 13.00 25.17
N GLY C 100 -15.64 12.82 25.85
CA GLY C 100 -15.67 12.24 27.18
C GLY C 100 -16.80 11.25 27.36
N PHE C 101 -17.36 11.23 28.57
CA PHE C 101 -18.39 10.27 28.95
C PHE C 101 -19.79 10.87 29.01
N ASN C 102 -19.88 12.20 28.88
CA ASN C 102 -21.15 12.89 29.13
C ASN C 102 -22.22 12.59 28.09
N LEU C 103 -23.44 12.34 28.57
CA LEU C 103 -24.58 12.09 27.71
C LEU C 103 -24.94 13.34 26.92
N ASN C 104 -25.00 13.21 25.59
CA ASN C 104 -25.22 14.37 24.72
C ASN C 104 -26.58 14.36 24.03
N PHE C 105 -27.50 13.50 24.49
CA PHE C 105 -28.82 13.41 23.88
C PHE C 105 -29.62 14.68 24.17
N VAL C 106 -30.60 14.96 23.31
CA VAL C 106 -31.40 16.17 23.43
C VAL C 106 -32.89 15.90 23.21
N THR C 107 -33.72 16.81 23.71
CA THR C 107 -35.14 16.77 23.42
C THR C 107 -35.37 17.11 21.96
N PRO C 108 -36.58 16.88 21.44
CA PRO C 108 -36.87 17.26 20.04
C PRO C 108 -36.59 18.73 19.75
N SER C 109 -36.73 19.59 20.75
CA SER C 109 -36.50 21.02 20.57
C SER C 109 -35.03 21.39 20.71
N GLY C 110 -34.19 20.42 21.08
CA GLY C 110 -32.76 20.63 21.14
C GLY C 110 -32.22 20.91 22.53
N GLN C 111 -33.02 20.69 23.56
CA GLN C 111 -32.58 20.92 24.93
C GLN C 111 -31.75 19.75 25.44
N ARG C 112 -30.56 20.06 25.96
CA ARG C 112 -29.70 19.05 26.58
C ARG C 112 -30.33 18.46 27.83
N ILE C 113 -30.16 17.15 28.01
CA ILE C 113 -30.47 16.53 29.29
C ILE C 113 -29.27 16.62 30.22
N SER C 114 -28.08 16.75 29.64
CA SER C 114 -26.84 16.79 30.41
C SER C 114 -25.77 17.64 29.72
N PRO C 115 -25.10 18.54 30.47
CA PRO C 115 -25.32 18.90 31.88
C PRO C 115 -26.64 19.60 32.13
N PHE C 116 -27.21 19.41 33.32
CA PHE C 116 -28.49 20.01 33.67
C PHE C 116 -28.34 20.95 34.86
N PRO C 117 -28.86 22.18 34.74
CA PRO C 117 -28.68 23.17 35.80
C PRO C 117 -29.51 22.88 37.04
N MET C 118 -28.93 23.09 38.22
CA MET C 118 -29.59 22.78 39.47
C MET C 118 -30.77 23.70 39.72
N GLU C 119 -30.71 24.92 39.18
CA GLU C 119 -31.78 25.90 39.38
C GLU C 119 -33.12 25.38 38.84
N LEU C 120 -33.06 24.60 37.76
CA LEU C 120 -34.26 24.07 37.13
C LEU C 120 -34.84 22.87 37.87
N LEU C 121 -34.03 22.24 38.72
CA LEU C 121 -34.48 21.08 39.49
C LEU C 121 -35.04 21.48 40.84
N GLU C 122 -34.51 22.54 41.43
CA GLU C 122 -34.79 22.88 42.82
C GLU C 122 -36.13 23.59 43.01
N LYS C 123 -36.87 23.79 41.92
CA LYS C 123 -38.21 24.36 41.97
C LYS C 123 -39.18 23.55 41.11
N ASN C 124 -38.79 22.34 40.75
CA ASN C 124 -39.56 21.46 39.88
C ASN C 124 -40.49 20.47 40.56
N SER C 125 -41.58 20.11 39.88
CA SER C 125 -42.57 19.16 40.38
C SER C 125 -42.17 17.69 40.57
N ASN C 126 -41.42 17.18 39.60
CA ASN C 126 -41.00 15.80 39.58
C ASN C 126 -39.82 15.49 40.49
N ILE C 127 -39.31 16.50 41.15
CA ILE C 127 -38.09 16.42 41.94
C ILE C 127 -38.38 16.73 43.42
N LYS C 128 -38.33 15.70 44.25
CA LYS C 128 -38.74 15.82 45.66
C LYS C 128 -37.57 15.79 46.65
N ALA C 129 -36.36 15.58 46.15
CA ALA C 129 -35.18 15.55 47.01
C ALA C 129 -35.01 16.88 47.75
N SER C 130 -34.42 16.82 48.93
CA SER C 130 -34.30 17.99 49.81
C SER C 130 -32.99 18.74 49.65
N THR C 131 -32.02 18.13 48.96
CA THR C 131 -30.72 18.76 48.73
C THR C 131 -30.35 18.71 47.25
N ASP C 132 -29.44 19.59 46.84
CA ASP C 132 -29.00 19.66 45.44
C ASP C 132 -28.43 18.32 44.96
N LEU C 133 -27.55 17.73 45.76
CA LEU C 133 -26.95 16.44 45.43
C LEU C 133 -28.04 15.39 45.25
N GLY C 134 -28.99 15.38 46.19
CA GLY C 134 -30.12 14.49 46.13
C GLY C 134 -30.96 14.74 44.88
N ARG C 135 -31.06 16.01 44.49
CA ARG C 135 -31.83 16.38 43.31
C ARG C 135 -31.15 15.85 42.05
N CYS C 136 -29.84 16.03 41.96
CA CYS C 136 -29.07 15.47 40.85
C CYS C 136 -29.23 13.95 40.79
N ALA C 137 -29.01 13.29 41.93
CA ALA C 137 -29.20 11.84 42.03
C ALA C 137 -30.59 11.42 41.57
N GLU C 138 -31.60 12.14 42.04
CA GLU C 138 -32.98 11.86 41.69
C GLU C 138 -33.21 12.02 40.19
N PHE C 139 -32.67 13.10 39.65
CA PHE C 139 -32.74 13.34 38.22
C PHE C 139 -32.13 12.18 37.46
N ALA C 140 -31.00 11.68 37.96
CA ALA C 140 -30.37 10.50 37.36
C ALA C 140 -31.22 9.24 37.50
N PHE C 141 -31.80 9.03 38.68
CA PHE C 141 -32.63 7.83 38.90
C PHE C 141 -33.87 7.83 37.99
N LYS C 142 -34.35 9.03 37.67
CA LYS C 142 -35.55 9.15 36.85
C LYS C 142 -35.21 9.18 35.35
N THR C 143 -34.03 8.67 35.02
CA THR C 143 -33.61 8.50 33.63
C THR C 143 -33.32 7.02 33.37
N VAL C 144 -33.95 6.46 32.34
CA VAL C 144 -33.71 5.06 31.97
C VAL C 144 -33.52 4.90 30.46
N ALA C 145 -32.83 3.84 30.07
CA ALA C 145 -32.62 3.54 28.66
C ALA C 145 -33.89 2.95 28.04
N MET C 146 -34.12 3.28 26.78
CA MET C 146 -35.19 2.67 25.99
C MET C 146 -34.62 1.55 25.12
N ASP C 147 -35.33 0.43 25.04
CA ASP C 147 -34.89 -0.68 24.20
C ASP C 147 -35.25 -0.43 22.74
N LYS C 148 -34.99 -1.40 21.87
CA LYS C 148 -35.24 -1.22 20.44
C LYS C 148 -36.73 -1.12 20.11
N ASN C 149 -37.58 -1.52 21.06
CA ASN C 149 -39.03 -1.39 20.89
C ASN C 149 -39.55 -0.08 21.47
N ASN C 150 -38.64 0.85 21.74
CA ASN C 150 -38.99 2.13 22.34
C ASN C 150 -39.74 1.94 23.66
N LYS C 151 -39.37 0.88 24.38
CA LYS C 151 -39.95 0.56 25.67
C LYS C 151 -38.94 0.80 26.78
N ALA C 152 -39.38 1.42 27.87
CA ALA C 152 -38.50 1.73 28.99
C ALA C 152 -37.91 0.46 29.60
N THR C 153 -36.64 0.54 30.00
CA THR C 153 -35.97 -0.55 30.69
C THR C 153 -35.71 -0.12 32.13
N LYS C 154 -34.99 -0.94 32.86
CA LYS C 154 -34.55 -0.60 34.22
C LYS C 154 -33.05 -0.32 34.25
N TYR C 155 -32.47 -0.09 33.08
CA TYR C 155 -31.05 0.22 32.97
C TYR C 155 -30.82 1.72 33.14
N ARG C 156 -30.08 2.08 34.18
CA ARG C 156 -29.85 3.48 34.52
C ARG C 156 -28.37 3.83 34.46
N TYR C 157 -28.10 5.11 34.22
CA TYR C 157 -26.74 5.58 34.02
C TYR C 157 -26.21 6.31 35.24
N PRO C 158 -24.89 6.23 35.49
CA PRO C 158 -24.32 6.96 36.63
C PRO C 158 -24.35 8.46 36.41
N PHE C 159 -24.15 9.21 37.49
CA PHE C 159 -24.16 10.65 37.43
C PHE C 159 -22.92 11.23 38.09
N VAL C 160 -22.63 12.47 37.71
CA VAL C 160 -21.63 13.28 38.37
C VAL C 160 -22.23 14.64 38.70
N TYR C 161 -22.21 15.01 39.97
CA TYR C 161 -22.64 16.36 40.35
C TYR C 161 -21.43 17.26 40.51
N ASP C 162 -21.47 18.37 39.79
CA ASP C 162 -20.48 19.43 39.91
C ASP C 162 -21.08 20.52 40.79
N SER C 163 -20.66 20.55 42.05
CA SER C 163 -21.25 21.43 43.06
C SER C 163 -20.75 22.86 42.98
N LYS C 164 -19.59 23.07 42.38
CA LYS C 164 -19.07 24.42 42.20
C LYS C 164 -19.88 25.14 41.13
N LYS C 165 -20.07 24.47 40.00
CA LYS C 165 -20.83 25.03 38.89
C LYS C 165 -22.33 24.77 39.04
N ARG C 166 -22.68 23.92 40.00
CA ARG C 166 -24.07 23.52 40.24
C ARG C 166 -24.68 22.89 38.99
N LEU C 167 -23.95 21.93 38.43
CA LEU C 167 -24.39 21.23 37.23
C LEU C 167 -24.47 19.74 37.46
N CYS C 168 -25.57 19.14 37.03
CA CYS C 168 -25.79 17.70 37.13
C CYS C 168 -25.45 17.04 35.79
N HIS C 169 -24.55 16.06 35.82
CA HIS C 169 -24.13 15.33 34.62
C HIS C 169 -24.63 13.89 34.67
N ILE C 170 -25.22 13.45 33.56
CA ILE C 170 -25.51 12.03 33.34
C ILE C 170 -24.45 11.46 32.40
N LEU C 171 -23.81 10.36 32.79
CA LEU C 171 -22.75 9.76 31.97
C LEU C 171 -23.29 8.63 31.11
N TYR C 172 -23.10 8.74 29.80
CA TYR C 172 -23.52 7.70 28.88
C TYR C 172 -22.63 6.46 29.02
N VAL C 173 -21.39 6.69 29.43
CA VAL C 173 -20.43 5.61 29.64
C VAL C 173 -20.40 5.20 31.10
N SER C 174 -20.72 3.93 31.37
CA SER C 174 -20.75 3.39 32.72
C SER C 174 -19.43 2.72 33.09
N MET C 175 -18.58 2.49 32.09
CA MET C 175 -17.23 1.99 32.36
C MET C 175 -16.49 2.98 33.25
N GLN C 176 -15.59 2.47 34.08
CA GLN C 176 -14.84 3.29 35.01
C GLN C 176 -13.34 3.00 34.97
N LEU C 177 -12.97 1.84 34.41
CA LEU C 177 -11.56 1.49 34.26
C LEU C 177 -11.33 0.66 33.00
N MET C 178 -10.36 1.08 32.20
CA MET C 178 -9.86 0.25 31.11
C MET C 178 -8.35 0.37 31.03
N GLU C 179 -7.68 -0.77 30.93
CA GLU C 179 -6.22 -0.82 30.95
C GLU C 179 -5.75 -1.99 30.10
N GLY C 180 -4.49 -1.95 29.68
CA GLY C 180 -3.90 -3.02 28.88
C GLY C 180 -3.82 -2.67 27.42
N LYS C 181 -2.63 -2.82 26.85
CA LYS C 181 -2.38 -2.45 25.46
C LYS C 181 -3.21 -3.28 24.48
N LYS C 182 -3.80 -4.36 24.97
CA LYS C 182 -4.65 -5.20 24.12
C LYS C 182 -6.04 -4.58 23.96
N TYR C 183 -6.40 -3.67 24.87
CA TYR C 183 -7.76 -3.13 24.92
C TYR C 183 -7.81 -1.62 24.65
N CYS C 184 -6.78 -0.89 25.05
CA CYS C 184 -6.80 0.56 24.95
C CYS C 184 -5.40 1.16 24.84
N SER C 185 -5.36 2.43 24.46
CA SER C 185 -4.10 3.14 24.25
C SER C 185 -3.85 4.19 25.33
N VAL C 186 -2.58 4.40 25.64
CA VAL C 186 -2.14 5.46 26.56
C VAL C 186 -1.52 6.58 25.75
N LYS C 187 -2.16 7.74 25.75
CA LYS C 187 -1.70 8.90 25.00
C LYS C 187 -1.37 8.56 23.55
N GLY C 188 -2.21 7.71 22.95
CA GLY C 188 -2.09 7.39 21.53
C GLY C 188 -1.33 6.13 21.20
N GLU C 189 -0.72 5.49 22.19
CA GLU C 189 0.05 4.26 21.99
C GLU C 189 -0.67 3.04 22.54
N PRO C 190 -0.97 2.04 21.69
CA PRO C 190 -0.76 1.91 20.24
C PRO C 190 -1.82 2.66 19.44
N PRO C 191 -1.46 3.19 18.26
CA PRO C 191 -2.36 4.06 17.50
C PRO C 191 -3.51 3.32 16.82
N ASP C 192 -3.49 1.99 16.83
CA ASP C 192 -4.49 1.19 16.13
C ASP C 192 -5.80 1.06 16.91
N LEU C 193 -5.79 1.44 18.19
CA LEU C 193 -6.91 1.14 19.07
C LEU C 193 -7.95 2.26 19.15
N THR C 194 -9.21 1.84 19.27
CA THR C 194 -10.33 2.74 19.37
C THR C 194 -10.35 3.46 20.73
N TRP C 195 -10.24 2.67 21.80
CA TRP C 195 -10.37 3.21 23.15
C TRP C 195 -9.07 3.73 23.73
N TYR C 196 -9.16 4.89 24.34
CA TYR C 196 -8.12 5.39 25.23
C TYR C 196 -8.30 4.70 26.57
N CYS C 197 -7.20 4.55 27.32
CA CYS C 197 -7.27 3.99 28.67
C CYS C 197 -7.77 5.04 29.65
N PHE C 198 -8.35 4.57 30.74
CA PHE C 198 -8.83 5.49 31.77
C PHE C 198 -8.97 4.76 33.10
N LYS C 199 -9.03 5.54 34.18
CA LYS C 199 -9.25 4.93 35.50
C LYS C 199 -9.78 5.93 36.52
N PRO C 200 -10.40 5.43 37.60
CA PRO C 200 -10.91 6.34 38.62
C PRO C 200 -9.77 6.97 39.41
N ARG C 201 -9.92 8.23 39.81
CA ARG C 201 -8.93 8.90 40.62
C ARG C 201 -9.59 9.86 41.59
N LYS C 202 -8.85 10.18 42.64
CA LYS C 202 -9.15 11.20 43.62
C LYS C 202 -7.83 11.97 43.64
N SER C 203 -7.88 13.27 43.76
CA SER C 203 -6.70 14.12 43.72
C SER C 203 -6.57 14.98 44.96
N VAL C 204 -5.34 15.21 45.40
CA VAL C 204 -5.10 15.99 46.60
C VAL C 204 -5.50 17.46 46.43
N THR C 205 -5.58 17.91 45.17
CA THR C 205 -5.92 19.30 44.88
C THR C 205 -7.12 19.47 43.93
N GLU C 206 -7.26 18.57 42.96
CA GLU C 206 -8.25 18.75 41.89
C GLU C 206 -9.57 18.01 42.13
N ASN C 207 -10.64 18.60 41.64
CA ASN C 207 -11.93 17.93 41.50
C ASN C 207 -12.57 17.44 42.81
N HIS C 208 -12.35 18.16 43.89
CA HIS C 208 -13.00 17.82 45.16
C HIS C 208 -14.49 18.10 45.09
N HIS C 209 -14.85 19.04 44.22
CA HIS C 209 -16.23 19.51 44.06
CA HIS C 209 -16.25 19.46 44.13
C HIS C 209 -17.07 18.58 43.18
N LEU C 210 -16.43 17.57 42.60
CA LEU C 210 -17.13 16.59 41.77
C LEU C 210 -17.58 15.41 42.63
N ILE C 211 -18.83 15.00 42.45
CA ILE C 211 -19.37 13.86 43.18
C ILE C 211 -19.95 12.82 42.22
N TYR C 212 -19.32 11.64 42.20
CA TYR C 212 -19.71 10.54 41.33
C TYR C 212 -20.67 9.59 42.05
N GLY C 213 -21.72 9.16 41.37
CA GLY C 213 -22.62 8.19 41.96
C GLY C 213 -23.41 7.39 40.94
N SER C 214 -23.85 6.20 41.34
CA SER C 214 -24.78 5.43 40.51
C SER C 214 -26.12 6.13 40.54
N ALA C 215 -27.02 5.76 39.62
CA ALA C 215 -28.34 6.37 39.60
C ALA C 215 -29.10 6.07 40.89
N TYR C 216 -28.77 4.96 41.52
CA TYR C 216 -29.57 4.43 42.60
C TYR C 216 -29.36 5.12 43.95
N VAL C 217 -28.46 6.11 44.03
CA VAL C 217 -28.42 6.94 45.22
C VAL C 217 -29.60 7.91 45.10
N GLY C 218 -30.20 7.98 43.92
CA GLY C 218 -31.37 8.79 43.70
C GLY C 218 -32.69 8.08 43.97
N GLU C 219 -32.62 6.77 44.25
CA GLU C 219 -33.83 5.99 44.51
C GLU C 219 -34.53 6.51 45.77
N ASN C 220 -33.76 6.70 46.83
CA ASN C 220 -34.21 7.40 48.03
C ASN C 220 -33.27 8.57 48.28
N PRO C 221 -33.51 9.70 47.59
CA PRO C 221 -32.52 10.76 47.44
C PRO C 221 -32.17 11.55 48.71
N ASP C 222 -32.81 11.24 49.83
CA ASP C 222 -32.50 11.92 51.08
C ASP C 222 -31.70 11.00 52.02
N ALA C 223 -31.69 9.71 51.71
CA ALA C 223 -31.03 8.72 52.57
C ALA C 223 -29.56 9.04 52.84
N PHE C 224 -28.81 9.33 51.78
CA PHE C 224 -27.36 9.49 51.87
C PHE C 224 -26.93 10.46 52.97
N ILE C 225 -27.82 11.39 53.30
CA ILE C 225 -27.54 12.39 54.33
C ILE C 225 -27.18 11.72 55.65
N SER C 226 -27.85 10.62 55.96
CA SER C 226 -27.68 9.96 57.26
C SER C 226 -26.99 8.61 57.16
N LYS C 227 -27.09 7.99 55.98
CA LYS C 227 -26.63 6.62 55.80
C LYS C 227 -25.28 6.49 55.10
N CYS C 228 -24.62 7.62 54.83
CA CYS C 228 -23.34 7.60 54.11
C CYS C 228 -22.29 8.47 54.79
N PRO C 229 -21.02 8.05 54.74
CA PRO C 229 -19.92 8.78 55.38
C PRO C 229 -19.40 9.92 54.51
N ASN C 230 -20.23 10.94 54.33
CA ASN C 230 -19.97 11.98 53.35
C ASN C 230 -18.74 12.82 53.64
N GLN C 231 -18.52 13.12 54.93
CA GLN C 231 -17.42 13.97 55.35
C GLN C 231 -16.33 13.19 56.08
N ALA C 232 -15.11 13.73 56.04
CA ALA C 232 -14.03 13.20 56.85
C ALA C 232 -14.30 13.49 58.32
N LEU C 233 -13.73 12.66 59.21
CA LEU C 233 -13.95 12.80 60.65
C LEU C 233 -12.71 13.29 61.36
N ARG C 234 -12.75 14.55 61.80
CA ARG C 234 -11.60 15.18 62.45
C ARG C 234 -11.47 14.76 63.91
N GLY C 235 -10.24 14.52 64.34
CA GLY C 235 -9.95 14.30 65.74
C GLY C 235 -10.19 12.89 66.26
N TYR C 236 -10.44 11.95 65.35
CA TYR C 236 -10.69 10.58 65.74
C TYR C 236 -10.06 9.57 64.79
N ARG C 237 -9.62 8.45 65.36
CA ARG C 237 -9.17 7.30 64.60
C ARG C 237 -10.27 6.23 64.59
N PHE C 238 -10.54 5.69 63.41
CA PHE C 238 -11.42 4.53 63.29
C PHE C 238 -10.90 3.39 64.14
N GLY C 239 -11.79 2.67 64.80
CA GLY C 239 -11.40 1.51 65.59
C GLY C 239 -12.44 0.43 65.71
N VAL C 240 -11.98 -0.75 66.10
CA VAL C 240 -12.84 -1.90 66.33
C VAL C 240 -12.93 -2.19 67.82
N TRP C 241 -14.11 -2.57 68.29
CA TRP C 241 -14.33 -2.84 69.70
C TRP C 241 -14.02 -4.29 70.04
N LYS C 242 -12.94 -4.49 70.80
CA LYS C 242 -12.51 -5.82 71.20
C LYS C 242 -12.07 -5.85 72.65
N LYS C 243 -12.34 -7.00 73.29
CA LYS C 243 -12.02 -7.23 74.70
C LYS C 243 -12.26 -6.00 75.57
N GLY C 244 -13.44 -5.42 75.41
CA GLY C 244 -13.89 -4.34 76.27
C GLY C 244 -13.26 -2.98 76.01
N ARG C 245 -12.57 -2.84 74.88
CA ARG C 245 -12.04 -1.53 74.53
C ARG C 245 -11.91 -1.32 73.02
N CYS C 246 -11.66 -0.07 72.64
CA CYS C 246 -11.58 0.31 71.25
C CYS C 246 -10.15 0.25 70.74
N LEU C 247 -9.89 -0.69 69.83
CA LEU C 247 -8.59 -0.78 69.18
C LEU C 247 -8.62 -0.02 67.85
N ASP C 248 -7.84 1.06 67.75
CA ASP C 248 -7.72 1.75 66.49
C ASP C 248 -6.89 0.87 65.56
N TYR C 249 -6.98 1.14 64.25
CA TYR C 249 -6.41 0.24 63.25
C TYR C 249 -4.93 -0.08 63.43
N THR C 250 -4.17 0.83 64.02
CA THR C 250 -2.73 0.60 64.18
C THR C 250 -2.44 -0.55 65.14
N GLU C 251 -3.42 -0.91 65.97
CA GLU C 251 -3.27 -2.03 66.90
C GLU C 251 -3.55 -3.37 66.22
N LEU C 252 -4.10 -3.33 65.02
CA LEU C 252 -4.49 -4.55 64.30
C LEU C 252 -3.37 -5.01 63.35
N THR C 253 -3.21 -6.32 63.25
CA THR C 253 -2.13 -6.92 62.46
C THR C 253 -2.29 -6.68 60.97
N ASP C 254 -3.50 -6.84 60.45
CA ASP C 254 -3.75 -6.78 59.01
C ASP C 254 -3.78 -5.36 58.47
N THR C 255 -3.75 -4.37 59.36
CA THR C 255 -3.76 -2.98 58.96
C THR C 255 -2.53 -2.62 58.14
N VAL C 256 -2.73 -1.89 57.05
CA VAL C 256 -1.62 -1.42 56.22
C VAL C 256 -1.24 0.00 56.61
N ILE C 257 0.04 0.21 56.86
CA ILE C 257 0.56 1.51 57.26
C ILE C 257 1.47 2.04 56.17
N GLU C 258 1.22 3.27 55.73
CA GLU C 258 2.04 3.89 54.69
C GLU C 258 2.44 5.32 55.02
N ARG C 259 3.64 5.69 54.60
CA ARG C 259 4.13 7.05 54.75
C ARG C 259 3.31 8.00 53.88
N VAL C 260 3.03 9.18 54.40
CA VAL C 260 2.38 10.24 53.63
C VAL C 260 2.97 11.59 54.01
N GLU C 261 2.95 12.53 53.07
CA GLU C 261 3.45 13.87 53.31
C GLU C 261 2.34 14.79 53.81
N SER C 262 1.10 14.31 53.68
CA SER C 262 -0.07 15.10 54.09
C SER C 262 -1.28 14.20 54.29
N LYS C 263 -2.31 14.73 54.94
CA LYS C 263 -3.52 13.98 55.22
C LYS C 263 -4.36 13.71 53.96
N ALA C 264 -4.27 14.65 53.00
CA ALA C 264 -4.97 14.51 51.73
C ALA C 264 -4.52 13.26 50.99
N GLN C 265 -3.21 12.98 51.06
CA GLN C 265 -2.66 11.79 50.43
C GLN C 265 -3.27 10.54 51.04
N CYS C 266 -3.49 10.56 52.35
CA CYS C 266 -4.14 9.45 53.02
C CYS C 266 -5.60 9.33 52.55
N TRP C 267 -6.29 10.46 52.50
CA TRP C 267 -7.63 10.49 51.93
C TRP C 267 -7.67 9.85 50.54
N VAL C 268 -6.72 10.21 49.67
CA VAL C 268 -6.62 9.60 48.35
C VAL C 268 -6.33 8.10 48.46
N LYS C 269 -5.41 7.74 49.34
CA LYS C 269 -5.05 6.33 49.52
C LYS C 269 -6.23 5.47 49.95
N THR C 270 -7.12 6.02 50.78
CA THR C 270 -8.29 5.23 51.16
C THR C 270 -9.16 4.85 49.96
N PHE C 271 -9.04 5.61 48.87
CA PHE C 271 -9.78 5.31 47.65
C PHE C 271 -8.94 4.53 46.64
N GLU C 272 -7.65 4.87 46.54
CA GLU C 272 -6.83 4.32 45.47
C GLU C 272 -5.99 3.08 45.82
N ASN C 273 -5.96 2.66 47.08
CA ASN C 273 -5.17 1.48 47.43
C ASN C 273 -5.78 0.23 46.80
N ASP C 274 -4.95 -0.79 46.58
CA ASP C 274 -5.33 -1.94 45.78
C ASP C 274 -6.35 -2.86 46.44
N GLY C 275 -6.76 -2.53 47.67
CA GLY C 275 -7.69 -3.35 48.41
C GLY C 275 -9.11 -2.81 48.44
N VAL C 276 -9.30 -1.59 47.92
CA VAL C 276 -10.61 -0.94 47.96
C VAL C 276 -11.65 -1.75 47.19
N ALA C 277 -12.89 -1.75 47.68
CA ALA C 277 -13.98 -2.47 47.03
C ALA C 277 -14.08 -2.11 45.54
N SER C 278 -14.08 -3.14 44.69
CA SER C 278 -14.09 -2.92 43.25
C SER C 278 -14.77 -4.08 42.53
N ASP C 279 -15.55 -3.74 41.50
CA ASP C 279 -16.27 -4.74 40.73
C ASP C 279 -15.61 -5.00 39.38
N GLN C 280 -14.42 -4.45 39.18
CA GLN C 280 -13.69 -4.63 37.94
C GLN C 280 -13.29 -6.10 37.77
N PRO C 281 -13.35 -6.62 36.52
CA PRO C 281 -12.88 -7.98 36.23
C PRO C 281 -11.47 -8.23 36.75
N ASP C 289 -15.73 -13.04 33.82
CA ASP C 289 -15.58 -12.74 35.23
C ASP C 289 -16.20 -11.40 35.57
N GLN C 290 -17.18 -11.42 36.47
CA GLN C 290 -17.91 -10.21 36.85
C GLN C 290 -18.12 -10.18 38.36
N PRO C 291 -17.06 -9.79 39.10
CA PRO C 291 -17.09 -9.83 40.57
C PRO C 291 -17.97 -8.76 41.19
N HIS C 292 -18.67 -9.13 42.26
CA HIS C 292 -19.45 -8.19 43.05
C HIS C 292 -18.87 -8.11 44.46
N SER C 293 -18.17 -7.02 44.74
CA SER C 293 -17.52 -6.82 46.02
C SER C 293 -18.52 -6.60 47.14
N GLY C 294 -19.70 -6.09 46.79
CA GLY C 294 -20.73 -5.80 47.77
C GLY C 294 -20.32 -4.72 48.76
N GLY C 295 -19.29 -3.95 48.40
CA GLY C 295 -18.77 -2.91 49.27
C GLY C 295 -17.71 -3.37 50.24
N VAL C 296 -17.33 -4.64 50.17
CA VAL C 296 -16.27 -5.18 51.02
C VAL C 296 -14.88 -4.80 50.50
N GLY C 297 -14.02 -4.30 51.38
CA GLY C 297 -12.65 -4.01 50.98
C GLY C 297 -11.95 -3.06 51.92
N ARG C 298 -10.68 -2.78 51.61
CA ARG C 298 -9.88 -1.87 52.41
C ARG C 298 -10.31 -0.43 52.14
N ASN C 299 -11.52 -0.10 52.57
CA ASN C 299 -12.14 1.18 52.28
C ASN C 299 -11.92 2.26 53.34
N TYR C 300 -11.35 1.87 54.47
CA TYR C 300 -11.28 2.75 55.64
C TYR C 300 -9.86 3.06 56.01
N GLY C 301 -9.63 4.29 56.44
CA GLY C 301 -8.31 4.61 56.93
C GLY C 301 -8.26 5.90 57.72
N PHE C 302 -7.08 6.23 58.23
CA PHE C 302 -6.92 7.54 58.84
C PHE C 302 -5.48 8.04 58.80
N TYR C 303 -5.37 9.36 58.74
CA TYR C 303 -4.10 10.05 58.87
C TYR C 303 -3.79 10.26 60.34
N TYR C 304 -2.56 9.97 60.70
CA TYR C 304 -2.08 10.26 62.05
C TYR C 304 -0.60 10.63 62.05
N VAL C 305 -0.17 11.27 63.15
CA VAL C 305 1.21 11.67 63.32
C VAL C 305 1.88 10.72 64.32
N ASP C 306 2.98 10.11 63.93
CA ASP C 306 3.66 9.14 64.78
C ASP C 306 4.47 9.86 65.86
N THR C 307 5.08 9.08 66.75
CA THR C 307 5.83 9.61 67.88
C THR C 307 7.01 10.48 67.46
N THR C 308 7.48 10.30 66.22
CA THR C 308 8.62 11.06 65.72
C THR C 308 8.19 12.28 64.91
N GLY C 309 6.88 12.50 64.82
CA GLY C 309 6.34 13.70 64.18
C GLY C 309 6.05 13.57 62.69
N GLU C 310 6.28 12.38 62.13
CA GLU C 310 6.07 12.15 60.70
C GLU C 310 4.64 11.68 60.42
N GLY C 311 4.13 12.02 59.24
CA GLY C 311 2.78 11.67 58.86
C GLY C 311 2.64 10.23 58.40
N LYS C 312 1.58 9.59 58.85
CA LYS C 312 1.30 8.20 58.48
C LYS C 312 -0.17 8.02 58.10
N CYS C 313 -0.40 7.05 57.22
CA CYS C 313 -1.74 6.67 56.81
C CYS C 313 -1.98 5.20 57.17
N ALA C 314 -3.02 4.96 57.96
CA ALA C 314 -3.42 3.62 58.34
C ALA C 314 -4.66 3.21 57.55
N LEU C 315 -4.59 2.03 56.93
CA LEU C 315 -5.65 1.53 56.06
C LEU C 315 -6.11 0.14 56.50
N SER C 316 -7.42 -0.06 56.53
CA SER C 316 -8.00 -1.33 56.97
C SER C 316 -9.30 -1.64 56.23
N ASP C 317 -9.61 -2.94 56.12
CA ASP C 317 -10.89 -3.37 55.57
C ASP C 317 -11.86 -3.71 56.68
N GLN C 318 -11.51 -3.35 57.91
CA GLN C 318 -12.36 -3.57 59.07
C GLN C 318 -13.33 -2.42 59.24
N VAL C 319 -14.63 -2.72 59.14
CA VAL C 319 -15.65 -1.73 59.38
C VAL C 319 -15.52 -1.18 60.79
N PRO C 320 -15.38 0.16 60.94
CA PRO C 320 -15.24 0.69 62.28
C PRO C 320 -16.54 0.62 63.08
N ASP C 321 -16.47 0.19 64.33
CA ASP C 321 -17.62 0.25 65.24
C ASP C 321 -17.28 1.05 66.48
N CYS C 322 -16.07 1.60 66.53
CA CYS C 322 -15.75 2.57 67.56
C CYS C 322 -14.68 3.55 67.11
N LEU C 323 -14.44 4.57 67.93
CA LEU C 323 -13.45 5.60 67.64
C LEU C 323 -12.46 5.75 68.77
N VAL C 324 -11.24 6.17 68.45
CA VAL C 324 -10.26 6.57 69.45
C VAL C 324 -9.90 8.03 69.23
N SER C 325 -10.10 8.85 70.24
CA SER C 325 -9.87 10.28 70.10
C SER C 325 -8.39 10.58 69.92
N ASP C 326 -8.08 11.50 69.02
CA ASP C 326 -6.71 11.89 68.69
C ASP C 326 -6.76 13.18 67.88
N SER C 327 -6.36 14.29 68.51
CA SER C 327 -6.61 15.62 67.96
C SER C 327 -5.95 15.87 66.61
N ALA C 328 -4.83 15.21 66.35
CA ALA C 328 -4.09 15.44 65.10
C ALA C 328 -4.50 14.46 64.01
N ALA C 329 -5.37 13.52 64.35
CA ALA C 329 -5.74 12.45 63.42
C ALA C 329 -6.96 12.82 62.60
N VAL C 330 -7.08 12.23 61.42
CA VAL C 330 -8.29 12.39 60.61
C VAL C 330 -8.65 11.07 59.93
N SER C 331 -9.90 10.63 60.12
CA SER C 331 -10.37 9.37 59.56
C SER C 331 -11.11 9.58 58.23
N TYR C 332 -10.73 8.79 57.23
CA TYR C 332 -11.31 8.85 55.90
C TYR C 332 -11.89 7.51 55.46
N THR C 333 -12.82 7.59 54.52
CA THR C 333 -13.32 6.42 53.81
C THR C 333 -13.20 6.66 52.31
N ALA C 334 -13.27 5.58 51.54
CA ALA C 334 -13.15 5.66 50.09
C ALA C 334 -14.30 6.47 49.48
N ALA C 335 -15.41 6.57 50.19
CA ALA C 335 -16.61 7.22 49.67
C ALA C 335 -16.67 8.71 50.01
N GLY C 336 -16.05 9.09 51.13
CA GLY C 336 -16.22 10.42 51.67
C GLY C 336 -15.30 11.47 51.10
N SER C 337 -15.54 12.72 51.51
CA SER C 337 -14.76 13.87 51.05
C SER C 337 -13.52 14.08 51.89
N LEU C 338 -12.65 14.95 51.40
CA LEU C 338 -11.45 15.35 52.13
C LEU C 338 -11.83 16.26 53.29
N SER C 339 -12.81 17.13 53.05
CA SER C 339 -13.21 18.12 54.02
C SER C 339 -13.97 17.49 55.19
N GLU C 340 -13.76 18.05 56.37
CA GLU C 340 -14.44 17.62 57.56
C GLU C 340 -15.75 18.39 57.72
N GLU C 341 -15.85 19.54 57.06
CA GLU C 341 -17.03 20.39 57.11
C GLU C 341 -18.17 19.96 56.21
N THR C 342 -19.39 20.17 56.64
CA THR C 342 -20.53 19.81 55.85
C THR C 342 -20.84 20.98 54.94
N PRO C 343 -20.91 20.75 53.64
CA PRO C 343 -21.21 21.84 52.71
C PRO C 343 -22.71 22.13 52.63
N ASN C 344 -23.06 23.32 52.14
CA ASN C 344 -24.45 23.75 52.10
C ASN C 344 -25.32 22.90 51.17
N PHE C 345 -24.72 22.36 50.11
CA PHE C 345 -25.51 21.70 49.08
C PHE C 345 -25.96 20.28 49.47
N ILE C 346 -25.68 19.87 50.71
CA ILE C 346 -26.29 18.65 51.26
C ILE C 346 -27.03 18.94 52.55
N ILE C 347 -27.27 20.22 52.82
CA ILE C 347 -28.08 20.64 53.97
C ILE C 347 -29.47 21.05 53.50
N PRO C 348 -30.53 20.37 53.98
CA PRO C 348 -31.89 20.78 53.58
C PRO C 348 -32.28 22.15 54.11
N SER C 349 -33.27 22.78 53.47
CA SER C 349 -33.75 24.10 53.87
C SER C 349 -34.34 24.07 55.28
N ASN C 350 -34.88 22.92 55.68
CA ASN C 350 -35.50 22.78 56.98
C ASN C 350 -34.48 22.89 58.11
N PRO C 356 -27.96 16.90 62.62
CA PRO C 356 -26.57 17.10 62.20
C PRO C 356 -25.65 16.02 62.78
N THR C 357 -25.27 15.06 61.94
CA THR C 357 -24.61 13.83 62.41
C THR C 357 -23.28 14.01 63.16
N PRO C 358 -22.37 14.86 62.63
CA PRO C 358 -21.05 14.88 63.28
C PRO C 358 -21.06 15.58 64.64
N GLU C 359 -21.69 16.75 64.71
CA GLU C 359 -21.70 17.56 65.92
C GLU C 359 -22.56 16.88 66.99
N THR C 360 -23.72 16.40 66.57
CA THR C 360 -24.75 15.94 67.50
C THR C 360 -24.33 14.71 68.30
N ALA C 361 -23.75 13.72 67.63
CA ALA C 361 -23.52 12.42 68.25
C ALA C 361 -22.32 12.43 69.21
N LEU C 362 -21.27 13.16 68.85
CA LEU C 362 -20.02 13.12 69.61
C LEU C 362 -19.89 14.26 70.62
N GLN C 363 -20.96 15.03 70.78
CA GLN C 363 -20.97 16.12 71.76
C GLN C 363 -21.43 15.62 73.13
N CYS C 364 -21.06 16.35 74.17
CA CYS C 364 -21.46 16.03 75.54
C CYS C 364 -21.11 17.18 76.47
N THR C 365 -21.77 17.20 77.63
CA THR C 365 -21.44 18.14 78.70
C THR C 365 -20.89 17.36 79.89
N ALA C 366 -19.81 17.87 80.47
CA ALA C 366 -18.98 17.10 81.40
C ALA C 366 -19.72 16.54 82.61
N ASP C 367 -20.72 17.26 83.10
CA ASP C 367 -21.41 16.87 84.33
C ASP C 367 -22.66 16.01 84.07
N LYS C 368 -22.88 15.68 82.80
CA LYS C 368 -23.89 14.71 82.42
C LYS C 368 -23.23 13.50 81.76
N PHE C 369 -21.94 13.64 81.45
CA PHE C 369 -21.14 12.55 80.92
C PHE C 369 -20.11 12.11 81.96
N PRO C 370 -20.45 11.08 82.76
CA PRO C 370 -19.50 10.62 83.79
C PRO C 370 -18.33 9.83 83.21
N ASP C 371 -17.12 10.09 83.71
CA ASP C 371 -15.96 9.31 83.31
C ASP C 371 -16.20 7.83 83.61
N SER C 372 -15.84 6.99 82.65
CA SER C 372 -16.06 5.55 82.77
C SER C 372 -14.85 4.76 82.31
N PHE C 373 -14.34 3.91 83.22
CA PHE C 373 -13.27 2.98 82.90
C PHE C 373 -13.86 1.60 82.63
N GLY C 374 -13.21 0.83 81.76
CA GLY C 374 -13.63 -0.53 81.46
C GLY C 374 -12.74 -1.53 82.16
N ALA C 375 -13.08 -2.82 82.03
CA ALA C 375 -12.29 -3.88 82.63
C ALA C 375 -10.92 -3.98 81.96
N CYS C 376 -9.96 -4.53 82.69
CA CYS C 376 -8.60 -4.63 82.18
C CYS C 376 -8.47 -5.70 81.11
N ASP C 377 -7.87 -5.32 79.98
CA ASP C 377 -7.48 -6.29 78.96
C ASP C 377 -6.11 -6.83 79.34
N VAL C 378 -6.11 -7.96 80.03
CA VAL C 378 -4.89 -8.47 80.66
C VAL C 378 -3.81 -8.89 79.67
N GLN C 379 -4.20 -9.12 78.42
CA GLN C 379 -3.24 -9.51 77.40
C GLN C 379 -2.47 -8.30 76.86
N ALA C 380 -3.05 -7.12 77.04
CA ALA C 380 -2.42 -5.86 76.66
C ALA C 380 -2.14 -5.01 77.89
N CYS C 381 -2.81 -5.35 78.99
CA CYS C 381 -2.71 -4.59 80.23
C CYS C 381 -3.10 -3.12 80.01
N LYS C 382 -4.19 -2.94 79.26
CA LYS C 382 -4.77 -1.62 79.05
C LYS C 382 -6.27 -1.69 79.28
N ARG C 383 -6.90 -0.52 79.43
CA ARG C 383 -8.35 -0.46 79.61
C ARG C 383 -8.96 0.78 78.95
N GLN C 384 -10.23 0.67 78.58
CA GLN C 384 -10.94 1.78 77.96
C GLN C 384 -11.25 2.89 78.95
N LYS C 385 -10.82 4.11 78.63
CA LYS C 385 -11.28 5.30 79.33
C LYS C 385 -12.17 6.13 78.41
N THR C 386 -13.33 6.50 78.94
CA THR C 386 -14.34 7.25 78.21
C THR C 386 -14.78 8.48 79.00
N SER C 387 -14.45 9.67 78.50
CA SER C 387 -14.76 10.91 79.22
C SER C 387 -15.29 11.99 78.28
N CYS C 388 -15.49 13.19 78.82
CA CYS C 388 -15.94 14.34 78.05
C CYS C 388 -15.02 15.53 78.28
N VAL C 389 -14.28 15.90 77.23
CA VAL C 389 -13.33 17.01 77.31
C VAL C 389 -13.64 18.03 76.23
N GLY C 390 -13.61 19.30 76.61
CA GLY C 390 -13.85 20.40 75.69
C GLY C 390 -15.19 20.30 74.98
N GLY C 391 -16.14 19.61 75.61
CA GLY C 391 -17.47 19.44 75.05
C GLY C 391 -17.56 18.25 74.10
N GLN C 392 -16.49 17.49 73.99
CA GLN C 392 -16.44 16.34 73.09
C GLN C 392 -16.06 15.05 73.82
N ILE C 393 -16.56 13.93 73.31
CA ILE C 393 -16.21 12.62 73.85
C ILE C 393 -14.74 12.31 73.65
N GLN C 394 -14.10 11.84 74.72
CA GLN C 394 -12.75 11.31 74.65
C GLN C 394 -12.81 9.81 74.88
N SER C 395 -12.36 9.05 73.89
CA SER C 395 -12.24 7.60 74.00
C SER C 395 -10.79 7.20 73.83
N THR C 396 -10.19 6.67 74.89
CA THR C 396 -8.78 6.28 74.85
C THR C 396 -8.54 4.95 75.58
N SER C 397 -7.33 4.44 75.42
CA SER C 397 -6.88 3.27 76.17
C SER C 397 -5.79 3.70 77.14
N VAL C 398 -5.99 3.38 78.41
CA VAL C 398 -5.06 3.79 79.47
C VAL C 398 -4.59 2.60 80.29
N ASP C 399 -3.60 2.85 81.14
CA ASP C 399 -3.07 1.83 82.03
C ASP C 399 -4.14 1.30 82.98
N CYS C 400 -4.08 0.01 83.26
CA CYS C 400 -4.95 -0.59 84.26
C CYS C 400 -4.52 -0.11 85.65
N THR C 401 -5.39 -0.26 86.63
CA THR C 401 -5.03 0.07 88.01
C THR C 401 -3.84 -0.77 88.43
N ALA C 402 -2.92 -0.18 89.19
CA ALA C 402 -1.72 -0.87 89.65
C ALA C 402 -2.06 -2.22 90.29
N ASP C 403 -3.26 -2.31 90.85
CA ASP C 403 -3.81 -3.58 91.33
C ASP C 403 -3.97 -4.55 90.17
N GLU C 404 -4.73 -4.12 89.15
CA GLU C 404 -5.02 -4.96 88.00
C GLU C 404 -3.75 -5.44 87.30
N GLN C 405 -2.69 -4.67 87.38
CA GLN C 405 -1.45 -4.99 86.69
C GLN C 405 -0.79 -6.25 87.25
N ASN C 406 -1.27 -6.72 88.40
CA ASN C 406 -0.82 -7.98 88.97
C ASN C 406 -1.41 -9.17 88.23
N GLU C 407 -2.40 -8.90 87.38
CA GLU C 407 -3.07 -9.95 86.61
C GLU C 407 -2.52 -10.02 85.18
N CYS C 408 -1.62 -9.09 84.84
CA CYS C 408 -1.10 -8.98 83.49
C CYS C 408 0.22 -9.72 83.34
N GLY C 409 0.77 -9.70 82.13
CA GLY C 409 2.08 -10.24 81.86
C GLY C 409 3.17 -9.37 82.47
N SER D 2 9.95 -26.23 28.27
CA SER D 2 10.46 -24.87 28.42
C SER D 2 11.67 -24.63 27.53
N ALA D 3 12.28 -25.71 27.05
CA ALA D 3 13.36 -25.63 26.07
C ALA D 3 12.90 -26.28 24.76
N SER D 4 12.01 -27.25 24.87
CA SER D 4 11.35 -27.83 23.71
C SER D 4 10.35 -26.83 23.16
N ASP D 5 9.74 -26.04 24.05
CA ASP D 5 8.80 -25.01 23.66
C ASP D 5 9.48 -23.93 22.83
N ILE D 6 10.69 -23.54 23.24
CA ILE D 6 11.48 -22.56 22.52
C ILE D 6 11.83 -23.09 21.13
N THR D 7 12.24 -24.35 21.07
CA THR D 7 12.53 -25.03 19.82
C THR D 7 11.30 -25.01 18.92
N GLN D 8 10.16 -25.40 19.49
CA GLN D 8 8.90 -25.40 18.77
C GLN D 8 8.58 -24.00 18.26
N HIS D 9 8.82 -22.99 19.10
CA HIS D 9 8.61 -21.60 18.71
C HIS D 9 9.50 -21.24 17.53
N LEU D 10 10.76 -21.66 17.60
CA LEU D 10 11.69 -21.43 16.49
C LEU D 10 11.19 -22.07 15.21
N ASN D 11 10.77 -23.33 15.29
CA ASN D 11 10.20 -23.99 14.11
C ASN D 11 8.94 -23.29 13.60
N ASP D 12 8.09 -22.85 14.52
CA ASP D 12 6.87 -22.14 14.15
C ASP D 12 7.16 -20.78 13.52
N SER D 13 8.31 -20.21 13.85
CA SER D 13 8.70 -18.90 13.35
C SER D 13 9.41 -18.99 12.00
N GLY D 14 9.64 -20.21 11.52
CA GLY D 14 10.19 -20.43 10.20
C GLY D 14 11.64 -20.88 10.15
N LEU D 15 12.20 -21.29 11.29
CA LEU D 15 13.56 -21.82 11.32
C LEU D 15 13.69 -22.98 10.34
N GLY D 16 14.68 -22.89 9.45
CA GLY D 16 14.80 -23.84 8.36
C GLY D 16 15.58 -25.09 8.70
N PRO D 17 15.61 -26.05 7.77
CA PRO D 17 16.35 -27.30 7.94
C PRO D 17 17.86 -27.12 7.84
N ALA D 18 18.61 -27.92 8.60
CA ALA D 18 20.06 -27.95 8.47
C ALA D 18 20.44 -28.68 7.19
N VAL D 19 20.82 -27.91 6.17
CA VAL D 19 21.19 -28.47 4.88
C VAL D 19 22.66 -28.20 4.57
N GLU D 20 23.28 -29.15 3.89
CA GLU D 20 24.69 -29.06 3.52
C GLU D 20 24.85 -28.51 2.11
N CYS D 21 23.81 -28.64 1.30
N CYS D 21 23.83 -28.66 1.29
CA CYS D 21 23.89 -28.34 -0.13
CA CYS D 21 23.93 -28.30 -0.12
C CYS D 21 22.61 -27.74 -0.69
C CYS D 21 22.63 -27.75 -0.70
N LEU D 22 22.76 -26.75 -1.58
CA LEU D 22 21.65 -26.22 -2.34
C LEU D 22 21.93 -26.48 -3.82
N GLU D 23 20.88 -26.78 -4.58
CA GLU D 23 21.01 -26.95 -6.03
C GLU D 23 20.43 -25.75 -6.76
N ASN D 24 21.25 -25.10 -7.57
CA ASN D 24 20.80 -23.97 -8.39
C ASN D 24 21.01 -24.27 -9.86
N LEU D 25 19.99 -24.02 -10.67
CA LEU D 25 20.02 -24.30 -12.09
C LEU D 25 21.02 -23.49 -12.90
N VAL D 26 21.39 -22.34 -12.39
CA VAL D 26 22.31 -21.46 -13.12
C VAL D 26 23.77 -21.81 -12.81
N VAL D 27 24.07 -22.08 -11.54
CA VAL D 27 25.46 -22.27 -11.10
C VAL D 27 25.72 -23.68 -10.56
N GLY D 28 24.70 -24.53 -10.58
CA GLY D 28 24.84 -25.89 -10.10
C GLY D 28 24.72 -26.00 -8.59
N PRO D 29 25.28 -27.07 -8.01
CA PRO D 29 25.26 -27.23 -6.55
C PRO D 29 26.19 -26.27 -5.83
N VAL D 30 25.75 -25.80 -4.66
CA VAL D 30 26.55 -24.90 -3.83
C VAL D 30 26.51 -25.36 -2.38
N CYS D 31 27.65 -25.21 -1.72
CA CYS D 31 27.83 -25.65 -0.35
C CYS D 31 28.61 -24.59 0.44
N PRO D 32 28.48 -24.59 1.77
CA PRO D 32 29.29 -23.66 2.55
C PRO D 32 30.73 -24.13 2.65
N ALA D 33 31.68 -23.21 2.48
CA ALA D 33 33.10 -23.54 2.52
C ALA D 33 33.53 -23.87 3.95
N ALA D 34 32.86 -23.23 4.91
CA ALA D 34 33.11 -23.48 6.33
C ALA D 34 31.80 -23.81 7.02
N VAL D 35 31.89 -24.54 8.14
CA VAL D 35 30.69 -24.95 8.86
C VAL D 35 29.90 -23.73 9.31
N VAL D 36 28.61 -23.71 8.95
CA VAL D 36 27.71 -22.65 9.37
C VAL D 36 27.35 -22.86 10.83
N ALA D 37 27.14 -21.77 11.57
CA ALA D 37 26.68 -21.86 12.94
C ALA D 37 25.37 -22.64 12.98
N PRO D 38 25.35 -23.82 13.65
CA PRO D 38 24.16 -24.68 13.61
C PRO D 38 22.87 -24.03 14.11
N ALA D 39 22.98 -23.01 14.95
CA ALA D 39 21.80 -22.35 15.49
C ALA D 39 21.06 -21.53 14.43
N VAL D 40 21.77 -21.17 13.36
CA VAL D 40 21.20 -20.37 12.28
C VAL D 40 20.16 -21.16 11.49
N SER E 2 -21.87 5.13 -52.16
CA SER E 2 -21.17 4.93 -50.91
C SER E 2 -20.53 3.56 -50.82
N ALA E 3 -21.07 2.61 -51.56
CA ALA E 3 -20.50 1.29 -51.58
C ALA E 3 -19.38 1.35 -52.57
N SER E 4 -19.53 2.24 -53.55
CA SER E 4 -18.51 2.44 -54.56
C SER E 4 -17.29 3.12 -53.97
N ASP E 5 -17.52 3.99 -52.99
CA ASP E 5 -16.44 4.71 -52.32
C ASP E 5 -15.53 3.76 -51.57
N ILE E 6 -16.11 2.70 -50.99
CA ILE E 6 -15.34 1.71 -50.24
C ILE E 6 -14.49 0.87 -51.19
N THR E 7 -15.08 0.44 -52.31
CA THR E 7 -14.34 -0.28 -53.33
C THR E 7 -13.19 0.58 -53.85
N GLN E 8 -13.52 1.83 -54.19
CA GLN E 8 -12.54 2.79 -54.66
C GLN E 8 -11.43 2.97 -53.63
N HIS E 9 -11.82 3.10 -52.36
CA HIS E 9 -10.85 3.24 -51.28
C HIS E 9 -9.95 2.03 -51.20
N LEU E 10 -10.52 0.84 -51.29
CA LEU E 10 -9.74 -0.39 -51.30
C LEU E 10 -8.75 -0.38 -52.46
N ASN E 11 -9.22 0.01 -53.64
CA ASN E 11 -8.31 0.12 -54.78
C ASN E 11 -7.21 1.15 -54.56
N ASP E 12 -7.57 2.28 -53.96
CA ASP E 12 -6.59 3.34 -53.68
C ASP E 12 -5.58 2.90 -52.63
N SER E 13 -5.96 1.96 -51.79
CA SER E 13 -5.09 1.45 -50.73
C SER E 13 -4.21 0.30 -51.20
N GLY E 14 -4.37 -0.10 -52.47
CA GLY E 14 -3.50 -1.09 -53.09
C GLY E 14 -4.08 -2.49 -53.15
N LEU E 15 -5.40 -2.62 -53.10
CA LEU E 15 -6.03 -3.92 -53.31
C LEU E 15 -5.71 -4.39 -54.72
N GLY E 16 -5.21 -5.61 -54.83
CA GLY E 16 -4.71 -6.12 -56.10
C GLY E 16 -5.76 -6.82 -56.93
N PRO E 17 -5.42 -7.15 -58.19
CA PRO E 17 -6.33 -7.86 -59.09
C PRO E 17 -6.61 -9.29 -58.61
N ALA E 18 -7.79 -9.81 -58.95
CA ALA E 18 -8.11 -11.20 -58.68
C ALA E 18 -7.44 -12.08 -59.73
N VAL E 19 -6.23 -12.54 -59.42
CA VAL E 19 -5.46 -13.36 -60.36
C VAL E 19 -5.51 -14.83 -59.97
N GLU E 20 -5.67 -15.68 -60.98
CA GLU E 20 -5.77 -17.12 -60.78
C GLU E 20 -4.39 -17.76 -60.64
N CYS E 21 -3.40 -17.23 -61.35
N CYS E 21 -3.41 -17.20 -61.34
CA CYS E 21 -2.08 -17.84 -61.40
CA CYS E 21 -2.09 -17.82 -61.43
C CYS E 21 -0.96 -16.83 -61.55
C CYS E 21 -0.95 -16.81 -61.55
N LEU E 22 0.21 -17.20 -61.02
CA LEU E 22 1.45 -16.41 -61.17
C LEU E 22 2.50 -17.24 -61.91
N GLU E 23 3.33 -16.58 -62.72
CA GLU E 23 4.53 -17.22 -63.29
C GLU E 23 5.73 -16.92 -62.42
N ASN E 24 6.48 -17.95 -62.08
CA ASN E 24 7.76 -17.78 -61.41
C ASN E 24 8.86 -18.54 -62.16
N LEU E 25 9.98 -17.87 -62.39
CA LEU E 25 11.03 -18.44 -63.25
C LEU E 25 11.74 -19.64 -62.62
N VAL E 26 11.66 -19.75 -61.29
CA VAL E 26 12.34 -20.82 -60.57
C VAL E 26 11.47 -22.07 -60.43
N VAL E 27 10.19 -21.88 -60.10
CA VAL E 27 9.29 -23.00 -59.84
C VAL E 27 8.20 -23.15 -60.90
N GLY E 28 8.17 -22.23 -61.86
CA GLY E 28 7.18 -22.26 -62.92
C GLY E 28 5.90 -21.56 -62.52
N PRO E 29 4.77 -21.95 -63.14
CA PRO E 29 3.48 -21.36 -62.80
C PRO E 29 2.92 -21.90 -61.49
N VAL E 30 2.27 -21.04 -60.72
CA VAL E 30 1.65 -21.45 -59.46
C VAL E 30 0.24 -20.87 -59.33
N CYS E 31 -0.65 -21.70 -58.80
CA CYS E 31 -2.03 -21.32 -58.55
C CYS E 31 -2.47 -21.86 -57.19
N PRO E 32 -3.60 -21.37 -56.68
CA PRO E 32 -4.08 -21.90 -55.40
C PRO E 32 -4.62 -23.33 -55.53
N ALA E 33 -4.39 -24.15 -54.50
CA ALA E 33 -4.88 -25.52 -54.48
C ALA E 33 -6.36 -25.59 -54.12
N ALA E 34 -6.88 -24.47 -53.60
CA ALA E 34 -8.30 -24.34 -53.30
C ALA E 34 -8.71 -22.89 -53.45
N VAL E 35 -10.01 -22.66 -53.64
CA VAL E 35 -10.51 -21.31 -53.90
C VAL E 35 -10.13 -20.33 -52.80
N VAL E 36 -9.43 -19.26 -53.19
CA VAL E 36 -9.07 -18.19 -52.27
C VAL E 36 -10.30 -17.35 -51.94
N ALA E 37 -10.38 -16.84 -50.73
CA ALA E 37 -11.45 -15.92 -50.37
C ALA E 37 -11.45 -14.74 -51.35
N PRO E 38 -12.54 -14.55 -52.12
CA PRO E 38 -12.52 -13.52 -53.16
C PRO E 38 -12.26 -12.10 -52.66
N ALA E 39 -12.50 -11.87 -51.37
CA ALA E 39 -12.33 -10.54 -50.80
C ALA E 39 -10.86 -10.14 -50.72
N VAL E 40 -9.98 -11.13 -50.56
CA VAL E 40 -8.55 -10.87 -50.41
C VAL E 40 -7.96 -10.23 -51.67
N SER F 2 -10.94 -14.42 20.08
CA SER F 2 -9.98 -13.34 19.92
C SER F 2 -10.67 -11.98 20.05
N ALA F 3 -11.54 -11.67 19.10
CA ALA F 3 -12.37 -10.47 19.16
C ALA F 3 -13.50 -10.69 20.15
N SER F 4 -13.96 -11.94 20.24
CA SER F 4 -14.95 -12.35 21.23
C SER F 4 -14.46 -12.01 22.63
N ASP F 5 -13.17 -12.25 22.87
CA ASP F 5 -12.55 -11.96 24.16
C ASP F 5 -12.58 -10.46 24.46
N ILE F 6 -12.23 -9.65 23.46
CA ILE F 6 -12.25 -8.20 23.63
C ILE F 6 -13.66 -7.71 23.91
N THR F 7 -14.62 -8.17 23.09
CA THR F 7 -16.02 -7.82 23.28
C THR F 7 -16.51 -8.20 24.68
N GLN F 8 -16.24 -9.44 25.07
CA GLN F 8 -16.68 -9.92 26.37
C GLN F 8 -15.97 -9.16 27.49
N HIS F 9 -14.70 -8.81 27.28
CA HIS F 9 -13.96 -8.01 28.24
C HIS F 9 -14.59 -6.63 28.38
N LEU F 10 -14.99 -6.05 27.25
CA LEU F 10 -15.68 -4.76 27.27
C LEU F 10 -17.01 -4.88 28.01
N ASN F 11 -17.77 -5.93 27.73
CA ASN F 11 -19.02 -6.16 28.46
C ASN F 11 -18.77 -6.33 29.95
N ASP F 12 -17.72 -7.09 30.29
CA ASP F 12 -17.37 -7.32 31.68
C ASP F 12 -16.91 -6.03 32.37
N SER F 13 -16.46 -5.07 31.58
CA SER F 13 -15.94 -3.81 32.12
C SER F 13 -17.01 -2.71 32.22
N GLY F 14 -18.22 -3.03 31.77
CA GLY F 14 -19.36 -2.14 31.94
C GLY F 14 -19.82 -1.42 30.67
N LEU F 15 -19.33 -1.85 29.50
CA LEU F 15 -19.80 -1.28 28.25
C LEU F 15 -21.29 -1.49 28.11
N GLY F 16 -22.02 -0.40 27.91
CA GLY F 16 -23.47 -0.43 27.90
C GLY F 16 -24.07 -0.76 26.55
N PRO F 17 -25.40 -0.87 26.50
CA PRO F 17 -26.12 -1.16 25.25
C PRO F 17 -26.12 0.02 24.30
N ALA F 18 -26.05 -0.26 23.00
CA ALA F 18 -26.25 0.77 21.98
C ALA F 18 -27.72 1.14 21.93
N VAL F 19 -28.07 2.25 22.56
CA VAL F 19 -29.46 2.71 22.62
C VAL F 19 -29.64 3.97 21.80
N GLU F 20 -30.85 4.15 21.28
CA GLU F 20 -31.16 5.29 20.43
C GLU F 20 -31.89 6.39 21.19
N CYS F 21 -32.46 6.03 22.34
N CYS F 21 -32.49 6.05 22.32
CA CYS F 21 -33.32 6.93 23.09
CA CYS F 21 -33.26 7.01 23.09
C CYS F 21 -33.25 6.69 24.59
C CYS F 21 -33.28 6.70 24.58
N LEU F 22 -33.29 7.77 25.36
CA LEU F 22 -33.43 7.68 26.82
C LEU F 22 -34.74 8.35 27.23
N GLU F 23 -35.37 7.83 28.27
CA GLU F 23 -36.58 8.44 28.82
C GLU F 23 -36.26 9.11 30.15
N ASN F 24 -36.66 10.37 30.28
CA ASN F 24 -36.48 11.12 31.51
C ASN F 24 -37.80 11.75 31.95
N LEU F 25 -38.13 11.58 33.22
CA LEU F 25 -39.39 12.04 33.77
C LEU F 25 -39.56 13.55 33.84
N VAL F 26 -38.46 14.28 33.77
CA VAL F 26 -38.51 15.73 33.87
C VAL F 26 -38.64 16.40 32.50
N VAL F 27 -37.91 15.87 31.52
CA VAL F 27 -37.83 16.50 30.19
C VAL F 27 -38.39 15.62 29.08
N GLY F 28 -38.78 14.40 29.41
CA GLY F 28 -39.32 13.49 28.43
C GLY F 28 -38.23 12.74 27.68
N PRO F 29 -38.58 12.16 26.51
CA PRO F 29 -37.61 11.38 25.74
C PRO F 29 -36.48 12.25 25.18
N VAL F 30 -35.26 11.72 25.19
CA VAL F 30 -34.12 12.40 24.59
C VAL F 30 -33.35 11.46 23.68
N CYS F 31 -32.86 12.01 22.58
CA CYS F 31 -32.16 11.26 21.55
C CYS F 31 -30.96 12.03 21.05
N PRO F 32 -29.99 11.34 20.43
CA PRO F 32 -28.85 12.07 19.89
C PRO F 32 -29.22 12.79 18.59
N ALA F 33 -28.83 14.06 18.46
CA ALA F 33 -29.10 14.82 17.25
C ALA F 33 -28.33 14.24 16.07
N ALA F 34 -27.11 13.78 16.32
CA ALA F 34 -26.29 13.14 15.30
C ALA F 34 -25.85 11.76 15.78
N VAL F 35 -25.47 10.89 14.85
CA VAL F 35 -25.11 9.52 15.17
C VAL F 35 -23.90 9.48 16.09
N VAL F 36 -24.04 8.79 17.22
CA VAL F 36 -22.95 8.59 18.17
C VAL F 36 -21.96 7.57 17.62
N ALA F 37 -20.68 7.76 17.92
CA ALA F 37 -19.67 6.79 17.52
C ALA F 37 -20.04 5.41 18.05
N PRO F 38 -20.27 4.43 17.14
CA PRO F 38 -20.80 3.14 17.58
C PRO F 38 -19.96 2.44 18.65
N ALA F 39 -18.66 2.72 18.67
CA ALA F 39 -17.76 2.11 19.63
C ALA F 39 -18.11 2.52 21.07
N VAL F 40 -18.73 3.69 21.22
CA VAL F 40 -19.12 4.18 22.54
C VAL F 40 -20.32 3.39 23.05
C1 NAG G . -10.50 -11.19 -3.64
C2 NAG G . -12.02 -11.11 -3.87
C3 NAG G . -12.74 -12.16 -3.04
C4 NAG G . -12.15 -13.55 -3.33
C5 NAG G . -10.64 -13.53 -3.09
C6 NAG G . -9.97 -14.83 -3.43
C7 NAG G . -12.84 -8.82 -4.41
C8 NAG G . -12.68 -9.17 -5.85
N2 NAG G . -12.51 -9.78 -3.52
O3 NAG G . -14.12 -12.15 -3.37
O4 NAG G . -12.74 -14.52 -2.47
O5 NAG G . -10.04 -12.52 -3.91
O6 NAG G . -9.99 -15.08 -4.83
O7 NAG G . -13.25 -7.73 -4.04
O5 A2G H . 3.97 0.39 -21.64
C1 A2G H . 2.85 -0.49 -21.70
C2 A2G H . 1.90 -0.03 -22.81
N2 A2G H . 0.79 -0.94 -22.92
C3 A2G H . 2.64 0.08 -24.14
O3 A2G H . 1.78 0.70 -25.10
C4 A2G H . 3.90 0.90 -23.98
O4 A2G H . 3.56 2.28 -23.75
C5 A2G H . 4.75 0.39 -22.83
C6 A2G H . 6.00 1.23 -22.63
O6 A2G H . 6.82 0.65 -21.61
C7 A2G H . -0.27 -0.85 -22.12
O7 A2G H . -0.57 0.19 -21.55
C8 A2G H . -1.07 -2.11 -21.95
S SO4 I . 9.10 -9.13 26.98
O1 SO4 I . 8.88 -8.70 28.36
O2 SO4 I . 8.15 -8.45 26.10
O3 SO4 I . 8.91 -10.57 26.88
O4 SO4 I . 10.45 -8.78 26.58
S SO4 J . 15.34 2.45 -12.34
O1 SO4 J . 15.24 2.59 -10.90
O2 SO4 J . 14.16 3.04 -12.98
O3 SO4 J . 15.41 1.03 -12.70
O4 SO4 J . 16.55 3.12 -12.82
C1 NAG K . 18.48 13.76 -53.61
C2 NAG K . 19.16 15.10 -53.85
C3 NAG K . 18.24 16.03 -54.64
C4 NAG K . 17.76 15.35 -55.92
C5 NAG K . 17.10 14.02 -55.58
C6 NAG K . 16.70 13.23 -56.81
C7 NAG K . 20.79 15.80 -52.11
C8 NAG K . 21.87 15.20 -52.96
N2 NAG K . 19.53 15.72 -52.59
O3 NAG K . 18.94 17.24 -54.96
O4 NAG K . 16.82 16.18 -56.60
O5 NAG K . 18.05 13.21 -54.87
O6 NAG K . 17.82 12.75 -57.52
O7 NAG K . 21.04 16.34 -51.04
S SO4 L . -13.00 6.03 -37.20
O1 SO4 L . -13.44 6.00 -38.58
O2 SO4 L . -13.92 6.86 -36.42
O3 SO4 L . -12.98 4.68 -36.65
O4 SO4 L . -11.66 6.60 -37.12
S SO4 M . 3.48 -15.20 -72.25
O1 SO4 M . 2.51 -15.99 -73.00
O2 SO4 M . 3.26 -13.78 -72.51
O3 SO4 M . 3.33 -15.46 -70.82
O4 SO4 M . 4.83 -15.56 -72.68
C1 NAG N . -21.64 -4.01 58.34
C2 NAG N . -21.60 -4.81 59.66
C3 NAG N . -21.59 -6.31 59.38
C4 NAG N . -22.73 -6.69 58.44
C5 NAG N . -22.70 -5.83 57.19
C6 NAG N . -23.86 -6.09 56.26
C7 NAG N . -20.45 -3.58 61.49
C8 NAG N . -21.77 -2.97 61.84
N2 NAG N . -20.43 -4.43 60.45
O3 NAG N . -21.70 -7.01 60.60
O4 NAG N . -22.63 -8.06 58.08
O5 NAG N . -22.76 -4.45 57.55
O6 NAG N . -25.06 -5.50 56.75
O7 NAG N . -19.43 -3.31 62.11
S SO4 O . -0.10 -4.45 29.18
O1 SO4 O . -0.30 -3.12 28.62
O2 SO4 O . -1.26 -5.30 28.89
O3 SO4 O . 0.08 -4.35 30.63
O4 SO4 O . 1.09 -5.05 28.58
#